data_1GNK
# 
_entry.id   1GNK 
# 
_audit_conform.dict_name       mmcif_pdbx.dic 
_audit_conform.dict_version    5.383 
_audit_conform.dict_location   http://mmcif.pdb.org/dictionaries/ascii/mmcif_pdbx.dic 
# 
loop_
_database_2.database_id 
_database_2.database_code 
_database_2.pdbx_database_accession 
_database_2.pdbx_DOI 
PDB   1GNK         pdb_00001gnk 10.2210/pdb1gnk/pdb 
RCSB  RCSB007300   ?            ?                   
WWPDB D_1000007300 ?            ?                   
# 
loop_
_pdbx_audit_revision_history.ordinal 
_pdbx_audit_revision_history.data_content_type 
_pdbx_audit_revision_history.major_revision 
_pdbx_audit_revision_history.minor_revision 
_pdbx_audit_revision_history.revision_date 
1 'Structure model' 1 0 1999-07-23 
2 'Structure model' 1 1 2008-04-27 
3 'Structure model' 1 2 2011-07-13 
4 'Structure model' 1 3 2023-12-27 
# 
_pdbx_audit_revision_details.ordinal             1 
_pdbx_audit_revision_details.revision_ordinal    1 
_pdbx_audit_revision_details.data_content_type   'Structure model' 
_pdbx_audit_revision_details.provider            repository 
_pdbx_audit_revision_details.type                'Initial release' 
_pdbx_audit_revision_details.description         ? 
_pdbx_audit_revision_details.details             ? 
# 
loop_
_pdbx_audit_revision_group.ordinal 
_pdbx_audit_revision_group.revision_ordinal 
_pdbx_audit_revision_group.data_content_type 
_pdbx_audit_revision_group.group 
1 2 'Structure model' 'Version format compliance' 
2 3 'Structure model' 'Derived calculations'      
3 3 'Structure model' 'Version format compliance' 
4 4 'Structure model' 'Data collection'           
5 4 'Structure model' 'Database references'       
6 4 'Structure model' 'Derived calculations'      
# 
loop_
_pdbx_audit_revision_category.ordinal 
_pdbx_audit_revision_category.revision_ordinal 
_pdbx_audit_revision_category.data_content_type 
_pdbx_audit_revision_category.category 
1 4 'Structure model' chem_comp_atom 
2 4 'Structure model' chem_comp_bond 
3 4 'Structure model' database_2     
4 4 'Structure model' struct_site    
# 
loop_
_pdbx_audit_revision_item.ordinal 
_pdbx_audit_revision_item.revision_ordinal 
_pdbx_audit_revision_item.data_content_type 
_pdbx_audit_revision_item.item 
1 4 'Structure model' '_database_2.pdbx_DOI'                
2 4 'Structure model' '_database_2.pdbx_database_accession' 
3 4 'Structure model' '_struct_site.pdbx_auth_asym_id'      
4 4 'Structure model' '_struct_site.pdbx_auth_comp_id'      
5 4 'Structure model' '_struct_site.pdbx_auth_seq_id'       
# 
_pdbx_database_status.status_code                     REL 
_pdbx_database_status.entry_id                        1GNK 
_pdbx_database_status.recvd_initial_deposition_date   1998-07-14 
_pdbx_database_status.deposit_site                    BNL 
_pdbx_database_status.process_site                    RCSB 
_pdbx_database_status.status_code_sf                  REL 
_pdbx_database_status.SG_entry                        . 
_pdbx_database_status.status_code_mr                  ? 
_pdbx_database_status.status_code_cs                  ? 
_pdbx_database_status.pdb_format_compatible           Y 
_pdbx_database_status.status_code_nmr_data            ? 
_pdbx_database_status.methods_development_category    ? 
# 
loop_
_audit_author.name 
_audit_author.pdbx_ordinal 
'Xu, Y.'            1 
'Cheah, E.'         2 
'Carr, P.D.'        3 
'Vanheeswijk, W.C.' 4 
'Westerhoff, H.V.'  5 
'Vasudevan, S.G.'   6 
'Ollis, D.L.'       7 
# 
_citation.id                        primary 
_citation.title                     
'GlnK, a PII-homologue: structure reveals ATP binding site and indicates how the T-loops may be involved in molecular recognition.' 
_citation.journal_abbrev            J.Mol.Biol. 
_citation.journal_volume            282 
_citation.page_first                149 
_citation.page_last                 165 
_citation.year                      1998 
_citation.journal_id_ASTM           JMOBAK 
_citation.country                   UK 
_citation.journal_id_ISSN           0022-2836 
_citation.journal_id_CSD            0070 
_citation.book_publisher            ? 
_citation.pdbx_database_id_PubMed   9733647 
_citation.pdbx_database_id_DOI      10.1006/jmbi.1998.1979 
# 
loop_
_citation_author.citation_id 
_citation_author.name 
_citation_author.ordinal 
_citation_author.identifier_ORCID 
primary 'Xu, Y.'             1 ? 
primary 'Cheah, E.'          2 ? 
primary 'Carr, P.D.'         3 ? 
primary 'van Heeswijk, W.C.' 4 ? 
primary 'Westerhoff, H.V.'   5 ? 
primary 'Vasudevan, S.G.'    6 ? 
primary 'Ollis, D.L.'        7 ? 
# 
loop_
_entity.id 
_entity.type 
_entity.src_method 
_entity.pdbx_description 
_entity.formula_weight 
_entity.pdbx_number_of_molecules 
_entity.pdbx_ec 
_entity.pdbx_mutation 
_entity.pdbx_fragment 
_entity.details 
1 polymer     nat 'PROTEIN (GLNK)' 12276.192 2   ? ? ? ? 
2 non-polymer syn 'SULFATE ION'    96.063    2   ? ? ? ? 
3 water       nat water            18.015    131 ? ? ? ? 
# 
_entity_poly.entity_id                      1 
_entity_poly.type                           'polypeptide(L)' 
_entity_poly.nstd_linkage                   no 
_entity_poly.nstd_monomer                   no 
_entity_poly.pdbx_seq_one_letter_code       
;MKLVTVIIKPFKLEDVREALSSIGIQGLTVTEVKGFGRQKGHAELYRGAEYSVNFLPKVKIDVAIADDQLDEVIDIVSKA
AYTGKIGDGKIFVAELQRVIRIRTGEADEAAL
;
_entity_poly.pdbx_seq_one_letter_code_can   
;MKLVTVIIKPFKLEDVREALSSIGIQGLTVTEVKGFGRQKGHAELYRGAEYSVNFLPKVKIDVAIADDQLDEVIDIVSKA
AYTGKIGDGKIFVAELQRVIRIRTGEADEAAL
;
_entity_poly.pdbx_strand_id                 A,B 
_entity_poly.pdbx_target_identifier         ? 
# 
loop_
_pdbx_entity_nonpoly.entity_id 
_pdbx_entity_nonpoly.name 
_pdbx_entity_nonpoly.comp_id 
2 'SULFATE ION' SO4 
3 water         HOH 
# 
loop_
_entity_poly_seq.entity_id 
_entity_poly_seq.num 
_entity_poly_seq.mon_id 
_entity_poly_seq.hetero 
1 1   MET n 
1 2   LYS n 
1 3   LEU n 
1 4   VAL n 
1 5   THR n 
1 6   VAL n 
1 7   ILE n 
1 8   ILE n 
1 9   LYS n 
1 10  PRO n 
1 11  PHE n 
1 12  LYS n 
1 13  LEU n 
1 14  GLU n 
1 15  ASP n 
1 16  VAL n 
1 17  ARG n 
1 18  GLU n 
1 19  ALA n 
1 20  LEU n 
1 21  SER n 
1 22  SER n 
1 23  ILE n 
1 24  GLY n 
1 25  ILE n 
1 26  GLN n 
1 27  GLY n 
1 28  LEU n 
1 29  THR n 
1 30  VAL n 
1 31  THR n 
1 32  GLU n 
1 33  VAL n 
1 34  LYS n 
1 35  GLY n 
1 36  PHE n 
1 37  GLY n 
1 38  ARG n 
1 39  GLN n 
1 40  LYS n 
1 41  GLY n 
1 42  HIS n 
1 43  ALA n 
1 44  GLU n 
1 45  LEU n 
1 46  TYR n 
1 47  ARG n 
1 48  GLY n 
1 49  ALA n 
1 50  GLU n 
1 51  TYR n 
1 52  SER n 
1 53  VAL n 
1 54  ASN n 
1 55  PHE n 
1 56  LEU n 
1 57  PRO n 
1 58  LYS n 
1 59  VAL n 
1 60  LYS n 
1 61  ILE n 
1 62  ASP n 
1 63  VAL n 
1 64  ALA n 
1 65  ILE n 
1 66  ALA n 
1 67  ASP n 
1 68  ASP n 
1 69  GLN n 
1 70  LEU n 
1 71  ASP n 
1 72  GLU n 
1 73  VAL n 
1 74  ILE n 
1 75  ASP n 
1 76  ILE n 
1 77  VAL n 
1 78  SER n 
1 79  LYS n 
1 80  ALA n 
1 81  ALA n 
1 82  TYR n 
1 83  THR n 
1 84  GLY n 
1 85  LYS n 
1 86  ILE n 
1 87  GLY n 
1 88  ASP n 
1 89  GLY n 
1 90  LYS n 
1 91  ILE n 
1 92  PHE n 
1 93  VAL n 
1 94  ALA n 
1 95  GLU n 
1 96  LEU n 
1 97  GLN n 
1 98  ARG n 
1 99  VAL n 
1 100 ILE n 
1 101 ARG n 
1 102 ILE n 
1 103 ARG n 
1 104 THR n 
1 105 GLY n 
1 106 GLU n 
1 107 ALA n 
1 108 ASP n 
1 109 GLU n 
1 110 ALA n 
1 111 ALA n 
1 112 LEU n 
# 
_entity_src_nat.entity_id                  1 
_entity_src_nat.pdbx_src_id                1 
_entity_src_nat.pdbx_alt_source_flag       sample 
_entity_src_nat.pdbx_beg_seq_num           ? 
_entity_src_nat.pdbx_end_seq_num           ? 
_entity_src_nat.common_name                ? 
_entity_src_nat.pdbx_organism_scientific   'Escherichia coli' 
_entity_src_nat.pdbx_ncbi_taxonomy_id      562 
_entity_src_nat.genus                      Escherichia 
_entity_src_nat.species                    ? 
_entity_src_nat.strain                     RB9040 
_entity_src_nat.tissue                     ? 
_entity_src_nat.tissue_fraction            ? 
_entity_src_nat.pdbx_secretion             ? 
_entity_src_nat.pdbx_fragment              ? 
_entity_src_nat.pdbx_variant               ? 
_entity_src_nat.pdbx_cell_line             ? 
_entity_src_nat.pdbx_atcc                  ? 
_entity_src_nat.pdbx_cellular_location     ? 
_entity_src_nat.pdbx_organ                 ? 
_entity_src_nat.pdbx_organelle             ? 
_entity_src_nat.pdbx_cell                  ? 
_entity_src_nat.pdbx_plasmid_name          PNV102 
_entity_src_nat.pdbx_plasmid_details       ? 
_entity_src_nat.details                    ? 
# 
loop_
_chem_comp.id 
_chem_comp.type 
_chem_comp.mon_nstd_flag 
_chem_comp.name 
_chem_comp.pdbx_synonyms 
_chem_comp.formula 
_chem_comp.formula_weight 
ALA 'L-peptide linking' y ALANINE         ? 'C3 H7 N O2'     89.093  
ARG 'L-peptide linking' y ARGININE        ? 'C6 H15 N4 O2 1' 175.209 
ASN 'L-peptide linking' y ASPARAGINE      ? 'C4 H8 N2 O3'    132.118 
ASP 'L-peptide linking' y 'ASPARTIC ACID' ? 'C4 H7 N O4'     133.103 
GLN 'L-peptide linking' y GLUTAMINE       ? 'C5 H10 N2 O3'   146.144 
GLU 'L-peptide linking' y 'GLUTAMIC ACID' ? 'C5 H9 N O4'     147.129 
GLY 'peptide linking'   y GLYCINE         ? 'C2 H5 N O2'     75.067  
HIS 'L-peptide linking' y HISTIDINE       ? 'C6 H10 N3 O2 1' 156.162 
HOH non-polymer         . WATER           ? 'H2 O'           18.015  
ILE 'L-peptide linking' y ISOLEUCINE      ? 'C6 H13 N O2'    131.173 
LEU 'L-peptide linking' y LEUCINE         ? 'C6 H13 N O2'    131.173 
LYS 'L-peptide linking' y LYSINE          ? 'C6 H15 N2 O2 1' 147.195 
MET 'L-peptide linking' y METHIONINE      ? 'C5 H11 N O2 S'  149.211 
PHE 'L-peptide linking' y PHENYLALANINE   ? 'C9 H11 N O2'    165.189 
PRO 'L-peptide linking' y PROLINE         ? 'C5 H9 N O2'     115.130 
SER 'L-peptide linking' y SERINE          ? 'C3 H7 N O3'     105.093 
SO4 non-polymer         . 'SULFATE ION'   ? 'O4 S -2'        96.063  
THR 'L-peptide linking' y THREONINE       ? 'C4 H9 N O3'     119.119 
TYR 'L-peptide linking' y TYROSINE        ? 'C9 H11 N O3'    181.189 
VAL 'L-peptide linking' y VALINE          ? 'C5 H11 N O2'    117.146 
# 
loop_
_pdbx_poly_seq_scheme.asym_id 
_pdbx_poly_seq_scheme.entity_id 
_pdbx_poly_seq_scheme.seq_id 
_pdbx_poly_seq_scheme.mon_id 
_pdbx_poly_seq_scheme.ndb_seq_num 
_pdbx_poly_seq_scheme.pdb_seq_num 
_pdbx_poly_seq_scheme.auth_seq_num 
_pdbx_poly_seq_scheme.pdb_mon_id 
_pdbx_poly_seq_scheme.auth_mon_id 
_pdbx_poly_seq_scheme.pdb_strand_id 
_pdbx_poly_seq_scheme.pdb_ins_code 
_pdbx_poly_seq_scheme.hetero 
A 1 1   MET 1   1   1   MET MET A . n 
A 1 2   LYS 2   2   2   LYS LYS A . n 
A 1 3   LEU 3   3   3   LEU LEU A . n 
A 1 4   VAL 4   4   4   VAL VAL A . n 
A 1 5   THR 5   5   5   THR THR A . n 
A 1 6   VAL 6   6   6   VAL VAL A . n 
A 1 7   ILE 7   7   7   ILE ILE A . n 
A 1 8   ILE 8   8   8   ILE ILE A . n 
A 1 9   LYS 9   9   9   LYS LYS A . n 
A 1 10  PRO 10  10  10  PRO PRO A . n 
A 1 11  PHE 11  11  11  PHE PHE A . n 
A 1 12  LYS 12  12  12  LYS LYS A . n 
A 1 13  LEU 13  13  13  LEU LEU A . n 
A 1 14  GLU 14  14  14  GLU GLU A . n 
A 1 15  ASP 15  15  15  ASP ASP A . n 
A 1 16  VAL 16  16  16  VAL VAL A . n 
A 1 17  ARG 17  17  17  ARG ARG A . n 
A 1 18  GLU 18  18  18  GLU ALA A . n 
A 1 19  ALA 19  19  19  ALA ALA A . n 
A 1 20  LEU 20  20  20  LEU LEU A . n 
A 1 21  SER 21  21  21  SER SER A . n 
A 1 22  SER 22  22  22  SER SER A . n 
A 1 23  ILE 23  23  23  ILE ILE A . n 
A 1 24  GLY 24  24  24  GLY GLY A . n 
A 1 25  ILE 25  25  25  ILE ILE A . n 
A 1 26  GLN 26  26  26  GLN GLN A . n 
A 1 27  GLY 27  27  27  GLY GLY A . n 
A 1 28  LEU 28  28  28  LEU LEU A . n 
A 1 29  THR 29  29  29  THR THR A . n 
A 1 30  VAL 30  30  30  VAL VAL A . n 
A 1 31  THR 31  31  31  THR THR A . n 
A 1 32  GLU 32  32  32  GLU GLU A . n 
A 1 33  VAL 33  33  33  VAL VAL A . n 
A 1 34  LYS 34  34  34  LYS LYS A . n 
A 1 35  GLY 35  35  35  GLY GLY A . n 
A 1 36  PHE 36  36  36  PHE PHE A . n 
A 1 37  GLY 37  37  37  GLY GLY A . n 
A 1 38  ARG 38  38  38  ARG ALA A . n 
A 1 39  GLN 39  39  ?   ?   ?   A . n 
A 1 40  LYS 40  40  ?   ?   ?   A . n 
A 1 41  GLY 41  41  ?   ?   ?   A . n 
A 1 42  HIS 42  42  ?   ?   ?   A . n 
A 1 43  ALA 43  43  ?   ?   ?   A . n 
A 1 44  GLU 44  44  ?   ?   ?   A . n 
A 1 45  LEU 45  45  ?   ?   ?   A . n 
A 1 46  TYR 46  46  ?   ?   ?   A . n 
A 1 47  ARG 47  47  ?   ?   ?   A . n 
A 1 48  GLY 48  48  ?   ?   ?   A . n 
A 1 49  ALA 49  49  ?   ?   ?   A . n 
A 1 50  GLU 50  50  ?   ?   ?   A . n 
A 1 51  TYR 51  51  ?   ?   ?   A . n 
A 1 52  SER 52  52  ?   ?   ?   A . n 
A 1 53  VAL 53  53  53  VAL ALA A . n 
A 1 54  ASN 54  54  54  ASN ALA A . n 
A 1 55  PHE 55  55  55  PHE PHE A . n 
A 1 56  LEU 56  56  56  LEU LEU A . n 
A 1 57  PRO 57  57  57  PRO PRO A . n 
A 1 58  LYS 58  58  58  LYS LYS A . n 
A 1 59  VAL 59  59  59  VAL VAL A . n 
A 1 60  LYS 60  60  60  LYS LYS A . n 
A 1 61  ILE 61  61  61  ILE ILE A . n 
A 1 62  ASP 62  62  62  ASP ASP A . n 
A 1 63  VAL 63  63  63  VAL VAL A . n 
A 1 64  ALA 64  64  64  ALA ALA A . n 
A 1 65  ILE 65  65  65  ILE ILE A . n 
A 1 66  ALA 66  66  66  ALA ALA A . n 
A 1 67  ASP 67  67  67  ASP ASP A . n 
A 1 68  ASP 68  68  68  ASP ASP A . n 
A 1 69  GLN 69  69  69  GLN GLN A . n 
A 1 70  LEU 70  70  70  LEU LEU A . n 
A 1 71  ASP 71  71  71  ASP ASP A . n 
A 1 72  GLU 72  72  72  GLU GLU A . n 
A 1 73  VAL 73  73  73  VAL VAL A . n 
A 1 74  ILE 74  74  74  ILE ILE A . n 
A 1 75  ASP 75  75  75  ASP ASP A . n 
A 1 76  ILE 76  76  76  ILE ILE A . n 
A 1 77  VAL 77  77  77  VAL VAL A . n 
A 1 78  SER 78  78  78  SER SER A . n 
A 1 79  LYS 79  79  79  LYS LYS A . n 
A 1 80  ALA 80  80  80  ALA ALA A . n 
A 1 81  ALA 81  81  81  ALA ALA A . n 
A 1 82  TYR 82  82  82  TYR TYR A . n 
A 1 83  THR 83  83  83  THR THR A . n 
A 1 84  GLY 84  84  84  GLY GLY A . n 
A 1 85  LYS 85  85  85  LYS LYS A . n 
A 1 86  ILE 86  86  86  ILE ILE A . n 
A 1 87  GLY 87  87  87  GLY GLY A . n 
A 1 88  ASP 88  88  88  ASP ASP A . n 
A 1 89  GLY 89  89  89  GLY GLY A . n 
A 1 90  LYS 90  90  90  LYS LYS A . n 
A 1 91  ILE 91  91  91  ILE ILE A . n 
A 1 92  PHE 92  92  92  PHE PHE A . n 
A 1 93  VAL 93  93  93  VAL VAL A . n 
A 1 94  ALA 94  94  94  ALA ALA A . n 
A 1 95  GLU 95  95  95  GLU GLU A . n 
A 1 96  LEU 96  96  96  LEU LEU A . n 
A 1 97  GLN 97  97  97  GLN GLN A . n 
A 1 98  ARG 98  98  98  ARG ARG A . n 
A 1 99  VAL 99  99  99  VAL VAL A . n 
A 1 100 ILE 100 100 100 ILE ILE A . n 
A 1 101 ARG 101 101 101 ARG ARG A . n 
A 1 102 ILE 102 102 102 ILE ILE A . n 
A 1 103 ARG 103 103 103 ARG ARG A . n 
A 1 104 THR 104 104 104 THR THR A . n 
A 1 105 GLY 105 105 105 GLY GLY A . n 
A 1 106 GLU 106 106 106 GLU GLU A . n 
A 1 107 ALA 107 107 107 ALA ALA A . n 
A 1 108 ASP 108 108 108 ASP ASP A . n 
A 1 109 GLU 109 109 109 GLU GLU A . n 
A 1 110 ALA 110 110 110 ALA ALA A . n 
A 1 111 ALA 111 111 111 ALA ALA A . n 
A 1 112 LEU 112 112 112 LEU LEU A . n 
B 1 1   MET 1   1   1   MET MET B . n 
B 1 2   LYS 2   2   2   LYS LYS B . n 
B 1 3   LEU 3   3   3   LEU LEU B . n 
B 1 4   VAL 4   4   4   VAL VAL B . n 
B 1 5   THR 5   5   5   THR THR B . n 
B 1 6   VAL 6   6   6   VAL VAL B . n 
B 1 7   ILE 7   7   7   ILE ILE B . n 
B 1 8   ILE 8   8   8   ILE ILE B . n 
B 1 9   LYS 9   9   9   LYS LYS B . n 
B 1 10  PRO 10  10  10  PRO PRO B . n 
B 1 11  PHE 11  11  11  PHE PHE B . n 
B 1 12  LYS 12  12  12  LYS LYS B . n 
B 1 13  LEU 13  13  13  LEU LEU B . n 
B 1 14  GLU 14  14  14  GLU ALA B . n 
B 1 15  ASP 15  15  15  ASP ASP B . n 
B 1 16  VAL 16  16  16  VAL VAL B . n 
B 1 17  ARG 17  17  17  ARG ARG B . n 
B 1 18  GLU 18  18  18  GLU GLU B . n 
B 1 19  ALA 19  19  19  ALA ALA B . n 
B 1 20  LEU 20  20  20  LEU LEU B . n 
B 1 21  SER 21  21  21  SER SER B . n 
B 1 22  SER 22  22  22  SER SER B . n 
B 1 23  ILE 23  23  23  ILE ILE B . n 
B 1 24  GLY 24  24  24  GLY GLY B . n 
B 1 25  ILE 25  25  25  ILE ILE B . n 
B 1 26  GLN 26  26  26  GLN GLN B . n 
B 1 27  GLY 27  27  27  GLY GLY B . n 
B 1 28  LEU 28  28  28  LEU LEU B . n 
B 1 29  THR 29  29  29  THR THR B . n 
B 1 30  VAL 30  30  30  VAL VAL B . n 
B 1 31  THR 31  31  31  THR THR B . n 
B 1 32  GLU 32  32  32  GLU GLU B . n 
B 1 33  VAL 33  33  33  VAL VAL B . n 
B 1 34  LYS 34  34  34  LYS LYS B . n 
B 1 35  GLY 35  35  35  GLY GLY B . n 
B 1 36  PHE 36  36  36  PHE PHE B . n 
B 1 37  GLY 37  37  37  GLY GLY B . n 
B 1 38  ARG 38  38  38  ARG ARG B . n 
B 1 39  GLN 39  39  39  GLN GLN B . n 
B 1 40  LYS 40  40  40  LYS ALA B . n 
B 1 41  GLY 41  41  41  GLY GLY B . n 
B 1 42  HIS 42  42  42  HIS ALA B . n 
B 1 43  ALA 43  43  43  ALA ALA B . n 
B 1 44  GLU 44  44  44  GLU GLU B . n 
B 1 45  LEU 45  45  45  LEU LEU B . n 
B 1 46  TYR 46  46  46  TYR ALA B . n 
B 1 47  ARG 47  47  47  ARG ARG B . n 
B 1 48  GLY 48  48  48  GLY GLY B . n 
B 1 49  ALA 49  49  49  ALA ALA B . n 
B 1 50  GLU 50  50  50  GLU GLU B . n 
B 1 51  TYR 51  51  51  TYR TYR B . n 
B 1 52  SER 52  52  52  SER SER B . n 
B 1 53  VAL 53  53  53  VAL VAL B . n 
B 1 54  ASN 54  54  54  ASN ASN B . n 
B 1 55  PHE 55  55  55  PHE PHE B . n 
B 1 56  LEU 56  56  56  LEU LEU B . n 
B 1 57  PRO 57  57  57  PRO PRO B . n 
B 1 58  LYS 58  58  58  LYS LYS B . n 
B 1 59  VAL 59  59  59  VAL VAL B . n 
B 1 60  LYS 60  60  60  LYS LYS B . n 
B 1 61  ILE 61  61  61  ILE ILE B . n 
B 1 62  ASP 62  62  62  ASP ASP B . n 
B 1 63  VAL 63  63  63  VAL VAL B . n 
B 1 64  ALA 64  64  64  ALA ALA B . n 
B 1 65  ILE 65  65  65  ILE ILE B . n 
B 1 66  ALA 66  66  66  ALA ALA B . n 
B 1 67  ASP 67  67  67  ASP ASP B . n 
B 1 68  ASP 68  68  68  ASP ALA B . n 
B 1 69  GLN 69  69  69  GLN GLN B . n 
B 1 70  LEU 70  70  70  LEU LEU B . n 
B 1 71  ASP 71  71  71  ASP ASP B . n 
B 1 72  GLU 72  72  72  GLU ALA B . n 
B 1 73  VAL 73  73  73  VAL VAL B . n 
B 1 74  ILE 74  74  74  ILE ILE B . n 
B 1 75  ASP 75  75  75  ASP ASP B . n 
B 1 76  ILE 76  76  76  ILE ALA B . n 
B 1 77  VAL 77  77  77  VAL VAL B . n 
B 1 78  SER 78  78  78  SER SER B . n 
B 1 79  LYS 79  79  79  LYS LYS B . n 
B 1 80  ALA 80  80  80  ALA ALA B . n 
B 1 81  ALA 81  81  81  ALA ALA B . n 
B 1 82  TYR 82  82  82  TYR TYR B . n 
B 1 83  THR 83  83  83  THR THR B . n 
B 1 84  GLY 84  84  84  GLY GLY B . n 
B 1 85  LYS 85  85  85  LYS ALA B . n 
B 1 86  ILE 86  86  86  ILE ILE B . n 
B 1 87  GLY 87  87  87  GLY GLY B . n 
B 1 88  ASP 88  88  88  ASP ASP B . n 
B 1 89  GLY 89  89  89  GLY GLY B . n 
B 1 90  LYS 90  90  90  LYS LYS B . n 
B 1 91  ILE 91  91  91  ILE ILE B . n 
B 1 92  PHE 92  92  92  PHE PHE B . n 
B 1 93  VAL 93  93  93  VAL VAL B . n 
B 1 94  ALA 94  94  94  ALA ALA B . n 
B 1 95  GLU 95  95  95  GLU GLU B . n 
B 1 96  LEU 96  96  96  LEU LEU B . n 
B 1 97  GLN 97  97  97  GLN GLN B . n 
B 1 98  ARG 98  98  98  ARG ALA B . n 
B 1 99  VAL 99  99  99  VAL VAL B . n 
B 1 100 ILE 100 100 100 ILE ILE B . n 
B 1 101 ARG 101 101 101 ARG ARG B . n 
B 1 102 ILE 102 102 102 ILE ILE B . n 
B 1 103 ARG 103 103 103 ARG ARG B . n 
B 1 104 THR 104 104 104 THR THR B . n 
B 1 105 GLY 105 105 105 GLY GLY B . n 
B 1 106 GLU 106 106 106 GLU GLU B . n 
B 1 107 ALA 107 107 107 ALA ALA B . n 
B 1 108 ASP 108 108 108 ASP ASP B . n 
B 1 109 GLU 109 109 109 GLU GLU B . n 
B 1 110 ALA 110 110 110 ALA ALA B . n 
B 1 111 ALA 111 111 111 ALA ALA B . n 
B 1 112 LEU 112 112 112 LEU LEU B . n 
# 
loop_
_pdbx_nonpoly_scheme.asym_id 
_pdbx_nonpoly_scheme.entity_id 
_pdbx_nonpoly_scheme.mon_id 
_pdbx_nonpoly_scheme.ndb_seq_num 
_pdbx_nonpoly_scheme.pdb_seq_num 
_pdbx_nonpoly_scheme.auth_seq_num 
_pdbx_nonpoly_scheme.pdb_mon_id 
_pdbx_nonpoly_scheme.auth_mon_id 
_pdbx_nonpoly_scheme.pdb_strand_id 
_pdbx_nonpoly_scheme.pdb_ins_code 
C 2 SO4 1  135 135 SO4 SO4 A . 
D 2 SO4 1  136 136 SO4 SO4 B . 
E 3 HOH 1  137 137 HOH HOH A . 
E 3 HOH 2  139 139 HOH HOH A . 
E 3 HOH 3  140 140 HOH HOH A . 
E 3 HOH 4  145 145 HOH HOH A . 
E 3 HOH 5  146 146 HOH HOH A . 
E 3 HOH 6  147 147 HOH HOH A . 
E 3 HOH 7  148 148 HOH HOH A . 
E 3 HOH 8  149 149 HOH HOH A . 
E 3 HOH 9  150 150 HOH HOH A . 
E 3 HOH 10 151 151 HOH HOH A . 
E 3 HOH 11 152 152 HOH HOH A . 
E 3 HOH 12 153 153 HOH HOH A . 
E 3 HOH 13 154 154 HOH HOH A . 
E 3 HOH 14 155 155 HOH HOH A . 
E 3 HOH 15 156 156 HOH HOH A . 
E 3 HOH 16 157 157 HOH HOH A . 
E 3 HOH 17 172 172 HOH HOH A . 
E 3 HOH 18 173 173 HOH HOH A . 
E 3 HOH 19 174 174 HOH HOH A . 
E 3 HOH 20 175 175 HOH HOH A . 
E 3 HOH 21 176 176 HOH HOH A . 
E 3 HOH 22 177 177 HOH HOH A . 
E 3 HOH 23 178 178 HOH HOH A . 
E 3 HOH 24 179 179 HOH HOH A . 
E 3 HOH 25 180 180 HOH HOH A . 
E 3 HOH 26 181 181 HOH HOH A . 
E 3 HOH 27 182 182 HOH HOH A . 
E 3 HOH 28 183 183 HOH HOH A . 
E 3 HOH 29 184 184 HOH HOH A . 
E 3 HOH 30 190 190 HOH HOH A . 
E 3 HOH 31 192 192 HOH HOH A . 
E 3 HOH 32 193 193 HOH HOH A . 
E 3 HOH 33 194 194 HOH HOH A . 
E 3 HOH 34 197 197 HOH HOH A . 
E 3 HOH 35 200 200 HOH HOH A . 
E 3 HOH 36 201 201 HOH HOH A . 
E 3 HOH 37 202 202 HOH HOH A . 
E 3 HOH 38 203 203 HOH HOH A . 
E 3 HOH 39 204 204 HOH HOH A . 
E 3 HOH 40 205 205 HOH HOH A . 
E 3 HOH 41 206 206 HOH HOH A . 
E 3 HOH 42 207 207 HOH HOH A . 
E 3 HOH 43 208 208 HOH HOH A . 
E 3 HOH 44 209 209 HOH HOH A . 
E 3 HOH 45 220 220 HOH HOH A . 
E 3 HOH 46 221 221 HOH HOH A . 
E 3 HOH 47 222 222 HOH HOH A . 
E 3 HOH 48 223 223 HOH HOH A . 
E 3 HOH 49 224 224 HOH HOH A . 
E 3 HOH 50 225 225 HOH HOH A . 
E 3 HOH 51 226 226 HOH HOH A . 
E 3 HOH 52 227 227 HOH HOH A . 
E 3 HOH 53 228 228 HOH HOH A . 
E 3 HOH 54 229 229 HOH HOH A . 
E 3 HOH 55 231 231 HOH HOH A . 
E 3 HOH 56 232 232 HOH HOH A . 
E 3 HOH 57 233 233 HOH HOH A . 
E 3 HOH 58 234 234 HOH HOH A . 
E 3 HOH 59 235 235 HOH HOH A . 
E 3 HOH 60 242 242 HOH HOH A . 
E 3 HOH 61 243 243 HOH HOH A . 
E 3 HOH 62 245 245 HOH HOH A . 
E 3 HOH 63 246 246 HOH HOH A . 
E 3 HOH 64 247 247 HOH HOH A . 
E 3 HOH 65 248 248 HOH HOH A . 
E 3 HOH 66 249 249 HOH HOH A . 
E 3 HOH 67 253 253 HOH HOH A . 
E 3 HOH 68 254 254 HOH HOH A . 
E 3 HOH 69 261 261 HOH HOH A . 
E 3 HOH 70 262 262 HOH HOH A . 
F 3 HOH 1  138 138 HOH HOH B . 
F 3 HOH 2  141 141 HOH HOH B . 
F 3 HOH 3  142 142 HOH HOH B . 
F 3 HOH 4  143 143 HOH HOH B . 
F 3 HOH 5  144 144 HOH HOH B . 
F 3 HOH 6  158 158 HOH HOH B . 
F 3 HOH 7  159 159 HOH HOH B . 
F 3 HOH 8  160 160 HOH HOH B . 
F 3 HOH 9  161 161 HOH HOH B . 
F 3 HOH 10 162 162 HOH HOH B . 
F 3 HOH 11 163 163 HOH HOH B . 
F 3 HOH 12 164 164 HOH HOH B . 
F 3 HOH 13 165 165 HOH HOH B . 
F 3 HOH 14 166 166 HOH HOH B . 
F 3 HOH 15 167 167 HOH HOH B . 
F 3 HOH 16 168 168 HOH HOH B . 
F 3 HOH 17 169 169 HOH HOH B . 
F 3 HOH 18 170 170 HOH HOH B . 
F 3 HOH 19 171 171 HOH HOH B . 
F 3 HOH 20 185 185 HOH HOH B . 
F 3 HOH 21 186 186 HOH HOH B . 
F 3 HOH 22 187 187 HOH HOH B . 
F 3 HOH 23 188 188 HOH HOH B . 
F 3 HOH 24 189 189 HOH HOH B . 
F 3 HOH 25 191 191 HOH HOH B . 
F 3 HOH 26 195 195 HOH HOH B . 
F 3 HOH 27 196 196 HOH HOH B . 
F 3 HOH 28 198 198 HOH HOH B . 
F 3 HOH 29 199 199 HOH HOH B . 
F 3 HOH 30 210 210 HOH HOH B . 
F 3 HOH 31 211 211 HOH HOH B . 
F 3 HOH 32 212 212 HOH HOH B . 
F 3 HOH 33 213 213 HOH HOH B . 
F 3 HOH 34 214 214 HOH HOH B . 
F 3 HOH 35 215 215 HOH HOH B . 
F 3 HOH 36 216 216 HOH HOH B . 
F 3 HOH 37 217 217 HOH HOH B . 
F 3 HOH 38 218 218 HOH HOH B . 
F 3 HOH 39 219 219 HOH HOH B . 
F 3 HOH 40 230 230 HOH HOH B . 
F 3 HOH 41 236 236 HOH HOH B . 
F 3 HOH 42 237 237 HOH HOH B . 
F 3 HOH 43 238 238 HOH HOH B . 
F 3 HOH 44 239 239 HOH HOH B . 
F 3 HOH 45 240 240 HOH HOH B . 
F 3 HOH 46 241 241 HOH HOH B . 
F 3 HOH 47 244 244 HOH HOH B . 
F 3 HOH 48 250 250 HOH HOH B . 
F 3 HOH 49 251 251 HOH HOH B . 
F 3 HOH 50 252 252 HOH HOH B . 
F 3 HOH 51 255 255 HOH HOH B . 
F 3 HOH 52 256 256 HOH HOH B . 
F 3 HOH 53 257 257 HOH HOH B . 
F 3 HOH 54 258 258 HOH HOH B . 
F 3 HOH 55 259 259 HOH HOH B . 
F 3 HOH 56 260 260 HOH HOH B . 
F 3 HOH 57 263 263 HOH HOH B . 
F 3 HOH 58 264 264 HOH HOH B . 
F 3 HOH 59 265 265 HOH HOH B . 
F 3 HOH 60 266 266 HOH HOH B . 
F 3 HOH 61 267 267 HOH HOH B . 
# 
loop_
_pdbx_unobs_or_zero_occ_atoms.id 
_pdbx_unobs_or_zero_occ_atoms.PDB_model_num 
_pdbx_unobs_or_zero_occ_atoms.polymer_flag 
_pdbx_unobs_or_zero_occ_atoms.occupancy_flag 
_pdbx_unobs_or_zero_occ_atoms.auth_asym_id 
_pdbx_unobs_or_zero_occ_atoms.auth_comp_id 
_pdbx_unobs_or_zero_occ_atoms.auth_seq_id 
_pdbx_unobs_or_zero_occ_atoms.PDB_ins_code 
_pdbx_unobs_or_zero_occ_atoms.auth_atom_id 
_pdbx_unobs_or_zero_occ_atoms.label_alt_id 
_pdbx_unobs_or_zero_occ_atoms.label_asym_id 
_pdbx_unobs_or_zero_occ_atoms.label_comp_id 
_pdbx_unobs_or_zero_occ_atoms.label_seq_id 
_pdbx_unobs_or_zero_occ_atoms.label_atom_id 
1  1 Y 1 A GLU 18 ? CG  ? A GLU 18 CG  
2  1 Y 1 A GLU 18 ? CD  ? A GLU 18 CD  
3  1 Y 1 A GLU 18 ? OE1 ? A GLU 18 OE1 
4  1 Y 1 A GLU 18 ? OE2 ? A GLU 18 OE2 
5  1 Y 1 A ARG 38 ? CG  ? A ARG 38 CG  
6  1 Y 1 A ARG 38 ? CD  ? A ARG 38 CD  
7  1 Y 1 A ARG 38 ? NE  ? A ARG 38 NE  
8  1 Y 1 A ARG 38 ? CZ  ? A ARG 38 CZ  
9  1 Y 1 A ARG 38 ? NH1 ? A ARG 38 NH1 
10 1 Y 1 A ARG 38 ? NH2 ? A ARG 38 NH2 
11 1 Y 1 A VAL 53 ? CG1 ? A VAL 53 CG1 
12 1 Y 1 A VAL 53 ? CG2 ? A VAL 53 CG2 
13 1 Y 1 A ASN 54 ? CG  ? A ASN 54 CG  
14 1 Y 1 A ASN 54 ? OD1 ? A ASN 54 OD1 
15 1 Y 1 A ASN 54 ? ND2 ? A ASN 54 ND2 
16 1 Y 1 B GLU 14 ? CG  ? B GLU 14 CG  
17 1 Y 1 B GLU 14 ? CD  ? B GLU 14 CD  
18 1 Y 1 B GLU 14 ? OE1 ? B GLU 14 OE1 
19 1 Y 1 B GLU 14 ? OE2 ? B GLU 14 OE2 
20 1 Y 1 B LYS 40 ? CG  ? B LYS 40 CG  
21 1 Y 1 B LYS 40 ? CD  ? B LYS 40 CD  
22 1 Y 1 B LYS 40 ? CE  ? B LYS 40 CE  
23 1 Y 1 B LYS 40 ? NZ  ? B LYS 40 NZ  
24 1 Y 1 B HIS 42 ? CG  ? B HIS 42 CG  
25 1 Y 1 B HIS 42 ? ND1 ? B HIS 42 ND1 
26 1 Y 1 B HIS 42 ? CD2 ? B HIS 42 CD2 
27 1 Y 1 B HIS 42 ? CE1 ? B HIS 42 CE1 
28 1 Y 1 B HIS 42 ? NE2 ? B HIS 42 NE2 
29 1 Y 1 B TYR 46 ? CG  ? B TYR 46 CG  
30 1 Y 1 B TYR 46 ? CD1 ? B TYR 46 CD1 
31 1 Y 1 B TYR 46 ? CD2 ? B TYR 46 CD2 
32 1 Y 1 B TYR 46 ? CE1 ? B TYR 46 CE1 
33 1 Y 1 B TYR 46 ? CE2 ? B TYR 46 CE2 
34 1 Y 1 B TYR 46 ? CZ  ? B TYR 46 CZ  
35 1 Y 1 B TYR 46 ? OH  ? B TYR 46 OH  
36 1 Y 1 B ASP 68 ? CG  ? B ASP 68 CG  
37 1 Y 1 B ASP 68 ? OD1 ? B ASP 68 OD1 
38 1 Y 1 B ASP 68 ? OD2 ? B ASP 68 OD2 
39 1 Y 1 B GLU 72 ? CG  ? B GLU 72 CG  
40 1 Y 1 B GLU 72 ? CD  ? B GLU 72 CD  
41 1 Y 1 B GLU 72 ? OE1 ? B GLU 72 OE1 
42 1 Y 1 B GLU 72 ? OE2 ? B GLU 72 OE2 
43 1 Y 1 B ILE 76 ? CG1 ? B ILE 76 CG1 
44 1 Y 1 B ILE 76 ? CG2 ? B ILE 76 CG2 
45 1 Y 1 B ILE 76 ? CD1 ? B ILE 76 CD1 
46 1 Y 1 B LYS 85 ? CG  ? B LYS 85 CG  
47 1 Y 1 B LYS 85 ? CD  ? B LYS 85 CD  
48 1 Y 1 B LYS 85 ? CE  ? B LYS 85 CE  
49 1 Y 1 B LYS 85 ? NZ  ? B LYS 85 NZ  
50 1 Y 1 B ARG 98 ? CG  ? B ARG 98 CG  
51 1 Y 1 B ARG 98 ? CD  ? B ARG 98 CD  
52 1 Y 1 B ARG 98 ? NE  ? B ARG 98 NE  
53 1 Y 1 B ARG 98 ? CZ  ? B ARG 98 CZ  
54 1 Y 1 B ARG 98 ? NH1 ? B ARG 98 NH1 
55 1 Y 1 B ARG 98 ? NH2 ? B ARG 98 NH2 
# 
loop_
_software.name 
_software.classification 
_software.version 
_software.citation_id 
_software.pdbx_ordinal 
AMoRE     phasing          .    ? 1 
X-PLOR    refinement       3.01 ? 2 
DENZO     'data reduction' .    ? 3 
SCALEPACK 'data scaling'   .    ? 4 
# 
_cell.entry_id           1GNK 
_cell.length_a           85.530 
_cell.length_b           85.530 
_cell.length_c           85.530 
_cell.angle_alpha        90.00 
_cell.angle_beta         90.00 
_cell.angle_gamma        90.00 
_cell.Z_PDB              24 
_cell.pdbx_unique_axis   ? 
_cell.length_a_esd       ? 
_cell.length_b_esd       ? 
_cell.length_c_esd       ? 
_cell.angle_alpha_esd    ? 
_cell.angle_beta_esd     ? 
_cell.angle_gamma_esd    ? 
# 
_symmetry.entry_id                         1GNK 
_symmetry.space_group_name_H-M             'P 21 3' 
_symmetry.pdbx_full_space_group_name_H-M   ? 
_symmetry.cell_setting                     ? 
_symmetry.Int_Tables_number                198 
_symmetry.space_group_name_Hall            ? 
# 
_exptl.entry_id          1GNK 
_exptl.method            'X-RAY DIFFRACTION' 
_exptl.crystals_number   1 
# 
_exptl_crystal.id                    1 
_exptl_crystal.density_meas          ? 
_exptl_crystal.density_Matthews      2.4 
_exptl_crystal.density_percent_sol   45 
_exptl_crystal.description           ? 
_exptl_crystal.F_000                 ? 
_exptl_crystal.preparation           ? 
# 
_exptl_crystal_grow.crystal_id      1 
_exptl_crystal_grow.method          ? 
_exptl_crystal_grow.temp            ? 
_exptl_crystal_grow.temp_details    ? 
_exptl_crystal_grow.pH              6.5 
_exptl_crystal_grow.pdbx_details    '30% MPD, 0.2M CH3COONH4, 0.1M CACODYLATE, PH 6.5' 
_exptl_crystal_grow.pdbx_pH_range   ? 
# 
_diffrn.id                     1 
_diffrn.ambient_temp           100 
_diffrn.ambient_temp_details   ? 
_diffrn.crystal_id             1 
# 
_diffrn_detector.diffrn_id              1 
_diffrn_detector.detector               'IMAGE PLATE' 
_diffrn_detector.type                   'RIGAKU RAXIS II' 
_diffrn_detector.pdbx_collection_date   1996-11-15 
_diffrn_detector.details                ? 
# 
_diffrn_radiation.diffrn_id                        1 
_diffrn_radiation.wavelength_id                    1 
_diffrn_radiation.pdbx_monochromatic_or_laue_m_l   M 
_diffrn_radiation.monochromator                    ? 
_diffrn_radiation.pdbx_diffrn_protocol             'SINGLE WAVELENGTH' 
_diffrn_radiation.pdbx_scattering_type             x-ray 
# 
_diffrn_radiation_wavelength.id           1 
_diffrn_radiation_wavelength.wavelength   1.5418 
_diffrn_radiation_wavelength.wt           1.0 
# 
_diffrn_source.diffrn_id                   1 
_diffrn_source.source                      'ROTATING ANODE' 
_diffrn_source.type                        'RIGAKU RU200' 
_diffrn_source.pdbx_synchrotron_site       ? 
_diffrn_source.pdbx_synchrotron_beamline   ? 
_diffrn_source.pdbx_wavelength             1.5418 
_diffrn_source.pdbx_wavelength_list        ? 
# 
_reflns.entry_id                     1GNK 
_reflns.observed_criterion_sigma_I   ? 
_reflns.observed_criterion_sigma_F   ? 
_reflns.d_resolution_low             25.0 
_reflns.d_resolution_high            2.0 
_reflns.number_obs                   14384 
_reflns.number_all                   ? 
_reflns.percent_possible_obs         99.8 
_reflns.pdbx_Rmerge_I_obs            0.0470000 
_reflns.pdbx_Rsym_value              ? 
_reflns.pdbx_netI_over_sigmaI        ? 
_reflns.B_iso_Wilson_estimate        ? 
_reflns.pdbx_redundancy              6.8 
_reflns.R_free_details               ? 
_reflns.limit_h_max                  ? 
_reflns.limit_h_min                  ? 
_reflns.limit_k_max                  ? 
_reflns.limit_k_min                  ? 
_reflns.limit_l_max                  ? 
_reflns.limit_l_min                  ? 
_reflns.observed_criterion_F_max     ? 
_reflns.observed_criterion_F_min     ? 
_reflns.pdbx_chi_squared             ? 
_reflns.pdbx_scaling_rejects         ? 
_reflns.pdbx_ordinal                 1 
_reflns.pdbx_diffrn_id               1 
# 
_reflns_shell.d_res_high             2.0 
_reflns_shell.d_res_low              2.07 
_reflns_shell.percent_possible_all   ? 
_reflns_shell.Rmerge_I_obs           0.1820000 
_reflns_shell.pdbx_Rsym_value        ? 
_reflns_shell.meanI_over_sigI_obs    ? 
_reflns_shell.pdbx_redundancy        ? 
_reflns_shell.percent_possible_obs   ? 
_reflns_shell.number_unique_all      ? 
_reflns_shell.number_measured_all    ? 
_reflns_shell.number_measured_obs    ? 
_reflns_shell.number_unique_obs      ? 
_reflns_shell.pdbx_chi_squared       ? 
_reflns_shell.pdbx_ordinal           1 
_reflns_shell.pdbx_diffrn_id         1 
# 
_refine.entry_id                                 1GNK 
_refine.ls_number_reflns_obs                     14077 
_refine.ls_number_reflns_all                     ? 
_refine.pdbx_ls_sigma_I                          ? 
_refine.pdbx_ls_sigma_F                          2.0 
_refine.pdbx_data_cutoff_high_absF               ? 
_refine.pdbx_data_cutoff_low_absF                15.0 
_refine.pdbx_data_cutoff_high_rms_absF           ? 
_refine.ls_d_res_low                             6.00 
_refine.ls_d_res_high                            2.00 
_refine.ls_percent_reflns_obs                    88.5 
_refine.ls_R_factor_obs                          0.1890000 
_refine.ls_R_factor_all                          ? 
_refine.ls_R_factor_R_work                       0.1890000 
_refine.ls_R_factor_R_free                       0.2540000 
_refine.ls_R_factor_R_free_error                 ? 
_refine.ls_R_factor_R_free_error_details         ? 
_refine.ls_percent_reflns_R_free                 10.0 
_refine.ls_number_reflns_R_free                  1379 
_refine.ls_number_parameters                     ? 
_refine.ls_number_restraints                     ? 
_refine.occupancy_min                            ? 
_refine.occupancy_max                            ? 
_refine.B_iso_mean                               24.0 
_refine.aniso_B[1][1]                            ? 
_refine.aniso_B[2][2]                            ? 
_refine.aniso_B[3][3]                            ? 
_refine.aniso_B[1][2]                            ? 
_refine.aniso_B[1][3]                            ? 
_refine.aniso_B[2][3]                            ? 
_refine.solvent_model_details                    ? 
_refine.solvent_model_param_ksol                 ? 
_refine.solvent_model_param_bsol                 ? 
_refine.pdbx_ls_cross_valid_method               THROUGHOUT 
_refine.details                                  ? 
_refine.pdbx_starting_model                      ? 
_refine.pdbx_method_to_determine_struct          'MOLECULAR REPLACEMENT' 
_refine.pdbx_isotropic_thermal_model             ? 
_refine.pdbx_stereochemistry_target_values       ? 
_refine.pdbx_stereochem_target_val_spec_case     ? 
_refine.pdbx_R_Free_selection_details            RANDOM 
_refine.pdbx_overall_ESU_R_Free                  ? 
_refine.overall_SU_ML                            ? 
_refine.overall_SU_B                             ? 
_refine.ls_redundancy_reflns_obs                 ? 
_refine.pdbx_refine_id                           'X-RAY DIFFRACTION' 
_refine.pdbx_overall_phase_error                 ? 
_refine.B_iso_min                                ? 
_refine.B_iso_max                                ? 
_refine.correlation_coeff_Fo_to_Fc               ? 
_refine.correlation_coeff_Fo_to_Fc_free          ? 
_refine.pdbx_solvent_vdw_probe_radii             ? 
_refine.pdbx_solvent_ion_probe_radii             ? 
_refine.pdbx_solvent_shrinkage_radii             ? 
_refine.overall_SU_R_Cruickshank_DPI             ? 
_refine.overall_SU_R_free                        ? 
_refine.ls_wR_factor_R_free                      ? 
_refine.ls_wR_factor_R_work                      ? 
_refine.overall_FOM_free_R_set                   ? 
_refine.overall_FOM_work_R_set                   ? 
_refine.pdbx_overall_ESU_R                       ? 
_refine.pdbx_diffrn_id                           1 
_refine.pdbx_TLS_residual_ADP_flag               ? 
_refine.pdbx_overall_SU_R_free_Cruickshank_DPI   ? 
_refine.pdbx_overall_SU_R_Blow_DPI               ? 
_refine.pdbx_overall_SU_R_free_Blow_DPI          ? 
# 
_refine_hist.pdbx_refine_id                   'X-RAY DIFFRACTION' 
_refine_hist.cycle_id                         LAST 
_refine_hist.pdbx_number_atoms_protein        1560 
_refine_hist.pdbx_number_atoms_nucleic_acid   0 
_refine_hist.pdbx_number_atoms_ligand         10 
_refine_hist.number_atoms_solvent             131 
_refine_hist.number_atoms_total               1701 
_refine_hist.d_res_high                       2.00 
_refine_hist.d_res_low                        6.00 
# 
loop_
_refine_ls_restr.type 
_refine_ls_restr.dev_ideal 
_refine_ls_restr.dev_ideal_target 
_refine_ls_restr.weight 
_refine_ls_restr.number 
_refine_ls_restr.pdbx_refine_id 
_refine_ls_restr.pdbx_restraint_function 
x_bond_d                0.011 ? ? ? 'X-RAY DIFFRACTION' ? 
x_bond_d_na             ?     ? ? ? 'X-RAY DIFFRACTION' ? 
x_bond_d_prot           ?     ? ? ? 'X-RAY DIFFRACTION' ? 
x_angle_d               ?     ? ? ? 'X-RAY DIFFRACTION' ? 
x_angle_d_na            ?     ? ? ? 'X-RAY DIFFRACTION' ? 
x_angle_d_prot          ?     ? ? ? 'X-RAY DIFFRACTION' ? 
x_angle_deg             1.664 ? ? ? 'X-RAY DIFFRACTION' ? 
x_angle_deg_na          ?     ? ? ? 'X-RAY DIFFRACTION' ? 
x_angle_deg_prot        ?     ? ? ? 'X-RAY DIFFRACTION' ? 
x_dihedral_angle_d      ?     ? ? ? 'X-RAY DIFFRACTION' ? 
x_dihedral_angle_d_na   ?     ? ? ? 'X-RAY DIFFRACTION' ? 
x_dihedral_angle_d_prot ?     ? ? ? 'X-RAY DIFFRACTION' ? 
x_improper_angle_d      ?     ? ? ? 'X-RAY DIFFRACTION' ? 
x_improper_angle_d_na   ?     ? ? ? 'X-RAY DIFFRACTION' ? 
x_improper_angle_d_prot ?     ? ? ? 'X-RAY DIFFRACTION' ? 
x_mcbond_it             ?     ? ? ? 'X-RAY DIFFRACTION' ? 
x_mcangle_it            ?     ? ? ? 'X-RAY DIFFRACTION' ? 
x_scbond_it             ?     ? ? ? 'X-RAY DIFFRACTION' ? 
x_scangle_it            ?     ? ? ? 'X-RAY DIFFRACTION' ? 
# 
_refine_ls_shell.pdbx_total_number_of_bins_used   10 
_refine_ls_shell.d_res_high                       2.00 
_refine_ls_shell.d_res_low                        2.07 
_refine_ls_shell.number_reflns_R_work             880 
_refine_ls_shell.R_factor_R_work                  0.2420000 
_refine_ls_shell.percent_reflns_obs               71.9 
_refine_ls_shell.R_factor_R_free                  0.2760000 
_refine_ls_shell.R_factor_R_free_error            ? 
_refine_ls_shell.percent_reflns_R_free            6.3 
_refine_ls_shell.number_reflns_R_free             85 
_refine_ls_shell.redundancy_reflns_obs            ? 
_refine_ls_shell.pdbx_refine_id                   'X-RAY DIFFRACTION' 
_refine_ls_shell.number_reflns_all                ? 
_refine_ls_shell.number_reflns_obs                ? 
_refine_ls_shell.R_factor_all                     ? 
# 
_pdbx_xplor_file.serial_no        3 
_pdbx_xplor_file.param_file       PARHCSDX.PRO 
_pdbx_xplor_file.topol_file       TOPHCSDX.PRO 
_pdbx_xplor_file.pdbx_refine_id   'X-RAY DIFFRACTION' 
# 
_struct_ncs_oper.id             1 
_struct_ncs_oper.code           given 
_struct_ncs_oper.details        ? 
_struct_ncs_oper.matrix[1][1]   0.63117348 
_struct_ncs_oper.matrix[1][2]   0.77284877 
_struct_ncs_oper.matrix[1][3]   0.06576119 
_struct_ncs_oper.matrix[2][1]   -0.53046142 
_struct_ncs_oper.matrix[2][2]   0.36824168 
_struct_ncs_oper.matrix[2][3]   0.76354823 
_struct_ncs_oper.matrix[3][1]   0.56588608 
_struct_ncs_oper.matrix[3][2]   -0.51681705 
_struct_ncs_oper.matrix[3][3]   0.64239484 
_struct_ncs_oper.vector[1]      17.62038 
_struct_ncs_oper.vector[2]      24.91713 
_struct_ncs_oper.vector[3]      25.61719 
# 
_struct.entry_id                  1GNK 
_struct.title                     'GLNK, A SIGNAL PROTEIN FROM E. COLI' 
_struct.pdbx_model_details        ? 
_struct.pdbx_CASP_flag            ? 
_struct.pdbx_model_type_details   ? 
# 
_struct_keywords.entry_id        1GNK 
_struct_keywords.pdbx_keywords   'SIGNALING PROTEIN' 
_struct_keywords.text            'SIGNALING PROTEIN' 
# 
loop_
_struct_asym.id 
_struct_asym.pdbx_blank_PDB_chainid_flag 
_struct_asym.pdbx_modified 
_struct_asym.entity_id 
_struct_asym.details 
A N N 1 ? 
B N N 1 ? 
C N N 2 ? 
D N N 2 ? 
E N N 3 ? 
F N N 3 ? 
# 
_struct_ref.id                         1 
_struct_ref.db_name                    UNP 
_struct_ref.db_code                    GLNK_ECOLI 
_struct_ref.entity_id                  1 
_struct_ref.pdbx_db_accession          P0AC55 
_struct_ref.pdbx_align_begin           ? 
_struct_ref.pdbx_seq_one_letter_code   ? 
_struct_ref.pdbx_db_isoform            ? 
# 
loop_
_struct_ref_seq.align_id 
_struct_ref_seq.ref_id 
_struct_ref_seq.pdbx_PDB_id_code 
_struct_ref_seq.pdbx_strand_id 
_struct_ref_seq.seq_align_beg 
_struct_ref_seq.pdbx_seq_align_beg_ins_code 
_struct_ref_seq.seq_align_end 
_struct_ref_seq.pdbx_seq_align_end_ins_code 
_struct_ref_seq.pdbx_db_accession 
_struct_ref_seq.db_align_beg 
_struct_ref_seq.pdbx_db_align_beg_ins_code 
_struct_ref_seq.db_align_end 
_struct_ref_seq.pdbx_db_align_end_ins_code 
_struct_ref_seq.pdbx_auth_seq_align_beg 
_struct_ref_seq.pdbx_auth_seq_align_end 
1 1 1GNK A 1 ? 112 ? P0AC55 1 ? 112 ? 1 112 
2 1 1GNK B 1 ? 112 ? P0AC55 1 ? 112 ? 1 112 
# 
loop_
_pdbx_struct_assembly.id 
_pdbx_struct_assembly.details 
_pdbx_struct_assembly.method_details 
_pdbx_struct_assembly.oligomeric_details 
_pdbx_struct_assembly.oligomeric_count 
1 author_and_software_defined_assembly PQS trimeric 3 
2 author_and_software_defined_assembly PQS trimeric 3 
# 
loop_
_pdbx_struct_assembly_gen.assembly_id 
_pdbx_struct_assembly_gen.oper_expression 
_pdbx_struct_assembly_gen.asym_id_list 
1 1,2,3 A,C,E 
2 1,4,5 B,D,F 
# 
loop_
_pdbx_struct_oper_list.id 
_pdbx_struct_oper_list.type 
_pdbx_struct_oper_list.name 
_pdbx_struct_oper_list.symmetry_operation 
_pdbx_struct_oper_list.matrix[1][1] 
_pdbx_struct_oper_list.matrix[1][2] 
_pdbx_struct_oper_list.matrix[1][3] 
_pdbx_struct_oper_list.vector[1] 
_pdbx_struct_oper_list.matrix[2][1] 
_pdbx_struct_oper_list.matrix[2][2] 
_pdbx_struct_oper_list.matrix[2][3] 
_pdbx_struct_oper_list.vector[2] 
_pdbx_struct_oper_list.matrix[3][1] 
_pdbx_struct_oper_list.matrix[3][2] 
_pdbx_struct_oper_list.matrix[3][3] 
_pdbx_struct_oper_list.vector[3] 
1 'identity operation'         1_555  x,y,z             1.0000000000  0.0000000000  0.0000000000  0.0000000000   0.0000000000  1.0000000000  0.0000000000  0.0000000000   0.0000000000  0.0000000000  1.0000000000  0.0000000000   
2 'crystal symmetry operation' 5_555  z,x,y             0.0547208828  -0.9861165567 -0.1567793406 -32.7478060876 0.1054066322  -0.1504323187 0.9829850250  -3.5651669691  -0.9929224879 -0.0703153906 0.0957114359  -28.8700122494 
3 'crystal symmetry operation' 9_555  y,z,x             0.0547208828  0.1054066322  -0.9929224879 -26.4979032855 -0.9861165567 -0.1504323187 -0.0703153906 -34.8594762996 -0.1567793406 0.9829850250  0.0957114359  1.1335166237   
4 'crystal symmetry operation' 7_564  -z+1/2,-x+1,y-1/2 -0.4987038940 -0.1246493816 -0.8577627631 7.4737778573   0.2111228616  0.9423323943  -0.2596859563 6.4212590945   0.8406673322  -0.3105997268 -0.4436285003 33.6137906970  
5 'crystal symmetry operation' 10_655 -y+1,z+1/2,-x+1/2 -0.4987038940 0.2111228616  0.8406673322  -25.8864882252 -0.1246493816 0.9423323943  -0.3105997268 5.3210755369   -0.8577627631 -0.2596859563 -0.4436285003 22.9902747120  
# 
_struct_biol.id        1 
_struct_biol.details   ? 
# 
loop_
_struct_conf.conf_type_id 
_struct_conf.id 
_struct_conf.pdbx_PDB_helix_id 
_struct_conf.beg_label_comp_id 
_struct_conf.beg_label_asym_id 
_struct_conf.beg_label_seq_id 
_struct_conf.pdbx_beg_PDB_ins_code 
_struct_conf.end_label_comp_id 
_struct_conf.end_label_asym_id 
_struct_conf.end_label_seq_id 
_struct_conf.pdbx_end_PDB_ins_code 
_struct_conf.beg_auth_comp_id 
_struct_conf.beg_auth_asym_id 
_struct_conf.beg_auth_seq_id 
_struct_conf.end_auth_comp_id 
_struct_conf.end_auth_asym_id 
_struct_conf.end_auth_seq_id 
_struct_conf.pdbx_PDB_helix_class 
_struct_conf.details 
_struct_conf.pdbx_PDB_helix_length 
HELX_P HELX_P1 1 PRO A 10  ? ILE A 23  ? PRO A 10  ILE A 23  5 ? 14 
HELX_P HELX_P2 2 ASP A 67  ? ALA A 81  ? ASP A 67  ALA A 81  5 ? 15 
HELX_P HELX_P3 3 ASP A 108 ? ALA A 110 ? ASP A 108 ALA A 110 5 ? 3  
HELX_P HELX_P4 4 PRO B 10  ? ILE B 23  ? PRO B 10  ILE B 23  5 ? 14 
HELX_P HELX_P5 5 ARG B 47  ? ALA B 49  ? ARG B 47  ALA B 49  5 ? 3  
HELX_P HELX_P6 6 ASP B 68  ? ALA B 81  ? ASP B 68  ALA B 81  5 ? 14 
HELX_P HELX_P7 7 ASP B 108 ? ALA B 110 ? ASP B 108 ALA B 110 5 ? 3  
# 
_struct_conf_type.id          HELX_P 
_struct_conf_type.criteria    ? 
_struct_conf_type.reference   ? 
# 
loop_
_struct_sheet.id 
_struct_sheet.type 
_struct_sheet.number_strands 
_struct_sheet.details 
A ? 4 ? 
B ? 4 ? 
# 
loop_
_struct_sheet_order.sheet_id 
_struct_sheet_order.range_id_1 
_struct_sheet_order.range_id_2 
_struct_sheet_order.offset 
_struct_sheet_order.sense 
A 1 2 ? anti-parallel 
A 2 3 ? anti-parallel 
A 3 4 ? anti-parallel 
B 1 2 ? anti-parallel 
B 2 3 ? anti-parallel 
B 3 4 ? anti-parallel 
# 
loop_
_struct_sheet_range.sheet_id 
_struct_sheet_range.id 
_struct_sheet_range.beg_label_comp_id 
_struct_sheet_range.beg_label_asym_id 
_struct_sheet_range.beg_label_seq_id 
_struct_sheet_range.pdbx_beg_PDB_ins_code 
_struct_sheet_range.end_label_comp_id 
_struct_sheet_range.end_label_asym_id 
_struct_sheet_range.end_label_seq_id 
_struct_sheet_range.pdbx_end_PDB_ins_code 
_struct_sheet_range.beg_auth_comp_id 
_struct_sheet_range.beg_auth_asym_id 
_struct_sheet_range.beg_auth_seq_id 
_struct_sheet_range.end_auth_comp_id 
_struct_sheet_range.end_auth_asym_id 
_struct_sheet_range.end_auth_seq_id 
A 1 LYS A 90 ? GLU A 95 ? LYS A 90 GLU A 95 
A 2 LYS A 2  ? ILE A 8  ? LYS A 2  ILE A 8  
A 3 ASN A 54 ? ILE A 65 ? ASN A 54 ILE A 65 
A 4 THR A 29 ? GLY A 37 ? THR A 29 GLY A 37 
B 1 GLY B 89 ? GLU B 95 ? GLY B 89 GLU B 95 
B 2 LYS B 2  ? ILE B 8  ? LYS B 2  ILE B 8  
B 3 LEU B 56 ? ILE B 65 ? LEU B 56 ILE B 65 
B 4 THR B 29 ? GLY B 35 ? THR B 29 GLY B 35 
# 
loop_
_pdbx_struct_sheet_hbond.sheet_id 
_pdbx_struct_sheet_hbond.range_id_1 
_pdbx_struct_sheet_hbond.range_id_2 
_pdbx_struct_sheet_hbond.range_1_label_atom_id 
_pdbx_struct_sheet_hbond.range_1_label_comp_id 
_pdbx_struct_sheet_hbond.range_1_label_asym_id 
_pdbx_struct_sheet_hbond.range_1_label_seq_id 
_pdbx_struct_sheet_hbond.range_1_PDB_ins_code 
_pdbx_struct_sheet_hbond.range_1_auth_atom_id 
_pdbx_struct_sheet_hbond.range_1_auth_comp_id 
_pdbx_struct_sheet_hbond.range_1_auth_asym_id 
_pdbx_struct_sheet_hbond.range_1_auth_seq_id 
_pdbx_struct_sheet_hbond.range_2_label_atom_id 
_pdbx_struct_sheet_hbond.range_2_label_comp_id 
_pdbx_struct_sheet_hbond.range_2_label_asym_id 
_pdbx_struct_sheet_hbond.range_2_label_seq_id 
_pdbx_struct_sheet_hbond.range_2_PDB_ins_code 
_pdbx_struct_sheet_hbond.range_2_auth_atom_id 
_pdbx_struct_sheet_hbond.range_2_auth_comp_id 
_pdbx_struct_sheet_hbond.range_2_auth_asym_id 
_pdbx_struct_sheet_hbond.range_2_auth_seq_id 
A 1 2 O LYS A 90 ? O LYS A 90 N ILE A 7  ? N ILE A 7  
A 2 3 O LYS A 2  ? O LYS A 2  N ILE A 65 ? N ILE A 65 
A 3 4 O ASN A 54 ? O ASN A 54 N GLY A 37 ? N GLY A 37 
B 1 2 O LYS B 90 ? O LYS B 90 N ILE B 7  ? N ILE B 7  
B 2 3 O LYS B 2  ? O LYS B 2  N ILE B 65 ? N ILE B 65 
B 3 4 O LEU B 56 ? O LEU B 56 N GLY B 35 ? N GLY B 35 
# 
loop_
_struct_site.id 
_struct_site.pdbx_evidence_code 
_struct_site.pdbx_auth_asym_id 
_struct_site.pdbx_auth_comp_id 
_struct_site.pdbx_auth_seq_id 
_struct_site.pdbx_auth_ins_code 
_struct_site.pdbx_num_residues 
_struct_site.details 
AC1 Software A SO4 135 ? 8 'BINDING SITE FOR RESIDUE SO4 A 135' 
AC2 Software B SO4 136 ? 7 'BINDING SITE FOR RESIDUE SO4 B 136' 
# 
loop_
_struct_site_gen.id 
_struct_site_gen.site_id 
_struct_site_gen.pdbx_num_res 
_struct_site_gen.label_comp_id 
_struct_site_gen.label_asym_id 
_struct_site_gen.label_seq_id 
_struct_site_gen.pdbx_auth_ins_code 
_struct_site_gen.auth_comp_id 
_struct_site_gen.auth_asym_id 
_struct_site_gen.auth_seq_id 
_struct_site_gen.label_atom_id 
_struct_site_gen.label_alt_id 
_struct_site_gen.symmetry 
_struct_site_gen.details 
1  AC1 8 ILE A 86  ? ILE A 86  . ? 1_555 ? 
2  AC1 8 GLY A 87  ? GLY A 87  . ? 1_555 ? 
3  AC1 8 ARG A 101 ? ARG A 101 . ? 9_555 ? 
4  AC1 8 ARG A 103 ? ARG A 103 . ? 9_555 ? 
5  AC1 8 HOH E .   ? HOH A 154 . ? 1_555 ? 
6  AC1 8 HOH E .   ? HOH A 182 . ? 1_555 ? 
7  AC1 8 ARG B 47  ? ARG B 47  . ? 5_554 ? 
8  AC1 8 SER B 52  ? SER B 52  . ? 5_554 ? 
9  AC2 7 GLN B 39  ? GLN B 39  . ? 1_555 ? 
10 AC2 7 ILE B 86  ? ILE B 86  . ? 1_555 ? 
11 AC2 7 GLY B 87  ? GLY B 87  . ? 1_555 ? 
12 AC2 7 ASP B 88  ? ASP B 88  . ? 1_555 ? 
13 AC2 7 ARG B 101 ? ARG B 101 . ? 7_564 ? 
14 AC2 7 ARG B 103 ? ARG B 103 . ? 7_564 ? 
15 AC2 7 HOH F .   ? HOH B 169 . ? 1_555 ? 
# 
loop_
_pdbx_validate_torsion.id 
_pdbx_validate_torsion.PDB_model_num 
_pdbx_validate_torsion.auth_comp_id 
_pdbx_validate_torsion.auth_asym_id 
_pdbx_validate_torsion.auth_seq_id 
_pdbx_validate_torsion.PDB_ins_code 
_pdbx_validate_torsion.label_alt_id 
_pdbx_validate_torsion.phi 
_pdbx_validate_torsion.psi 
1 1 THR A 83  ? ? -140.37 -31.96  
2 1 ASP A 108 ? ? 48.45   -116.07 
3 1 GLN B 69  ? ? -66.99  3.75    
4 1 ASP B 108 ? ? 51.86   -121.62 
# 
loop_
_pdbx_struct_special_symmetry.id 
_pdbx_struct_special_symmetry.PDB_model_num 
_pdbx_struct_special_symmetry.auth_asym_id 
_pdbx_struct_special_symmetry.auth_comp_id 
_pdbx_struct_special_symmetry.auth_seq_id 
_pdbx_struct_special_symmetry.PDB_ins_code 
_pdbx_struct_special_symmetry.label_asym_id 
_pdbx_struct_special_symmetry.label_comp_id 
_pdbx_struct_special_symmetry.label_seq_id 
1 1 A HOH 137 ? E HOH . 
2 1 B HOH 138 ? F HOH . 
# 
loop_
_pdbx_unobs_or_zero_occ_residues.id 
_pdbx_unobs_or_zero_occ_residues.PDB_model_num 
_pdbx_unobs_or_zero_occ_residues.polymer_flag 
_pdbx_unobs_or_zero_occ_residues.occupancy_flag 
_pdbx_unobs_or_zero_occ_residues.auth_asym_id 
_pdbx_unobs_or_zero_occ_residues.auth_comp_id 
_pdbx_unobs_or_zero_occ_residues.auth_seq_id 
_pdbx_unobs_or_zero_occ_residues.PDB_ins_code 
_pdbx_unobs_or_zero_occ_residues.label_asym_id 
_pdbx_unobs_or_zero_occ_residues.label_comp_id 
_pdbx_unobs_or_zero_occ_residues.label_seq_id 
1  1 Y 1 A GLN 39 ? A GLN 39 
2  1 Y 1 A LYS 40 ? A LYS 40 
3  1 Y 1 A GLY 41 ? A GLY 41 
4  1 Y 1 A HIS 42 ? A HIS 42 
5  1 Y 1 A ALA 43 ? A ALA 43 
6  1 Y 1 A GLU 44 ? A GLU 44 
7  1 Y 1 A LEU 45 ? A LEU 45 
8  1 Y 1 A TYR 46 ? A TYR 46 
9  1 Y 1 A ARG 47 ? A ARG 47 
10 1 Y 1 A GLY 48 ? A GLY 48 
11 1 Y 1 A ALA 49 ? A ALA 49 
12 1 Y 1 A GLU 50 ? A GLU 50 
13 1 Y 1 A TYR 51 ? A TYR 51 
14 1 Y 1 A SER 52 ? A SER 52 
# 
loop_
_chem_comp_atom.comp_id 
_chem_comp_atom.atom_id 
_chem_comp_atom.type_symbol 
_chem_comp_atom.pdbx_aromatic_flag 
_chem_comp_atom.pdbx_stereo_config 
_chem_comp_atom.pdbx_ordinal 
ALA N    N N N 1   
ALA CA   C N S 2   
ALA C    C N N 3   
ALA O    O N N 4   
ALA CB   C N N 5   
ALA OXT  O N N 6   
ALA H    H N N 7   
ALA H2   H N N 8   
ALA HA   H N N 9   
ALA HB1  H N N 10  
ALA HB2  H N N 11  
ALA HB3  H N N 12  
ALA HXT  H N N 13  
ARG N    N N N 14  
ARG CA   C N S 15  
ARG C    C N N 16  
ARG O    O N N 17  
ARG CB   C N N 18  
ARG CG   C N N 19  
ARG CD   C N N 20  
ARG NE   N N N 21  
ARG CZ   C N N 22  
ARG NH1  N N N 23  
ARG NH2  N N N 24  
ARG OXT  O N N 25  
ARG H    H N N 26  
ARG H2   H N N 27  
ARG HA   H N N 28  
ARG HB2  H N N 29  
ARG HB3  H N N 30  
ARG HG2  H N N 31  
ARG HG3  H N N 32  
ARG HD2  H N N 33  
ARG HD3  H N N 34  
ARG HE   H N N 35  
ARG HH11 H N N 36  
ARG HH12 H N N 37  
ARG HH21 H N N 38  
ARG HH22 H N N 39  
ARG HXT  H N N 40  
ASN N    N N N 41  
ASN CA   C N S 42  
ASN C    C N N 43  
ASN O    O N N 44  
ASN CB   C N N 45  
ASN CG   C N N 46  
ASN OD1  O N N 47  
ASN ND2  N N N 48  
ASN OXT  O N N 49  
ASN H    H N N 50  
ASN H2   H N N 51  
ASN HA   H N N 52  
ASN HB2  H N N 53  
ASN HB3  H N N 54  
ASN HD21 H N N 55  
ASN HD22 H N N 56  
ASN HXT  H N N 57  
ASP N    N N N 58  
ASP CA   C N S 59  
ASP C    C N N 60  
ASP O    O N N 61  
ASP CB   C N N 62  
ASP CG   C N N 63  
ASP OD1  O N N 64  
ASP OD2  O N N 65  
ASP OXT  O N N 66  
ASP H    H N N 67  
ASP H2   H N N 68  
ASP HA   H N N 69  
ASP HB2  H N N 70  
ASP HB3  H N N 71  
ASP HD2  H N N 72  
ASP HXT  H N N 73  
GLN N    N N N 74  
GLN CA   C N S 75  
GLN C    C N N 76  
GLN O    O N N 77  
GLN CB   C N N 78  
GLN CG   C N N 79  
GLN CD   C N N 80  
GLN OE1  O N N 81  
GLN NE2  N N N 82  
GLN OXT  O N N 83  
GLN H    H N N 84  
GLN H2   H N N 85  
GLN HA   H N N 86  
GLN HB2  H N N 87  
GLN HB3  H N N 88  
GLN HG2  H N N 89  
GLN HG3  H N N 90  
GLN HE21 H N N 91  
GLN HE22 H N N 92  
GLN HXT  H N N 93  
GLU N    N N N 94  
GLU CA   C N S 95  
GLU C    C N N 96  
GLU O    O N N 97  
GLU CB   C N N 98  
GLU CG   C N N 99  
GLU CD   C N N 100 
GLU OE1  O N N 101 
GLU OE2  O N N 102 
GLU OXT  O N N 103 
GLU H    H N N 104 
GLU H2   H N N 105 
GLU HA   H N N 106 
GLU HB2  H N N 107 
GLU HB3  H N N 108 
GLU HG2  H N N 109 
GLU HG3  H N N 110 
GLU HE2  H N N 111 
GLU HXT  H N N 112 
GLY N    N N N 113 
GLY CA   C N N 114 
GLY C    C N N 115 
GLY O    O N N 116 
GLY OXT  O N N 117 
GLY H    H N N 118 
GLY H2   H N N 119 
GLY HA2  H N N 120 
GLY HA3  H N N 121 
GLY HXT  H N N 122 
HIS N    N N N 123 
HIS CA   C N S 124 
HIS C    C N N 125 
HIS O    O N N 126 
HIS CB   C N N 127 
HIS CG   C Y N 128 
HIS ND1  N Y N 129 
HIS CD2  C Y N 130 
HIS CE1  C Y N 131 
HIS NE2  N Y N 132 
HIS OXT  O N N 133 
HIS H    H N N 134 
HIS H2   H N N 135 
HIS HA   H N N 136 
HIS HB2  H N N 137 
HIS HB3  H N N 138 
HIS HD1  H N N 139 
HIS HD2  H N N 140 
HIS HE1  H N N 141 
HIS HE2  H N N 142 
HIS HXT  H N N 143 
HOH O    O N N 144 
HOH H1   H N N 145 
HOH H2   H N N 146 
ILE N    N N N 147 
ILE CA   C N S 148 
ILE C    C N N 149 
ILE O    O N N 150 
ILE CB   C N S 151 
ILE CG1  C N N 152 
ILE CG2  C N N 153 
ILE CD1  C N N 154 
ILE OXT  O N N 155 
ILE H    H N N 156 
ILE H2   H N N 157 
ILE HA   H N N 158 
ILE HB   H N N 159 
ILE HG12 H N N 160 
ILE HG13 H N N 161 
ILE HG21 H N N 162 
ILE HG22 H N N 163 
ILE HG23 H N N 164 
ILE HD11 H N N 165 
ILE HD12 H N N 166 
ILE HD13 H N N 167 
ILE HXT  H N N 168 
LEU N    N N N 169 
LEU CA   C N S 170 
LEU C    C N N 171 
LEU O    O N N 172 
LEU CB   C N N 173 
LEU CG   C N N 174 
LEU CD1  C N N 175 
LEU CD2  C N N 176 
LEU OXT  O N N 177 
LEU H    H N N 178 
LEU H2   H N N 179 
LEU HA   H N N 180 
LEU HB2  H N N 181 
LEU HB3  H N N 182 
LEU HG   H N N 183 
LEU HD11 H N N 184 
LEU HD12 H N N 185 
LEU HD13 H N N 186 
LEU HD21 H N N 187 
LEU HD22 H N N 188 
LEU HD23 H N N 189 
LEU HXT  H N N 190 
LYS N    N N N 191 
LYS CA   C N S 192 
LYS C    C N N 193 
LYS O    O N N 194 
LYS CB   C N N 195 
LYS CG   C N N 196 
LYS CD   C N N 197 
LYS CE   C N N 198 
LYS NZ   N N N 199 
LYS OXT  O N N 200 
LYS H    H N N 201 
LYS H2   H N N 202 
LYS HA   H N N 203 
LYS HB2  H N N 204 
LYS HB3  H N N 205 
LYS HG2  H N N 206 
LYS HG3  H N N 207 
LYS HD2  H N N 208 
LYS HD3  H N N 209 
LYS HE2  H N N 210 
LYS HE3  H N N 211 
LYS HZ1  H N N 212 
LYS HZ2  H N N 213 
LYS HZ3  H N N 214 
LYS HXT  H N N 215 
MET N    N N N 216 
MET CA   C N S 217 
MET C    C N N 218 
MET O    O N N 219 
MET CB   C N N 220 
MET CG   C N N 221 
MET SD   S N N 222 
MET CE   C N N 223 
MET OXT  O N N 224 
MET H    H N N 225 
MET H2   H N N 226 
MET HA   H N N 227 
MET HB2  H N N 228 
MET HB3  H N N 229 
MET HG2  H N N 230 
MET HG3  H N N 231 
MET HE1  H N N 232 
MET HE2  H N N 233 
MET HE3  H N N 234 
MET HXT  H N N 235 
PHE N    N N N 236 
PHE CA   C N S 237 
PHE C    C N N 238 
PHE O    O N N 239 
PHE CB   C N N 240 
PHE CG   C Y N 241 
PHE CD1  C Y N 242 
PHE CD2  C Y N 243 
PHE CE1  C Y N 244 
PHE CE2  C Y N 245 
PHE CZ   C Y N 246 
PHE OXT  O N N 247 
PHE H    H N N 248 
PHE H2   H N N 249 
PHE HA   H N N 250 
PHE HB2  H N N 251 
PHE HB3  H N N 252 
PHE HD1  H N N 253 
PHE HD2  H N N 254 
PHE HE1  H N N 255 
PHE HE2  H N N 256 
PHE HZ   H N N 257 
PHE HXT  H N N 258 
PRO N    N N N 259 
PRO CA   C N S 260 
PRO C    C N N 261 
PRO O    O N N 262 
PRO CB   C N N 263 
PRO CG   C N N 264 
PRO CD   C N N 265 
PRO OXT  O N N 266 
PRO H    H N N 267 
PRO HA   H N N 268 
PRO HB2  H N N 269 
PRO HB3  H N N 270 
PRO HG2  H N N 271 
PRO HG3  H N N 272 
PRO HD2  H N N 273 
PRO HD3  H N N 274 
PRO HXT  H N N 275 
SER N    N N N 276 
SER CA   C N S 277 
SER C    C N N 278 
SER O    O N N 279 
SER CB   C N N 280 
SER OG   O N N 281 
SER OXT  O N N 282 
SER H    H N N 283 
SER H2   H N N 284 
SER HA   H N N 285 
SER HB2  H N N 286 
SER HB3  H N N 287 
SER HG   H N N 288 
SER HXT  H N N 289 
SO4 S    S N N 290 
SO4 O1   O N N 291 
SO4 O2   O N N 292 
SO4 O3   O N N 293 
SO4 O4   O N N 294 
THR N    N N N 295 
THR CA   C N S 296 
THR C    C N N 297 
THR O    O N N 298 
THR CB   C N R 299 
THR OG1  O N N 300 
THR CG2  C N N 301 
THR OXT  O N N 302 
THR H    H N N 303 
THR H2   H N N 304 
THR HA   H N N 305 
THR HB   H N N 306 
THR HG1  H N N 307 
THR HG21 H N N 308 
THR HG22 H N N 309 
THR HG23 H N N 310 
THR HXT  H N N 311 
TYR N    N N N 312 
TYR CA   C N S 313 
TYR C    C N N 314 
TYR O    O N N 315 
TYR CB   C N N 316 
TYR CG   C Y N 317 
TYR CD1  C Y N 318 
TYR CD2  C Y N 319 
TYR CE1  C Y N 320 
TYR CE2  C Y N 321 
TYR CZ   C Y N 322 
TYR OH   O N N 323 
TYR OXT  O N N 324 
TYR H    H N N 325 
TYR H2   H N N 326 
TYR HA   H N N 327 
TYR HB2  H N N 328 
TYR HB3  H N N 329 
TYR HD1  H N N 330 
TYR HD2  H N N 331 
TYR HE1  H N N 332 
TYR HE2  H N N 333 
TYR HH   H N N 334 
TYR HXT  H N N 335 
VAL N    N N N 336 
VAL CA   C N S 337 
VAL C    C N N 338 
VAL O    O N N 339 
VAL CB   C N N 340 
VAL CG1  C N N 341 
VAL CG2  C N N 342 
VAL OXT  O N N 343 
VAL H    H N N 344 
VAL H2   H N N 345 
VAL HA   H N N 346 
VAL HB   H N N 347 
VAL HG11 H N N 348 
VAL HG12 H N N 349 
VAL HG13 H N N 350 
VAL HG21 H N N 351 
VAL HG22 H N N 352 
VAL HG23 H N N 353 
VAL HXT  H N N 354 
# 
loop_
_chem_comp_bond.comp_id 
_chem_comp_bond.atom_id_1 
_chem_comp_bond.atom_id_2 
_chem_comp_bond.value_order 
_chem_comp_bond.pdbx_aromatic_flag 
_chem_comp_bond.pdbx_stereo_config 
_chem_comp_bond.pdbx_ordinal 
ALA N   CA   sing N N 1   
ALA N   H    sing N N 2   
ALA N   H2   sing N N 3   
ALA CA  C    sing N N 4   
ALA CA  CB   sing N N 5   
ALA CA  HA   sing N N 6   
ALA C   O    doub N N 7   
ALA C   OXT  sing N N 8   
ALA CB  HB1  sing N N 9   
ALA CB  HB2  sing N N 10  
ALA CB  HB3  sing N N 11  
ALA OXT HXT  sing N N 12  
ARG N   CA   sing N N 13  
ARG N   H    sing N N 14  
ARG N   H2   sing N N 15  
ARG CA  C    sing N N 16  
ARG CA  CB   sing N N 17  
ARG CA  HA   sing N N 18  
ARG C   O    doub N N 19  
ARG C   OXT  sing N N 20  
ARG CB  CG   sing N N 21  
ARG CB  HB2  sing N N 22  
ARG CB  HB3  sing N N 23  
ARG CG  CD   sing N N 24  
ARG CG  HG2  sing N N 25  
ARG CG  HG3  sing N N 26  
ARG CD  NE   sing N N 27  
ARG CD  HD2  sing N N 28  
ARG CD  HD3  sing N N 29  
ARG NE  CZ   sing N N 30  
ARG NE  HE   sing N N 31  
ARG CZ  NH1  sing N N 32  
ARG CZ  NH2  doub N N 33  
ARG NH1 HH11 sing N N 34  
ARG NH1 HH12 sing N N 35  
ARG NH2 HH21 sing N N 36  
ARG NH2 HH22 sing N N 37  
ARG OXT HXT  sing N N 38  
ASN N   CA   sing N N 39  
ASN N   H    sing N N 40  
ASN N   H2   sing N N 41  
ASN CA  C    sing N N 42  
ASN CA  CB   sing N N 43  
ASN CA  HA   sing N N 44  
ASN C   O    doub N N 45  
ASN C   OXT  sing N N 46  
ASN CB  CG   sing N N 47  
ASN CB  HB2  sing N N 48  
ASN CB  HB3  sing N N 49  
ASN CG  OD1  doub N N 50  
ASN CG  ND2  sing N N 51  
ASN ND2 HD21 sing N N 52  
ASN ND2 HD22 sing N N 53  
ASN OXT HXT  sing N N 54  
ASP N   CA   sing N N 55  
ASP N   H    sing N N 56  
ASP N   H2   sing N N 57  
ASP CA  C    sing N N 58  
ASP CA  CB   sing N N 59  
ASP CA  HA   sing N N 60  
ASP C   O    doub N N 61  
ASP C   OXT  sing N N 62  
ASP CB  CG   sing N N 63  
ASP CB  HB2  sing N N 64  
ASP CB  HB3  sing N N 65  
ASP CG  OD1  doub N N 66  
ASP CG  OD2  sing N N 67  
ASP OD2 HD2  sing N N 68  
ASP OXT HXT  sing N N 69  
GLN N   CA   sing N N 70  
GLN N   H    sing N N 71  
GLN N   H2   sing N N 72  
GLN CA  C    sing N N 73  
GLN CA  CB   sing N N 74  
GLN CA  HA   sing N N 75  
GLN C   O    doub N N 76  
GLN C   OXT  sing N N 77  
GLN CB  CG   sing N N 78  
GLN CB  HB2  sing N N 79  
GLN CB  HB3  sing N N 80  
GLN CG  CD   sing N N 81  
GLN CG  HG2  sing N N 82  
GLN CG  HG3  sing N N 83  
GLN CD  OE1  doub N N 84  
GLN CD  NE2  sing N N 85  
GLN NE2 HE21 sing N N 86  
GLN NE2 HE22 sing N N 87  
GLN OXT HXT  sing N N 88  
GLU N   CA   sing N N 89  
GLU N   H    sing N N 90  
GLU N   H2   sing N N 91  
GLU CA  C    sing N N 92  
GLU CA  CB   sing N N 93  
GLU CA  HA   sing N N 94  
GLU C   O    doub N N 95  
GLU C   OXT  sing N N 96  
GLU CB  CG   sing N N 97  
GLU CB  HB2  sing N N 98  
GLU CB  HB3  sing N N 99  
GLU CG  CD   sing N N 100 
GLU CG  HG2  sing N N 101 
GLU CG  HG3  sing N N 102 
GLU CD  OE1  doub N N 103 
GLU CD  OE2  sing N N 104 
GLU OE2 HE2  sing N N 105 
GLU OXT HXT  sing N N 106 
GLY N   CA   sing N N 107 
GLY N   H    sing N N 108 
GLY N   H2   sing N N 109 
GLY CA  C    sing N N 110 
GLY CA  HA2  sing N N 111 
GLY CA  HA3  sing N N 112 
GLY C   O    doub N N 113 
GLY C   OXT  sing N N 114 
GLY OXT HXT  sing N N 115 
HIS N   CA   sing N N 116 
HIS N   H    sing N N 117 
HIS N   H2   sing N N 118 
HIS CA  C    sing N N 119 
HIS CA  CB   sing N N 120 
HIS CA  HA   sing N N 121 
HIS C   O    doub N N 122 
HIS C   OXT  sing N N 123 
HIS CB  CG   sing N N 124 
HIS CB  HB2  sing N N 125 
HIS CB  HB3  sing N N 126 
HIS CG  ND1  sing Y N 127 
HIS CG  CD2  doub Y N 128 
HIS ND1 CE1  doub Y N 129 
HIS ND1 HD1  sing N N 130 
HIS CD2 NE2  sing Y N 131 
HIS CD2 HD2  sing N N 132 
HIS CE1 NE2  sing Y N 133 
HIS CE1 HE1  sing N N 134 
HIS NE2 HE2  sing N N 135 
HIS OXT HXT  sing N N 136 
HOH O   H1   sing N N 137 
HOH O   H2   sing N N 138 
ILE N   CA   sing N N 139 
ILE N   H    sing N N 140 
ILE N   H2   sing N N 141 
ILE CA  C    sing N N 142 
ILE CA  CB   sing N N 143 
ILE CA  HA   sing N N 144 
ILE C   O    doub N N 145 
ILE C   OXT  sing N N 146 
ILE CB  CG1  sing N N 147 
ILE CB  CG2  sing N N 148 
ILE CB  HB   sing N N 149 
ILE CG1 CD1  sing N N 150 
ILE CG1 HG12 sing N N 151 
ILE CG1 HG13 sing N N 152 
ILE CG2 HG21 sing N N 153 
ILE CG2 HG22 sing N N 154 
ILE CG2 HG23 sing N N 155 
ILE CD1 HD11 sing N N 156 
ILE CD1 HD12 sing N N 157 
ILE CD1 HD13 sing N N 158 
ILE OXT HXT  sing N N 159 
LEU N   CA   sing N N 160 
LEU N   H    sing N N 161 
LEU N   H2   sing N N 162 
LEU CA  C    sing N N 163 
LEU CA  CB   sing N N 164 
LEU CA  HA   sing N N 165 
LEU C   O    doub N N 166 
LEU C   OXT  sing N N 167 
LEU CB  CG   sing N N 168 
LEU CB  HB2  sing N N 169 
LEU CB  HB3  sing N N 170 
LEU CG  CD1  sing N N 171 
LEU CG  CD2  sing N N 172 
LEU CG  HG   sing N N 173 
LEU CD1 HD11 sing N N 174 
LEU CD1 HD12 sing N N 175 
LEU CD1 HD13 sing N N 176 
LEU CD2 HD21 sing N N 177 
LEU CD2 HD22 sing N N 178 
LEU CD2 HD23 sing N N 179 
LEU OXT HXT  sing N N 180 
LYS N   CA   sing N N 181 
LYS N   H    sing N N 182 
LYS N   H2   sing N N 183 
LYS CA  C    sing N N 184 
LYS CA  CB   sing N N 185 
LYS CA  HA   sing N N 186 
LYS C   O    doub N N 187 
LYS C   OXT  sing N N 188 
LYS CB  CG   sing N N 189 
LYS CB  HB2  sing N N 190 
LYS CB  HB3  sing N N 191 
LYS CG  CD   sing N N 192 
LYS CG  HG2  sing N N 193 
LYS CG  HG3  sing N N 194 
LYS CD  CE   sing N N 195 
LYS CD  HD2  sing N N 196 
LYS CD  HD3  sing N N 197 
LYS CE  NZ   sing N N 198 
LYS CE  HE2  sing N N 199 
LYS CE  HE3  sing N N 200 
LYS NZ  HZ1  sing N N 201 
LYS NZ  HZ2  sing N N 202 
LYS NZ  HZ3  sing N N 203 
LYS OXT HXT  sing N N 204 
MET N   CA   sing N N 205 
MET N   H    sing N N 206 
MET N   H2   sing N N 207 
MET CA  C    sing N N 208 
MET CA  CB   sing N N 209 
MET CA  HA   sing N N 210 
MET C   O    doub N N 211 
MET C   OXT  sing N N 212 
MET CB  CG   sing N N 213 
MET CB  HB2  sing N N 214 
MET CB  HB3  sing N N 215 
MET CG  SD   sing N N 216 
MET CG  HG2  sing N N 217 
MET CG  HG3  sing N N 218 
MET SD  CE   sing N N 219 
MET CE  HE1  sing N N 220 
MET CE  HE2  sing N N 221 
MET CE  HE3  sing N N 222 
MET OXT HXT  sing N N 223 
PHE N   CA   sing N N 224 
PHE N   H    sing N N 225 
PHE N   H2   sing N N 226 
PHE CA  C    sing N N 227 
PHE CA  CB   sing N N 228 
PHE CA  HA   sing N N 229 
PHE C   O    doub N N 230 
PHE C   OXT  sing N N 231 
PHE CB  CG   sing N N 232 
PHE CB  HB2  sing N N 233 
PHE CB  HB3  sing N N 234 
PHE CG  CD1  doub Y N 235 
PHE CG  CD2  sing Y N 236 
PHE CD1 CE1  sing Y N 237 
PHE CD1 HD1  sing N N 238 
PHE CD2 CE2  doub Y N 239 
PHE CD2 HD2  sing N N 240 
PHE CE1 CZ   doub Y N 241 
PHE CE1 HE1  sing N N 242 
PHE CE2 CZ   sing Y N 243 
PHE CE2 HE2  sing N N 244 
PHE CZ  HZ   sing N N 245 
PHE OXT HXT  sing N N 246 
PRO N   CA   sing N N 247 
PRO N   CD   sing N N 248 
PRO N   H    sing N N 249 
PRO CA  C    sing N N 250 
PRO CA  CB   sing N N 251 
PRO CA  HA   sing N N 252 
PRO C   O    doub N N 253 
PRO C   OXT  sing N N 254 
PRO CB  CG   sing N N 255 
PRO CB  HB2  sing N N 256 
PRO CB  HB3  sing N N 257 
PRO CG  CD   sing N N 258 
PRO CG  HG2  sing N N 259 
PRO CG  HG3  sing N N 260 
PRO CD  HD2  sing N N 261 
PRO CD  HD3  sing N N 262 
PRO OXT HXT  sing N N 263 
SER N   CA   sing N N 264 
SER N   H    sing N N 265 
SER N   H2   sing N N 266 
SER CA  C    sing N N 267 
SER CA  CB   sing N N 268 
SER CA  HA   sing N N 269 
SER C   O    doub N N 270 
SER C   OXT  sing N N 271 
SER CB  OG   sing N N 272 
SER CB  HB2  sing N N 273 
SER CB  HB3  sing N N 274 
SER OG  HG   sing N N 275 
SER OXT HXT  sing N N 276 
SO4 S   O1   doub N N 277 
SO4 S   O2   doub N N 278 
SO4 S   O3   sing N N 279 
SO4 S   O4   sing N N 280 
THR N   CA   sing N N 281 
THR N   H    sing N N 282 
THR N   H2   sing N N 283 
THR CA  C    sing N N 284 
THR CA  CB   sing N N 285 
THR CA  HA   sing N N 286 
THR C   O    doub N N 287 
THR C   OXT  sing N N 288 
THR CB  OG1  sing N N 289 
THR CB  CG2  sing N N 290 
THR CB  HB   sing N N 291 
THR OG1 HG1  sing N N 292 
THR CG2 HG21 sing N N 293 
THR CG2 HG22 sing N N 294 
THR CG2 HG23 sing N N 295 
THR OXT HXT  sing N N 296 
TYR N   CA   sing N N 297 
TYR N   H    sing N N 298 
TYR N   H2   sing N N 299 
TYR CA  C    sing N N 300 
TYR CA  CB   sing N N 301 
TYR CA  HA   sing N N 302 
TYR C   O    doub N N 303 
TYR C   OXT  sing N N 304 
TYR CB  CG   sing N N 305 
TYR CB  HB2  sing N N 306 
TYR CB  HB3  sing N N 307 
TYR CG  CD1  doub Y N 308 
TYR CG  CD2  sing Y N 309 
TYR CD1 CE1  sing Y N 310 
TYR CD1 HD1  sing N N 311 
TYR CD2 CE2  doub Y N 312 
TYR CD2 HD2  sing N N 313 
TYR CE1 CZ   doub Y N 314 
TYR CE1 HE1  sing N N 315 
TYR CE2 CZ   sing Y N 316 
TYR CE2 HE2  sing N N 317 
TYR CZ  OH   sing N N 318 
TYR OH  HH   sing N N 319 
TYR OXT HXT  sing N N 320 
VAL N   CA   sing N N 321 
VAL N   H    sing N N 322 
VAL N   H2   sing N N 323 
VAL CA  C    sing N N 324 
VAL CA  CB   sing N N 325 
VAL CA  HA   sing N N 326 
VAL C   O    doub N N 327 
VAL C   OXT  sing N N 328 
VAL CB  CG1  sing N N 329 
VAL CB  CG2  sing N N 330 
VAL CB  HB   sing N N 331 
VAL CG1 HG11 sing N N 332 
VAL CG1 HG12 sing N N 333 
VAL CG1 HG13 sing N N 334 
VAL CG2 HG21 sing N N 335 
VAL CG2 HG22 sing N N 336 
VAL CG2 HG23 sing N N 337 
VAL OXT HXT  sing N N 338 
# 
_atom_sites.entry_id                    1GNK 
_atom_sites.fract_transf_matrix[1][1]   -0.00645524 
_atom_sites.fract_transf_matrix[1][2]   -0.00504093 
_atom_sites.fract_transf_matrix[1][3]   0.00834397 
_atom_sites.fract_transf_matrix[2][1]   0.00330955 
_atom_sites.fract_transf_matrix[2][2]   0.00827989 
_atom_sites.fract_transf_matrix[2][3]   0.00756262 
_atom_sites.fract_transf_matrix[3][1]   -0.00916950 
_atom_sites.fract_transf_matrix[3][2]   0.00653722 
_atom_sites.fract_transf_matrix[3][3]   -0.00314450 
_atom_sites.fract_transf_vector[1]      0.155837 
_atom_sites.fract_transf_vector[2]      0.512069 
_atom_sites.fract_transf_vector[3]      0.144313 
# 
loop_
_atom_type.symbol 
C 
N 
O 
S 
# 
loop_
_atom_site.group_PDB 
_atom_site.id 
_atom_site.type_symbol 
_atom_site.label_atom_id 
_atom_site.label_alt_id 
_atom_site.label_comp_id 
_atom_site.label_asym_id 
_atom_site.label_entity_id 
_atom_site.label_seq_id 
_atom_site.pdbx_PDB_ins_code 
_atom_site.Cartn_x 
_atom_site.Cartn_y 
_atom_site.Cartn_z 
_atom_site.occupancy 
_atom_site.B_iso_or_equiv 
_atom_site.pdbx_formal_charge 
_atom_site.auth_seq_id 
_atom_site.auth_comp_id 
_atom_site.auth_asym_id 
_atom_site.auth_atom_id 
_atom_site.pdbx_PDB_model_num 
ATOM   1    N N   . MET A 1 1   ? -2.142  -18.197 -33.828 1.00 18.39 ? 1   MET A N   1 
ATOM   2    C CA  . MET A 1 1   ? -2.841  -17.361 -32.831 1.00 14.74 ? 1   MET A CA  1 
ATOM   3    C C   . MET A 1 1   ? -2.576  -17.887 -31.433 1.00 15.24 ? 1   MET A C   1 
ATOM   4    O O   . MET A 1 1   ? -2.271  -19.070 -31.251 1.00 14.20 ? 1   MET A O   1 
ATOM   5    C CB  . MET A 1 1   ? -4.336  -17.338 -33.129 1.00 15.42 ? 1   MET A CB  1 
ATOM   6    C CG  . MET A 1 1   ? -4.662  -16.845 -34.513 1.00 13.67 ? 1   MET A CG  1 
ATOM   7    S SD  . MET A 1 1   ? -6.410  -16.749 -34.719 1.00 12.81 ? 1   MET A SD  1 
ATOM   8    C CE  . MET A 1 1   ? -6.742  -18.490 -34.930 1.00 11.38 ? 1   MET A CE  1 
ATOM   9    N N   . LYS A 1 2   ? -2.679  -16.984 -30.464 1.00 10.45 ? 2   LYS A N   1 
ATOM   10   C CA  . LYS A 1 2   ? -2.436  -17.303 -29.069 1.00 12.61 ? 2   LYS A CA  1 
ATOM   11   C C   . LYS A 1 2   ? -3.547  -16.752 -28.197 1.00 13.42 ? 2   LYS A C   1 
ATOM   12   O O   . LYS A 1 2   ? -4.181  -15.764 -28.556 1.00 10.71 ? 2   LYS A O   1 
ATOM   13   C CB  . LYS A 1 2   ? -1.107  -16.673 -28.597 1.00 12.67 ? 2   LYS A CB  1 
ATOM   14   C CG  . LYS A 1 2   ? 0.170   -17.125 -29.339 1.00 12.32 ? 2   LYS A CG  1 
ATOM   15   C CD  . LYS A 1 2   ? 0.510   -18.570 -29.024 1.00 12.94 ? 2   LYS A CD  1 
ATOM   16   C CE  . LYS A 1 2   ? 1.792   -18.992 -29.711 1.00 16.87 ? 2   LYS A CE  1 
ATOM   17   N NZ  . LYS A 1 2   ? 1.489   -19.382 -31.108 1.00 29.30 ? 2   LYS A NZ  1 
ATOM   18   N N   . LEU A 1 3   ? -3.804  -17.412 -27.070 1.00 13.83 ? 3   LEU A N   1 
ATOM   19   C CA  . LEU A 1 3   ? -4.801  -16.932 -26.112 1.00 15.05 ? 3   LEU A CA  1 
ATOM   20   C C   . LEU A 1 3   ? -3.947  -16.541 -24.919 1.00 12.59 ? 3   LEU A C   1 
ATOM   21   O O   . LEU A 1 3   ? -3.278  -17.392 -24.345 1.00 13.45 ? 3   LEU A O   1 
ATOM   22   C CB  . LEU A 1 3   ? -5.783  -18.037 -25.741 1.00 12.74 ? 3   LEU A CB  1 
ATOM   23   C CG  . LEU A 1 3   ? -7.123  -17.641 -25.088 1.00 22.35 ? 3   LEU A CG  1 
ATOM   24   C CD1 . LEU A 1 3   ? -6.943  -17.126 -23.690 1.00 18.53 ? 3   LEU A CD1 1 
ATOM   25   C CD2 . LEU A 1 3   ? -7.843  -16.595 -25.929 1.00 22.82 ? 3   LEU A CD2 1 
ATOM   26   N N   . VAL A 1 4   ? -3.862  -15.243 -24.646 1.00 14.20 ? 4   VAL A N   1 
ATOM   27   C CA  . VAL A 1 4   ? -3.052  -14.727 -23.530 1.00 12.64 ? 4   VAL A CA  1 
ATOM   28   C C   . VAL A 1 4   ? -3.938  -14.403 -22.342 1.00 15.39 ? 4   VAL A C   1 
ATOM   29   O O   . VAL A 1 4   ? -4.904  -13.626 -22.461 1.00 15.64 ? 4   VAL A O   1 
ATOM   30   C CB  . VAL A 1 4   ? -2.254  -13.433 -23.897 1.00 13.37 ? 4   VAL A CB  1 
ATOM   31   C CG1 . VAL A 1 4   ? -1.500  -12.949 -22.681 1.00 10.72 ? 4   VAL A CG1 1 
ATOM   32   C CG2 . VAL A 1 4   ? -1.249  -13.693 -25.041 1.00 12.04 ? 4   VAL A CG2 1 
ATOM   33   N N   . THR A 1 5   ? -3.635  -15.038 -21.212 1.00 14.35 ? 5   THR A N   1 
ATOM   34   C CA  . THR A 1 5   ? -4.393  -14.823 -19.988 1.00 14.26 ? 5   THR A CA  1 
ATOM   35   C C   . THR A 1 5   ? -3.541  -14.056 -19.000 1.00 13.98 ? 5   THR A C   1 
ATOM   36   O O   . THR A 1 5   ? -2.397  -14.443 -18.739 1.00 14.65 ? 5   THR A O   1 
ATOM   37   C CB  . THR A 1 5   ? -4.783  -16.144 -19.331 1.00 13.74 ? 5   THR A CB  1 
ATOM   38   O OG1 . THR A 1 5   ? -5.529  -16.938 -20.266 1.00 17.47 ? 5   THR A OG1 1 
ATOM   39   C CG2 . THR A 1 5   ? -5.636  -15.871 -18.094 1.00 12.04 ? 5   THR A CG2 1 
ATOM   40   N N   . VAL A 1 6   ? -4.105  -12.997 -18.430 1.00 10.56 ? 6   VAL A N   1 
ATOM   41   C CA  . VAL A 1 6   ? -3.392  -12.166 -17.463 1.00 12.10 ? 6   VAL A CA  1 
ATOM   42   C C   . VAL A 1 6   ? -4.143  -12.062 -16.115 1.00 13.26 ? 6   VAL A C   1 
ATOM   43   O O   . VAL A 1 6   ? -5.289  -11.627 -16.078 1.00 11.24 ? 6   VAL A O   1 
ATOM   44   C CB  . VAL A 1 6   ? -3.160  -10.751 -18.032 1.00 9.89  ? 6   VAL A CB  1 
ATOM   45   C CG1 . VAL A 1 6   ? -2.167  -10.009 -17.161 1.00 12.76 ? 6   VAL A CG1 1 
ATOM   46   C CG2 . VAL A 1 6   ? -2.672  -10.829 -19.493 1.00 7.22  ? 6   VAL A CG2 1 
ATOM   47   N N   . ILE A 1 7   ? -3.510  -12.502 -15.027 1.00 15.12 ? 7   ILE A N   1 
ATOM   48   C CA  . ILE A 1 7   ? -4.116  -12.443 -13.691 1.00 15.80 ? 7   ILE A CA  1 
ATOM   49   C C   . ILE A 1 7   ? -3.434  -11.268 -13.013 1.00 14.63 ? 7   ILE A C   1 
ATOM   50   O O   . ILE A 1 7   ? -2.218  -11.287 -12.852 1.00 17.74 ? 7   ILE A O   1 
ATOM   51   C CB  . ILE A 1 7   ? -3.817  -13.729 -12.878 1.00 16.33 ? 7   ILE A CB  1 
ATOM   52   C CG1 . ILE A 1 7   ? -4.130  -14.971 -13.715 1.00 20.74 ? 7   ILE A CG1 1 
ATOM   53   C CG2 . ILE A 1 7   ? -4.657  -13.754 -11.578 1.00 18.85 ? 7   ILE A CG2 1 
ATOM   54   C CD1 . ILE A 1 7   ? -5.590  -15.231 -13.926 1.00 18.66 ? 7   ILE A CD1 1 
ATOM   55   N N   . ILE A 1 8   ? -4.187  -10.272 -12.566 1.00 13.02 ? 8   ILE A N   1 
ATOM   56   C CA  . ILE A 1 8   ? -3.556  -9.101  -11.971 1.00 12.47 ? 8   ILE A CA  1 
ATOM   57   C C   . ILE A 1 8   ? -4.269  -8.585  -10.735 1.00 14.93 ? 8   ILE A C   1 
ATOM   58   O O   . ILE A 1 8   ? -5.229  -9.180  -10.256 1.00 18.99 ? 8   ILE A O   1 
ATOM   59   C CB  . ILE A 1 8   ? -3.521  -7.931  -13.023 1.00 16.72 ? 8   ILE A CB  1 
ATOM   60   C CG1 . ILE A 1 8   ? -4.950  -7.572  -13.462 1.00 17.53 ? 8   ILE A CG1 1 
ATOM   61   C CG2 . ILE A 1 8   ? -2.659  -8.309  -14.254 1.00 19.38 ? 8   ILE A CG2 1 
ATOM   62   C CD1 . ILE A 1 8   ? -5.034  -6.419  -14.408 1.00 19.57 ? 8   ILE A CD1 1 
ATOM   63   N N   . LYS A 1 9   ? -3.763  -7.478  -10.196 1.00 16.22 ? 9   LYS A N   1 
ATOM   64   C CA  . LYS A 1 9   ? -4.399  -6.815  -9.067  1.00 16.68 ? 9   LYS A CA  1 
ATOM   65   C C   . LYS A 1 9   ? -5.579  -6.094  -9.711  1.00 16.38 ? 9   LYS A C   1 
ATOM   66   O O   . LYS A 1 9   ? -5.399  -5.421  -10.731 1.00 14.52 ? 9   LYS A O   1 
ATOM   67   C CB  . LYS A 1 9   ? -3.421  -5.817  -8.440  1.00 17.88 ? 9   LYS A CB  1 
ATOM   68   C CG  . LYS A 1 9   ? -2.507  -6.491  -7.459  1.00 19.96 ? 9   LYS A CG  1 
ATOM   69   C CD  . LYS A 1 9   ? -1.209  -5.774  -7.197  1.00 20.73 ? 9   LYS A CD  1 
ATOM   70   C CE  . LYS A 1 9   ? -0.521  -6.528  -6.087  1.00 21.07 ? 9   LYS A CE  1 
ATOM   71   N NZ  . LYS A 1 9   ? 0.893   -6.148  -5.909  1.00 25.50 ? 9   LYS A NZ  1 
ATOM   72   N N   . PRO A 1 10  ? -6.814  -6.218  -9.144  1.00 15.83 ? 10  PRO A N   1 
ATOM   73   C CA  . PRO A 1 10  ? -8.019  -5.586  -9.684  1.00 15.38 ? 10  PRO A CA  1 
ATOM   74   C C   . PRO A 1 10  ? -7.871  -4.096  -9.990  1.00 15.45 ? 10  PRO A C   1 
ATOM   75   O O   . PRO A 1 10  ? -8.423  -3.607  -10.980 1.00 15.37 ? 10  PRO A O   1 
ATOM   76   C CB  . PRO A 1 10  ? -9.072  -5.844  -8.604  1.00 10.40 ? 10  PRO A CB  1 
ATOM   77   C CG  . PRO A 1 10  ? -8.632  -7.132  -8.027  1.00 12.18 ? 10  PRO A CG  1 
ATOM   78   C CD  . PRO A 1 10  ? -7.135  -6.957  -7.909  1.00 9.95  ? 10  PRO A CD  1 
ATOM   79   N N   . PHE A 1 11  ? -7.124  -3.380  -9.153  1.00 14.60 ? 11  PHE A N   1 
ATOM   80   C CA  . PHE A 1 11  ? -6.923  -1.953  -9.377  1.00 15.86 ? 11  PHE A CA  1 
ATOM   81   C C   . PHE A 1 11  ? -5.996  -1.587  -10.553 1.00 17.28 ? 11  PHE A C   1 
ATOM   82   O O   . PHE A 1 11  ? -5.909  -0.424  -10.935 1.00 16.13 ? 11  PHE A O   1 
ATOM   83   C CB  . PHE A 1 11  ? -6.486  -1.244  -8.092  1.00 13.83 ? 11  PHE A CB  1 
ATOM   84   C CG  . PHE A 1 11  ? -5.145  -1.655  -7.579  1.00 11.42 ? 11  PHE A CG  1 
ATOM   85   C CD1 . PHE A 1 11  ? -5.031  -2.715  -6.679  1.00 17.47 ? 11  PHE A CD1 1 
ATOM   86   C CD2 . PHE A 1 11  ? -4.005  -0.954  -7.927  1.00 13.66 ? 11  PHE A CD2 1 
ATOM   87   C CE1 . PHE A 1 11  ? -3.793  -3.059  -6.126  1.00 14.69 ? 11  PHE A CE1 1 
ATOM   88   C CE2 . PHE A 1 11  ? -2.771  -1.288  -7.387  1.00 11.44 ? 11  PHE A CE2 1 
ATOM   89   C CZ  . PHE A 1 11  ? -2.667  -2.347  -6.480  1.00 14.91 ? 11  PHE A CZ  1 
ATOM   90   N N   . LYS A 1 12  ? -5.312  -2.577  -11.126 1.00 18.81 ? 12  LYS A N   1 
ATOM   91   C CA  . LYS A 1 12  ? -4.415  -2.348  -12.254 1.00 17.49 ? 12  LYS A CA  1 
ATOM   92   C C   . LYS A 1 12  ? -5.103  -2.589  -13.601 1.00 16.03 ? 12  LYS A C   1 
ATOM   93   O O   . LYS A 1 12  ? -4.501  -2.410  -14.667 1.00 17.76 ? 12  LYS A O   1 
ATOM   94   C CB  . LYS A 1 12  ? -3.154  -3.230  -12.134 1.00 16.98 ? 12  LYS A CB  1 
ATOM   95   C CG  . LYS A 1 12  ? -2.197  -2.833  -11.021 1.00 14.67 ? 12  LYS A CG  1 
ATOM   96   C CD  . LYS A 1 12  ? -1.671  -1.424  -11.232 1.00 15.41 ? 12  LYS A CD  1 
ATOM   97   C CE  . LYS A 1 12  ? -0.533  -1.441  -12.203 1.00 19.19 ? 12  LYS A CE  1 
ATOM   98   N NZ  . LYS A 1 12  ? 0.102   -0.106  -12.385 1.00 24.03 ? 12  LYS A NZ  1 
ATOM   99   N N   . LEU A 1 13  ? -6.375  -2.948  -13.549 1.00 14.16 ? 13  LEU A N   1 
ATOM   100  C CA  . LEU A 1 13  ? -7.164  -3.228  -14.741 1.00 19.15 ? 13  LEU A CA  1 
ATOM   101  C C   . LEU A 1 13  ? -7.162  -2.058  -15.731 1.00 23.03 ? 13  LEU A C   1 
ATOM   102  O O   . LEU A 1 13  ? -6.872  -2.246  -16.913 1.00 24.95 ? 13  LEU A O   1 
ATOM   103  C CB  . LEU A 1 13  ? -8.612  -3.543  -14.360 1.00 20.93 ? 13  LEU A CB  1 
ATOM   104  C CG  . LEU A 1 13  ? -9.510  -4.493  -15.187 1.00 23.38 ? 13  LEU A CG  1 
ATOM   105  C CD1 . LEU A 1 13  ? -10.984 -4.148  -14.993 1.00 21.43 ? 13  LEU A CD1 1 
ATOM   106  C CD2 . LEU A 1 13  ? -9.169  -4.453  -16.636 1.00 21.18 ? 13  LEU A CD2 1 
ATOM   107  N N   . GLU A 1 14  ? -7.486  -0.853  -15.273 1.00 21.20 ? 14  GLU A N   1 
ATOM   108  C CA  . GLU A 1 14  ? -7.511  0.274   -16.205 1.00 22.57 ? 14  GLU A CA  1 
ATOM   109  C C   . GLU A 1 14  ? -6.149  0.538   -16.836 1.00 18.96 ? 14  GLU A C   1 
ATOM   110  O O   . GLU A 1 14  ? -6.057  0.832   -18.029 1.00 17.56 ? 14  GLU A O   1 
ATOM   111  C CB  . GLU A 1 14  ? -8.057  1.546   -15.543 1.00 28.78 ? 14  GLU A CB  1 
ATOM   112  C CG  . GLU A 1 14  ? -8.225  2.738   -16.499 1.00 32.13 ? 14  GLU A CG  1 
ATOM   113  C CD  . GLU A 1 14  ? -9.176  2.459   -17.665 1.00 37.14 ? 14  GLU A CD  1 
ATOM   114  O OE1 . GLU A 1 14  ? -10.142 1.670   -17.493 1.00 36.83 ? 14  GLU A OE1 1 
ATOM   115  O OE2 . GLU A 1 14  ? -8.953  3.039   -18.759 1.00 38.52 ? 14  GLU A OE2 1 
ATOM   116  N N   . ASP A 1 15  ? -5.090  0.432   -16.047 1.00 17.22 ? 15  ASP A N   1 
ATOM   117  C CA  . ASP A 1 15  ? -3.771  0.656   -16.589 1.00 19.30 ? 15  ASP A CA  1 
ATOM   118  C C   . ASP A 1 15  ? -3.472  -0.387  -17.666 1.00 19.92 ? 15  ASP A C   1 
ATOM   119  O O   . ASP A 1 15  ? -2.952  -0.055  -18.740 1.00 20.23 ? 15  ASP A O   1 
ATOM   120  C CB  . ASP A 1 15  ? -2.720  0.625   -15.484 1.00 22.20 ? 15  ASP A CB  1 
ATOM   121  C CG  . ASP A 1 15  ? -2.817  1.830   -14.539 1.00 28.53 ? 15  ASP A CG  1 
ATOM   122  O OD1 . ASP A 1 15  ? -2.114  1.822   -13.502 1.00 28.98 ? 15  ASP A OD1 1 
ATOM   123  O OD2 . ASP A 1 15  ? -3.597  2.772   -14.826 1.00 29.17 ? 15  ASP A OD2 1 
ATOM   124  N N   . VAL A 1 16  ? -3.837  -1.636  -17.407 1.00 18.67 ? 16  VAL A N   1 
ATOM   125  C CA  . VAL A 1 16  ? -3.595  -2.685  -18.390 1.00 18.05 ? 16  VAL A CA  1 
ATOM   126  C C   . VAL A 1 16  ? -4.423  -2.439  -19.650 1.00 17.76 ? 16  VAL A C   1 
ATOM   127  O O   . VAL A 1 16  ? -3.879  -2.447  -20.761 1.00 18.49 ? 16  VAL A O   1 
ATOM   128  C CB  . VAL A 1 16  ? -3.837  -4.105  -17.811 1.00 18.66 ? 16  VAL A CB  1 
ATOM   129  C CG1 . VAL A 1 16  ? -3.604  -5.147  -18.881 1.00 15.28 ? 16  VAL A CG1 1 
ATOM   130  C CG2 . VAL A 1 16  ? -2.894  -4.348  -16.614 1.00 17.33 ? 16  VAL A CG2 1 
ATOM   131  N N   . ARG A 1 17  ? -5.711  -2.146  -19.474 1.00 16.82 ? 17  ARG A N   1 
ATOM   132  C CA  . ARG A 1 17  ? -6.595  -1.864  -20.598 1.00 18.76 ? 17  ARG A CA  1 
ATOM   133  C C   . ARG A 1 17  ? -6.076  -0.691  -21.466 1.00 18.62 ? 17  ARG A C   1 
ATOM   134  O O   . ARG A 1 17  ? -5.950  -0.818  -22.675 1.00 18.07 ? 17  ARG A O   1 
ATOM   135  C CB  . ARG A 1 17  ? -8.004  -1.566  -20.096 1.00 18.10 ? 17  ARG A CB  1 
ATOM   136  C CG  . ARG A 1 17  ? -9.065  -1.523  -21.191 1.00 23.82 ? 17  ARG A CG  1 
ATOM   137  C CD  . ARG A 1 17  ? -10.211 -0.556  -20.852 1.00 28.24 ? 17  ARG A CD  1 
ATOM   138  N NE  . ARG A 1 17  ? -9.712  0.820   -20.738 1.00 33.17 ? 17  ARG A NE  1 
ATOM   139  C CZ  . ARG A 1 17  ? -9.725  1.713   -21.727 1.00 33.23 ? 17  ARG A CZ  1 
ATOM   140  N NH1 . ARG A 1 17  ? -9.236  2.928   -21.535 1.00 33.17 ? 17  ARG A NH1 1 
ATOM   141  N NH2 . ARG A 1 17  ? -10.231 1.395   -22.909 1.00 35.34 ? 17  ARG A NH2 1 
ATOM   142  N N   . GLU A 1 18  ? -5.751  0.438   -20.854 1.00 23.28 ? 18  GLU A N   1 
ATOM   143  C CA  . GLU A 1 18  ? -5.258  1.583   -21.616 1.00 24.40 ? 18  GLU A CA  1 
ATOM   144  C C   . GLU A 1 18  ? -3.958  1.231   -22.332 1.00 25.17 ? 18  GLU A C   1 
ATOM   145  O O   . GLU A 1 18  ? -3.736  1.633   -23.486 1.00 28.79 ? 18  GLU A O   1 
ATOM   146  C CB  . GLU A 1 18  ? -5.053  2.794   -20.704 1.00 27.12 ? 18  GLU A CB  1 
ATOM   147  N N   . ALA A 1 19  ? -3.101  0.471   -21.659 1.00 21.89 ? 19  ALA A N   1 
ATOM   148  C CA  . ALA A 1 19  ? -1.835  0.059   -22.265 1.00 19.72 ? 19  ALA A CA  1 
ATOM   149  C C   . ALA A 1 19  ? -2.091  -0.815  -23.507 1.00 18.99 ? 19  ALA A C   1 
ATOM   150  O O   . ALA A 1 19  ? -1.513  -0.585  -24.560 1.00 16.77 ? 19  ALA A O   1 
ATOM   151  C CB  . ALA A 1 19  ? -0.977  -0.691  -21.246 1.00 17.73 ? 19  ALA A CB  1 
ATOM   152  N N   . LEU A 1 20  ? -2.971  -1.804  -23.387 1.00 15.66 ? 20  LEU A N   1 
ATOM   153  C CA  . LEU A 1 20  ? -3.267  -2.660  -24.520 1.00 16.07 ? 20  LEU A CA  1 
ATOM   154  C C   . LEU A 1 20  ? -3.912  -1.827  -25.620 1.00 19.97 ? 20  LEU A C   1 
ATOM   155  O O   . LEU A 1 20  ? -3.600  -1.990  -26.796 1.00 22.84 ? 20  LEU A O   1 
ATOM   156  C CB  . LEU A 1 20  ? -4.199  -3.797  -24.107 1.00 17.49 ? 20  LEU A CB  1 
ATOM   157  C CG  . LEU A 1 20  ? -3.693  -5.230  -23.910 1.00 17.91 ? 20  LEU A CG  1 
ATOM   158  C CD1 . LEU A 1 20  ? -2.198  -5.339  -23.996 1.00 18.24 ? 20  LEU A CD1 1 
ATOM   159  C CD2 . LEU A 1 20  ? -4.241  -5.776  -22.621 1.00 16.87 ? 20  LEU A CD2 1 
ATOM   160  N N   . SER A 1 21  ? -4.807  -0.922  -25.232 1.00 20.49 ? 21  SER A N   1 
ATOM   161  C CA  . SER A 1 21  ? -5.493  -0.054  -26.176 1.00 22.19 ? 21  SER A CA  1 
ATOM   162  C C   . SER A 1 21  ? -4.470  0.799   -26.911 1.00 23.50 ? 21  SER A C   1 
ATOM   163  O O   . SER A 1 21  ? -4.651  1.079   -28.095 1.00 25.89 ? 21  SER A O   1 
ATOM   164  C CB  . SER A 1 21  ? -6.515  0.842   -25.456 1.00 22.21 ? 21  SER A CB  1 
ATOM   165  O OG  . SER A 1 21  ? -7.179  1.728   -26.357 1.00 23.52 ? 21  SER A OG  1 
ATOM   166  N N   . SER A 1 22  ? -3.393  1.196   -26.233 1.00 23.31 ? 22  SER A N   1 
ATOM   167  C CA  . SER A 1 22  ? -2.364  2.004   -26.880 1.00 22.72 ? 22  SER A CA  1 
ATOM   168  C C   . SER A 1 22  ? -1.666  1.248   -28.009 1.00 23.92 ? 22  SER A C   1 
ATOM   169  O O   . SER A 1 22  ? -1.008  1.872   -28.847 1.00 26.15 ? 22  SER A O   1 
ATOM   170  C CB  . SER A 1 22  ? -1.326  2.502   -25.881 1.00 23.23 ? 22  SER A CB  1 
ATOM   171  O OG  . SER A 1 22  ? -0.465  1.458   -25.456 1.00 26.42 ? 22  SER A OG  1 
ATOM   172  N N   . ILE A 1 23  ? -1.739  -0.087  -28.000 1.00 23.08 ? 23  ILE A N   1 
ATOM   173  C CA  . ILE A 1 23  ? -1.149  -0.867  -29.087 1.00 18.85 ? 23  ILE A CA  1 
ATOM   174  C C   . ILE A 1 23  ? -2.224  -1.485  -29.993 1.00 20.36 ? 23  ILE A C   1 
ATOM   175  O O   . ILE A 1 23  ? -1.996  -2.524  -30.606 1.00 24.50 ? 23  ILE A O   1 
ATOM   176  C CB  . ILE A 1 23  ? -0.164  -1.978  -28.630 1.00 19.42 ? 23  ILE A CB  1 
ATOM   177  C CG1 . ILE A 1 23  ? -0.788  -2.891  -27.575 1.00 19.14 ? 23  ILE A CG1 1 
ATOM   178  C CG2 . ILE A 1 23  ? 1.124   -1.372  -28.155 1.00 19.59 ? 23  ILE A CG2 1 
ATOM   179  C CD1 . ILE A 1 23  ? -0.014  -4.172  -27.368 1.00 18.64 ? 23  ILE A CD1 1 
ATOM   180  N N   . GLY A 1 24  ? -3.403  -0.867  -30.049 1.00 18.52 ? 24  GLY A N   1 
ATOM   181  C CA  . GLY A 1 24  ? -4.482  -1.356  -30.899 1.00 20.04 ? 24  GLY A CA  1 
ATOM   182  C C   . GLY A 1 24  ? -5.298  -2.561  -30.452 1.00 19.88 ? 24  GLY A C   1 
ATOM   183  O O   . GLY A 1 24  ? -6.080  -3.110  -31.241 1.00 15.39 ? 24  GLY A O   1 
ATOM   184  N N   . ILE A 1 25  ? -5.115  -2.990  -29.208 1.00 19.58 ? 25  ILE A N   1 
ATOM   185  C CA  . ILE A 1 25  ? -5.868  -4.124  -28.677 1.00 20.15 ? 25  ILE A CA  1 
ATOM   186  C C   . ILE A 1 25  ? -6.920  -3.631  -27.679 1.00 21.39 ? 25  ILE A C   1 
ATOM   187  O O   . ILE A 1 25  ? -6.591  -3.266  -26.554 1.00 21.06 ? 25  ILE A O   1 
ATOM   188  C CB  . ILE A 1 25  ? -4.930  -5.149  -28.012 1.00 19.64 ? 25  ILE A CB  1 
ATOM   189  C CG1 . ILE A 1 25  ? -4.001  -5.761  -29.068 1.00 20.11 ? 25  ILE A CG1 1 
ATOM   190  C CG2 . ILE A 1 25  ? -5.737  -6.231  -27.339 1.00 19.76 ? 25  ILE A CG2 1 
ATOM   191  C CD1 . ILE A 1 25  ? -2.861  -6.560  -28.499 1.00 15.74 ? 25  ILE A CD1 1 
ATOM   192  N N   . GLN A 1 26  ? -8.185  -3.632  -28.097 1.00 20.95 ? 26  GLN A N   1 
ATOM   193  C CA  . GLN A 1 26  ? -9.275  -3.165  -27.250 1.00 22.60 ? 26  GLN A CA  1 
ATOM   194  C C   . GLN A 1 26  ? -10.229 -4.258  -26.785 1.00 22.92 ? 26  GLN A C   1 
ATOM   195  O O   . GLN A 1 26  ? -10.882 -4.125  -25.737 1.00 22.24 ? 26  GLN A O   1 
ATOM   196  C CB  . GLN A 1 26  ? -10.058 -2.065  -27.969 1.00 23.21 ? 26  GLN A CB  1 
ATOM   197  C CG  . GLN A 1 26  ? -9.464  -0.676  -27.824 1.00 29.17 ? 26  GLN A CG  1 
ATOM   198  C CD  . GLN A 1 26  ? -9.892  0.267   -28.921 1.00 33.57 ? 26  GLN A CD  1 
ATOM   199  O OE1 . GLN A 1 26  ? -10.504 1.308   -28.689 1.00 35.12 ? 26  GLN A OE1 1 
ATOM   200  N NE2 . GLN A 1 26  ? -9.565  -0.101  -30.140 1.00 38.96 ? 26  GLN A NE2 1 
ATOM   201  N N   . GLY A 1 27  ? -10.332 -5.329  -27.563 1.00 23.57 ? 27  GLY A N   1 
ATOM   202  C CA  . GLY A 1 27  ? -11.229 -6.414  -27.201 1.00 24.17 ? 27  GLY A CA  1 
ATOM   203  C C   . GLY A 1 27  ? -10.626 -7.421  -26.235 1.00 26.10 ? 27  GLY A C   1 
ATOM   204  O O   . GLY A 1 27  ? -9.792  -8.233  -26.636 1.00 27.94 ? 27  GLY A O   1 
ATOM   205  N N   . LEU A 1 28  ? -11.036 -7.351  -24.969 1.00 24.68 ? 28  LEU A N   1 
ATOM   206  C CA  . LEU A 1 28  ? -10.571 -8.266  -23.916 1.00 21.06 ? 28  LEU A CA  1 
ATOM   207  C C   . LEU A 1 28  ? -11.778 -8.787  -23.151 1.00 20.67 ? 28  LEU A C   1 
ATOM   208  O O   . LEU A 1 28  ? -12.836 -8.167  -23.138 1.00 22.30 ? 28  LEU A O   1 
ATOM   209  C CB  . LEU A 1 28  ? -9.695  -7.569  -22.875 1.00 19.65 ? 28  LEU A CB  1 
ATOM   210  C CG  . LEU A 1 28  ? -9.136  -6.160  -22.966 1.00 18.51 ? 28  LEU A CG  1 
ATOM   211  C CD1 . LEU A 1 28  ? -8.625  -5.747  -21.611 1.00 16.78 ? 28  LEU A CD1 1 
ATOM   212  C CD2 . LEU A 1 28  ? -8.019  -6.118  -23.951 1.00 19.26 ? 28  LEU A CD2 1 
ATOM   213  N N   . THR A 1 29  ? -11.584 -9.874  -22.426 1.00 20.98 ? 29  THR A N   1 
ATOM   214  C CA  . THR A 1 29  ? -12.648 -10.457 -21.629 1.00 19.00 ? 29  THR A CA  1 
ATOM   215  C C   . THR A 1 29  ? -12.098 -10.404 -20.210 1.00 16.43 ? 29  THR A C   1 
ATOM   216  O O   . THR A 1 29  ? -10.978 -10.841 -19.969 1.00 14.42 ? 29  THR A O   1 
ATOM   217  C CB  . THR A 1 29  ? -12.898 -11.930 -22.064 1.00 18.05 ? 29  THR A CB  1 
ATOM   218  O OG1 . THR A 1 29  ? -13.322 -11.955 -23.426 1.00 24.36 ? 29  THR A OG1 1 
ATOM   219  C CG2 . THR A 1 29  ? -13.980 -12.582 -21.229 1.00 20.05 ? 29  THR A CG2 1 
ATOM   220  N N   . VAL A 1 30  ? -12.869 -9.838  -19.291 1.00 17.11 ? 30  VAL A N   1 
ATOM   221  C CA  . VAL A 1 30  ? -12.463 -9.723  -17.896 1.00 16.60 ? 30  VAL A CA  1 
ATOM   222  C C   . VAL A 1 30  ? -13.309 -10.652 -17.017 1.00 16.70 ? 30  VAL A C   1 
ATOM   223  O O   . VAL A 1 30  ? -14.518 -10.795 -17.234 1.00 15.92 ? 30  VAL A O   1 
ATOM   224  C CB  . VAL A 1 30  ? -12.606 -8.260  -17.398 1.00 17.61 ? 30  VAL A CB  1 
ATOM   225  C CG1 . VAL A 1 30  ? -12.305 -8.145  -15.892 1.00 17.76 ? 30  VAL A CG1 1 
ATOM   226  C CG2 . VAL A 1 30  ? -11.665 -7.345  -18.177 1.00 18.76 ? 30  VAL A CG2 1 
ATOM   227  N N   . THR A 1 31  ? -12.650 -11.301 -16.060 1.00 15.17 ? 31  THR A N   1 
ATOM   228  C CA  . THR A 1 31  ? -13.280 -12.204 -15.113 1.00 13.20 ? 31  THR A CA  1 
ATOM   229  C C   . THR A 1 31  ? -12.734 -11.933 -13.718 1.00 13.99 ? 31  THR A C   1 
ATOM   230  O O   . THR A 1 31  ? -11.536 -11.715 -13.545 1.00 11.42 ? 31  THR A O   1 
ATOM   231  C CB  . THR A 1 31  ? -12.983 -13.670 -15.484 1.00 12.34 ? 31  THR A CB  1 
ATOM   232  O OG1 . THR A 1 31  ? -13.425 -13.902 -16.826 1.00 14.19 ? 31  THR A OG1 1 
ATOM   233  C CG2 . THR A 1 31  ? -13.695 -14.675 -14.522 1.00 8.29  ? 31  THR A CG2 1 
ATOM   234  N N   . GLU A 1 32  ? -13.631 -11.923 -12.732 1.00 15.69 ? 32  GLU A N   1 
ATOM   235  C CA  . GLU A 1 32  ? -13.256 -11.724 -11.338 1.00 15.99 ? 32  GLU A CA  1 
ATOM   236  C C   . GLU A 1 32  ? -12.907 -13.105 -10.789 1.00 15.19 ? 32  GLU A C   1 
ATOM   237  O O   . GLU A 1 32  ? -13.696 -14.047 -10.904 1.00 13.63 ? 32  GLU A O   1 
ATOM   238  C CB  . GLU A 1 32  ? -14.417 -11.156 -10.533 1.00 18.42 ? 32  GLU A CB  1 
ATOM   239  C CG  . GLU A 1 32  ? -15.150 -10.004 -11.168 1.00 26.63 ? 32  GLU A CG  1 
ATOM   240  C CD  . GLU A 1 32  ? -16.229 -9.434  -10.246 1.00 35.75 ? 32  GLU A CD  1 
ATOM   241  O OE1 . GLU A 1 32  ? -16.024 -9.443  -9.008  1.00 42.95 ? 32  GLU A OE1 1 
ATOM   242  O OE2 . GLU A 1 32  ? -17.283 -8.981  -10.746 1.00 40.53 ? 32  GLU A OE2 1 
ATOM   243  N N   . VAL A 1 33  ? -11.723 -13.229 -10.203 1.00 17.26 ? 33  VAL A N   1 
ATOM   244  C CA  . VAL A 1 33  ? -11.265 -14.503 -9.660  1.00 17.25 ? 33  VAL A CA  1 
ATOM   245  C C   . VAL A 1 33  ? -10.612 -14.287 -8.306  1.00 16.44 ? 33  VAL A C   1 
ATOM   246  O O   . VAL A 1 33  ? -10.522 -13.149 -7.818  1.00 18.33 ? 33  VAL A O   1 
ATOM   247  C CB  . VAL A 1 33  ? -10.282 -15.177 -10.635 1.00 16.25 ? 33  VAL A CB  1 
ATOM   248  C CG1 . VAL A 1 33  ? -10.900 -15.231 -12.035 1.00 9.98  ? 33  VAL A CG1 1 
ATOM   249  C CG2 . VAL A 1 33  ? -8.966  -14.417 -10.694 1.00 14.20 ? 33  VAL A CG2 1 
ATOM   250  N N   . LYS A 1 34  ? -10.115 -15.361 -7.712  1.00 17.20 ? 34  LYS A N   1 
ATOM   251  C CA  . LYS A 1 34  ? -9.494  -15.262 -6.397  1.00 18.49 ? 34  LYS A CA  1 
ATOM   252  C C   . LYS A 1 34  ? -8.222  -16.092 -6.300  1.00 20.53 ? 34  LYS A C   1 
ATOM   253  O O   . LYS A 1 34  ? -8.087  -17.138 -6.943  1.00 19.26 ? 34  LYS A O   1 
ATOM   254  C CB  . LYS A 1 34  ? -10.477 -15.737 -5.319  1.00 20.09 ? 34  LYS A CB  1 
ATOM   255  C CG  . LYS A 1 34  ? -11.782 -14.951 -5.243  1.00 31.94 ? 34  LYS A CG  1 
ATOM   256  C CD  . LYS A 1 34  ? -12.834 -15.696 -4.414  1.00 39.27 ? 34  LYS A CD  1 
ATOM   257  C CE  . LYS A 1 34  ? -14.149 -14.910 -4.245  1.00 46.90 ? 34  LYS A CE  1 
ATOM   258  N NZ  . LYS A 1 34  ? -15.071 -14.924 -5.443  1.00 52.47 ? 34  LYS A NZ  1 
ATOM   259  N N   . GLY A 1 35  ? -7.285  -15.591 -5.509  1.00 20.52 ? 35  GLY A N   1 
ATOM   260  C CA  . GLY A 1 35  ? -6.041  -16.281 -5.258  1.00 20.95 ? 35  GLY A CA  1 
ATOM   261  C C   . GLY A 1 35  ? -6.065  -16.516 -3.756  1.00 24.00 ? 35  GLY A C   1 
ATOM   262  O O   . GLY A 1 35  ? -7.064  -16.215 -3.085  1.00 21.89 ? 35  GLY A O   1 
ATOM   263  N N   . PHE A 1 36  ? -4.962  -17.024 -3.221  1.00 25.84 ? 36  PHE A N   1 
ATOM   264  C CA  . PHE A 1 36  ? -4.845  -17.299 -1.796  1.00 27.66 ? 36  PHE A CA  1 
ATOM   265  C C   . PHE A 1 36  ? -3.565  -16.718 -1.203  1.00 28.43 ? 36  PHE A C   1 
ATOM   266  O O   . PHE A 1 36  ? -2.617  -16.429 -1.946  1.00 29.67 ? 36  PHE A O   1 
ATOM   267  C CB  . PHE A 1 36  ? -4.889  -18.802 -1.561  1.00 25.91 ? 36  PHE A CB  1 
ATOM   268  C CG  . PHE A 1 36  ? -6.224  -19.384 -1.810  1.00 30.05 ? 36  PHE A CG  1 
ATOM   269  C CD1 . PHE A 1 36  ? -6.545  -19.890 -3.060  1.00 31.92 ? 36  PHE A CD1 1 
ATOM   270  C CD2 . PHE A 1 36  ? -7.189  -19.393 -0.804  1.00 28.01 ? 36  PHE A CD2 1 
ATOM   271  C CE1 . PHE A 1 36  ? -7.821  -20.397 -3.313  1.00 37.39 ? 36  PHE A CE1 1 
ATOM   272  C CE2 . PHE A 1 36  ? -8.461  -19.898 -1.045  1.00 29.93 ? 36  PHE A CE2 1 
ATOM   273  C CZ  . PHE A 1 36  ? -8.779  -20.403 -2.301  1.00 32.78 ? 36  PHE A CZ  1 
ATOM   274  N N   . GLY A 1 37  ? -3.564  -16.541 0.118   1.00 26.27 ? 37  GLY A N   1 
ATOM   275  C CA  . GLY A 1 37  ? -2.412  -16.018 0.835   1.00 30.84 ? 37  GLY A CA  1 
ATOM   276  C C   . GLY A 1 37  ? -2.534  -16.370 2.315   1.00 34.48 ? 37  GLY A C   1 
ATOM   277  O O   . GLY A 1 37  ? -3.597  -16.798 2.758   1.00 34.76 ? 37  GLY A O   1 
ATOM   278  N N   . ARG A 1 38  ? -1.446  -16.249 3.065   1.00 35.32 ? 38  ARG A N   1 
ATOM   279  C CA  . ARG A 1 38  ? -1.445  -16.543 4.503   1.00 38.94 ? 38  ARG A CA  1 
ATOM   280  C C   . ARG A 1 38  ? -1.455  -15.198 5.259   1.00 40.94 ? 38  ARG A C   1 
ATOM   281  O O   . ARG A 1 38  ? -0.816  -14.229 4.823   1.00 43.60 ? 38  ARG A O   1 
ATOM   282  C CB  . ARG A 1 38  ? -0.195  -17.373 4.892   1.00 39.11 ? 38  ARG A CB  1 
ATOM   283  N N   . VAL A 1 53  ? -5.619  -19.033 5.749   1.00 49.61 ? 53  VAL A N   1 
ATOM   284  C CA  . VAL A 1 53  ? -5.469  -18.975 4.296   1.00 48.96 ? 53  VAL A CA  1 
ATOM   285  C C   . VAL A 1 53  ? -6.638  -18.180 3.708   1.00 46.72 ? 53  VAL A C   1 
ATOM   286  O O   . VAL A 1 53  ? -7.724  -18.706 3.479   1.00 51.99 ? 53  VAL A O   1 
ATOM   287  C CB  . VAL A 1 53  ? -5.413  -20.385 3.688   1.00 49.10 ? 53  VAL A CB  1 
ATOM   288  N N   . ASN A 1 54  ? -6.419  -16.895 3.492   1.00 43.07 ? 54  ASN A N   1 
ATOM   289  C CA  . ASN A 1 54  ? -7.445  -16.017 2.947   1.00 40.24 ? 54  ASN A CA  1 
ATOM   290  C C   . ASN A 1 54  ? -7.493  -15.911 1.424   1.00 37.82 ? 54  ASN A C   1 
ATOM   291  O O   . ASN A 1 54  ? -6.519  -16.198 0.721   1.00 35.05 ? 54  ASN A O   1 
ATOM   292  C CB  . ASN A 1 54  ? -7.292  -14.630 3.551   1.00 41.48 ? 54  ASN A CB  1 
ATOM   293  N N   . PHE A 1 55  ? -8.645  -15.471 0.932   1.00 36.12 ? 55  PHE A N   1 
ATOM   294  C CA  . PHE A 1 55  ? -8.864  -15.247 -0.491  1.00 34.61 ? 55  PHE A CA  1 
ATOM   295  C C   . PHE A 1 55  ? -8.251  -13.880 -0.798  1.00 32.45 ? 55  PHE A C   1 
ATOM   296  O O   . PHE A 1 55  ? -8.151  -13.010 0.076   1.00 34.09 ? 55  PHE A O   1 
ATOM   297  C CB  . PHE A 1 55  ? -10.364 -15.170 -0.809  1.00 35.37 ? 55  PHE A CB  1 
ATOM   298  C CG  . PHE A 1 55  ? -11.066 -16.491 -0.770  1.00 38.56 ? 55  PHE A CG  1 
ATOM   299  C CD1 . PHE A 1 55  ? -12.029 -16.744 0.193   1.00 39.68 ? 55  PHE A CD1 1 
ATOM   300  C CD2 . PHE A 1 55  ? -10.778 -17.485 -1.719  1.00 39.55 ? 55  PHE A CD2 1 
ATOM   301  C CE1 . PHE A 1 55  ? -12.709 -17.963 0.225   1.00 43.83 ? 55  PHE A CE1 1 
ATOM   302  C CE2 . PHE A 1 55  ? -11.450 -18.712 -1.706  1.00 39.17 ? 55  PHE A CE2 1 
ATOM   303  C CZ  . PHE A 1 55  ? -12.419 -18.955 -0.736  1.00 42.34 ? 55  PHE A CZ  1 
ATOM   304  N N   . LEU A 1 56  ? -7.819  -13.686 -2.026  1.00 29.51 ? 56  LEU A N   1 
ATOM   305  C CA  . LEU A 1 56  ? -7.254  -12.409 -2.417  1.00 27.08 ? 56  LEU A CA  1 
ATOM   306  C C   . LEU A 1 56  ? -7.912  -12.186 -3.766  1.00 25.27 ? 56  LEU A C   1 
ATOM   307  O O   . LEU A 1 56  ? -7.853  -13.054 -4.641  1.00 23.52 ? 56  LEU A O   1 
ATOM   308  C CB  . LEU A 1 56  ? -5.720  -12.499 -2.530  1.00 29.01 ? 56  LEU A CB  1 
ATOM   309  C CG  . LEU A 1 56  ? -4.686  -12.411 -1.377  1.00 25.26 ? 56  LEU A CG  1 
ATOM   310  C CD1 . LEU A 1 56  ? -5.086  -13.144 -0.127  1.00 29.15 ? 56  LEU A CD1 1 
ATOM   311  C CD2 . LEU A 1 56  ? -3.362  -12.977 -1.877  1.00 26.23 ? 56  LEU A CD2 1 
ATOM   312  N N   . PRO A 1 57  ? -8.664  -11.083 -3.906  1.00 24.94 ? 57  PRO A N   1 
ATOM   313  C CA  . PRO A 1 57  ? -9.361  -10.754 -5.155  1.00 22.49 ? 57  PRO A CA  1 
ATOM   314  C C   . PRO A 1 57  ? -8.367  -10.480 -6.254  1.00 20.53 ? 57  PRO A C   1 
ATOM   315  O O   . PRO A 1 57  ? -7.328  -9.842  -6.005  1.00 16.62 ? 57  PRO A O   1 
ATOM   316  C CB  . PRO A 1 57  ? -10.108 -9.468  -4.797  1.00 24.55 ? 57  PRO A CB  1 
ATOM   317  C CG  . PRO A 1 57  ? -10.188 -9.507  -3.279  1.00 27.15 ? 57  PRO A CG  1 
ATOM   318  C CD  . PRO A 1 57  ? -8.826  -9.999  -2.929  1.00 25.35 ? 57  PRO A CD  1 
ATOM   319  N N   . LYS A 1 58  ? -8.693  -10.938 -7.459  1.00 17.07 ? 58  LYS A N   1 
ATOM   320  C CA  . LYS A 1 58  ? -7.822  -10.740 -8.622  1.00 15.82 ? 58  LYS A CA  1 
ATOM   321  C C   . LYS A 1 58  ? -8.683  -10.546 -9.858  1.00 14.29 ? 58  LYS A C   1 
ATOM   322  O O   . LYS A 1 58  ? -9.900  -10.734 -9.826  1.00 16.01 ? 58  LYS A O   1 
ATOM   323  C CB  . LYS A 1 58  ? -6.908  -11.960 -8.827  1.00 17.61 ? 58  LYS A CB  1 
ATOM   324  C CG  . LYS A 1 58  ? -5.945  -12.260 -7.684  1.00 18.66 ? 58  LYS A CG  1 
ATOM   325  C CD  . LYS A 1 58  ? -4.872  -11.195 -7.564  1.00 24.15 ? 58  LYS A CD  1 
ATOM   326  C CE  . LYS A 1 58  ? -3.937  -11.473 -6.397  1.00 22.82 ? 58  LYS A CE  1 
ATOM   327  N NZ  . LYS A 1 58  ? -2.741  -10.584 -6.514  1.00 31.79 ? 58  LYS A NZ  1 
ATOM   328  N N   . VAL A 1 59  ? -8.063  -10.099 -10.936 1.00 14.99 ? 59  VAL A N   1 
ATOM   329  C CA  . VAL A 1 59  ? -8.765  -9.922  -12.191 1.00 16.85 ? 59  VAL A CA  1 
ATOM   330  C C   . VAL A 1 59  ? -8.037  -10.728 -13.255 1.00 13.92 ? 59  VAL A C   1 
ATOM   331  O O   . VAL A 1 59  ? -6.810  -10.746 -13.299 1.00 12.32 ? 59  VAL A O   1 
ATOM   332  C CB  . VAL A 1 59  ? -8.848  -8.427  -12.599 1.00 21.75 ? 59  VAL A CB  1 
ATOM   333  C CG1 . VAL A 1 59  ? -9.086  -8.266  -14.109 1.00 21.77 ? 59  VAL A CG1 1 
ATOM   334  C CG2 . VAL A 1 59  ? -9.971  -7.779  -11.837 1.00 24.61 ? 59  VAL A CG2 1 
ATOM   335  N N   . LYS A 1 60  ? -8.823  -11.458 -14.037 1.00 14.49 ? 60  LYS A N   1 
ATOM   336  C CA  . LYS A 1 60  ? -8.343  -12.280 -15.135 1.00 12.67 ? 60  LYS A CA  1 
ATOM   337  C C   . LYS A 1 60  ? -8.758  -11.629 -16.464 1.00 12.95 ? 60  LYS A C   1 
ATOM   338  O O   . LYS A 1 60  ? -9.932  -11.327 -16.703 1.00 13.78 ? 60  LYS A O   1 
ATOM   339  C CB  . LYS A 1 60  ? -8.922  -13.693 -15.020 1.00 9.77  ? 60  LYS A CB  1 
ATOM   340  C CG  . LYS A 1 60  ? -8.516  -14.586 -16.185 1.00 13.38 ? 60  LYS A CG  1 
ATOM   341  C CD  . LYS A 1 60  ? -8.474  -16.022 -15.806 1.00 10.86 ? 60  LYS A CD  1 
ATOM   342  C CE  . LYS A 1 60  ? -9.702  -16.719 -16.213 1.00 20.13 ? 60  LYS A CE  1 
ATOM   343  N NZ  . LYS A 1 60  ? -9.925  -16.704 -17.685 1.00 26.85 ? 60  LYS A NZ  1 
ATOM   344  N N   . ILE A 1 61  ? -7.788  -11.377 -17.319 1.00 11.87 ? 61  ILE A N   1 
ATOM   345  C CA  . ILE A 1 61  ? -8.054  -10.791 -18.631 1.00 14.75 ? 61  ILE A CA  1 
ATOM   346  C C   . ILE A 1 61  ? -7.635  -11.819 -19.660 1.00 14.39 ? 61  ILE A C   1 
ATOM   347  O O   . ILE A 1 61  ? -6.564  -12.420 -19.549 1.00 17.37 ? 61  ILE A O   1 
ATOM   348  C CB  . ILE A 1 61  ? -7.218  -9.507  -18.847 1.00 14.89 ? 61  ILE A CB  1 
ATOM   349  C CG1 . ILE A 1 61  ? -7.647  -8.415  -17.854 1.00 14.64 ? 61  ILE A CG1 1 
ATOM   350  C CG2 . ILE A 1 61  ? -7.330  -9.059  -20.280 1.00 14.82 ? 61  ILE A CG2 1 
ATOM   351  C CD1 . ILE A 1 61  ? -6.748  -7.218  -17.805 1.00 15.44 ? 61  ILE A CD1 1 
ATOM   352  N N   . ASP A 1 62  ? -8.492  -12.072 -20.627 1.00 13.36 ? 62  ASP A N   1 
ATOM   353  C CA  . ASP A 1 62  ? -8.157  -13.033 -21.665 1.00 16.23 ? 62  ASP A CA  1 
ATOM   354  C C   . ASP A 1 62  ? -8.129  -12.247 -22.942 1.00 18.15 ? 62  ASP A C   1 
ATOM   355  O O   . ASP A 1 62  ? -9.059  -11.461 -23.205 1.00 18.64 ? 62  ASP A O   1 
ATOM   356  C CB  . ASP A 1 62  ? -9.215  -14.134 -21.773 1.00 16.89 ? 62  ASP A CB  1 
ATOM   357  C CG  . ASP A 1 62  ? -9.135  -15.126 -20.633 1.00 19.20 ? 62  ASP A CG  1 
ATOM   358  O OD1 . ASP A 1 62  ? -8.071  -15.770 -20.467 1.00 22.11 ? 62  ASP A OD1 1 
ATOM   359  O OD2 . ASP A 1 62  ? -10.136 -15.274 -19.906 1.00 21.01 ? 62  ASP A OD2 1 
ATOM   360  N N   . VAL A 1 63  ? -7.054  -12.408 -23.709 1.00 15.84 ? 63  VAL A N   1 
ATOM   361  C CA  . VAL A 1 63  ? -6.927  -11.702 -24.974 1.00 18.92 ? 63  VAL A CA  1 
ATOM   362  C C   . VAL A 1 63  ? -6.524  -12.686 -26.104 1.00 17.62 ? 63  VAL A C   1 
ATOM   363  O O   . VAL A 1 63  ? -5.695  -13.571 -25.884 1.00 17.43 ? 63  VAL A O   1 
ATOM   364  C CB  . VAL A 1 63  ? -5.941  -10.479 -24.817 1.00 18.46 ? 63  VAL A CB  1 
ATOM   365  C CG1 . VAL A 1 63  ? -4.508  -10.908 -24.863 1.00 16.33 ? 63  VAL A CG1 1 
ATOM   366  C CG2 . VAL A 1 63  ? -6.180  -9.454  -25.895 1.00 22.05 ? 63  VAL A CG2 1 
ATOM   367  N N   . ALA A 1 64  ? -7.200  -12.616 -27.254 1.00 15.67 ? 64  ALA A N   1 
ATOM   368  C CA  . ALA A 1 64  ? -6.882  -13.491 -28.399 1.00 12.75 ? 64  ALA A CA  1 
ATOM   369  C C   . ALA A 1 64  ? -5.992  -12.687 -29.352 1.00 15.10 ? 64  ALA A C   1 
ATOM   370  O O   . ALA A 1 64  ? -6.360  -11.579 -29.762 1.00 12.71 ? 64  ALA A O   1 
ATOM   371  C CB  . ALA A 1 64  ? -8.164  -13.947 -29.105 1.00 9.94  ? 64  ALA A CB  1 
ATOM   372  N N   . ILE A 1 65  ? -4.818  -13.209 -29.683 1.00 13.10 ? 65  ILE A N   1 
ATOM   373  C CA  . ILE A 1 65  ? -3.906  -12.466 -30.534 1.00 13.12 ? 65  ILE A CA  1 
ATOM   374  C C   . ILE A 1 65  ? -3.235  -13.271 -31.648 1.00 12.09 ? 65  ILE A C   1 
ATOM   375  O O   . ILE A 1 65  ? -3.324  -14.496 -31.684 1.00 14.10 ? 65  ILE A O   1 
ATOM   376  C CB  . ILE A 1 65  ? -2.764  -11.801 -29.690 1.00 13.38 ? 65  ILE A CB  1 
ATOM   377  C CG1 . ILE A 1 65  ? -1.913  -12.868 -29.016 1.00 8.45  ? 65  ILE A CG1 1 
ATOM   378  C CG2 . ILE A 1 65  ? -3.326  -10.829 -28.658 1.00 10.81 ? 65  ILE A CG2 1 
ATOM   379  C CD1 . ILE A 1 65  ? -0.662  -12.329 -28.402 1.00 8.06  ? 65  ILE A CD1 1 
ATOM   380  N N   . ALA A 1 66  ? -2.578  -12.559 -32.563 1.00 12.81 ? 66  ALA A N   1 
ATOM   381  C CA  . ALA A 1 66  ? -1.822  -13.179 -33.653 1.00 12.37 ? 66  ALA A CA  1 
ATOM   382  C C   . ALA A 1 66  ? -0.481  -13.476 -33.031 1.00 11.96 ? 66  ALA A C   1 
ATOM   383  O O   . ALA A 1 66  ? -0.043  -12.725 -32.178 1.00 10.20 ? 66  ALA A O   1 
ATOM   384  C CB  . ALA A 1 66  ? -1.637  -12.194 -34.813 1.00 13.18 ? 66  ALA A CB  1 
ATOM   385  N N   . ASP A 1 67  ? 0.195   -14.530 -33.478 1.00 12.40 ? 67  ASP A N   1 
ATOM   386  C CA  . ASP A 1 67  ? 1.500   -14.903 -32.920 1.00 15.62 ? 67  ASP A CA  1 
ATOM   387  C C   . ASP A 1 67  ? 2.505   -13.780 -32.867 1.00 15.76 ? 67  ASP A C   1 
ATOM   388  O O   . ASP A 1 67  ? 3.293   -13.687 -31.939 1.00 14.21 ? 67  ASP A O   1 
ATOM   389  C CB  . ASP A 1 67  ? 2.104   -16.045 -33.716 1.00 17.34 ? 67  ASP A CB  1 
ATOM   390  C CG  . ASP A 1 67  ? 1.242   -17.292 -33.679 1.00 21.13 ? 67  ASP A CG  1 
ATOM   391  O OD1 . ASP A 1 67  ? 0.385   -17.407 -32.774 1.00 15.45 ? 67  ASP A OD1 1 
ATOM   392  O OD2 . ASP A 1 67  ? 1.407   -18.144 -34.571 1.00 21.05 ? 67  ASP A OD2 1 
ATOM   393  N N   . ASP A 1 68  ? 2.452   -12.927 -33.876 1.00 20.95 ? 68  ASP A N   1 
ATOM   394  C CA  . ASP A 1 68  ? 3.345   -11.798 -34.009 1.00 24.08 ? 68  ASP A CA  1 
ATOM   395  C C   . ASP A 1 68  ? 3.168   -10.716 -32.939 1.00 24.36 ? 68  ASP A C   1 
ATOM   396  O O   . ASP A 1 68  ? 4.042   -9.875  -32.760 1.00 27.64 ? 68  ASP A O   1 
ATOM   397  C CB  . ASP A 1 68  ? 3.218   -11.212 -35.434 1.00 29.47 ? 68  ASP A CB  1 
ATOM   398  C CG  . ASP A 1 68  ? 3.906   -12.100 -36.505 1.00 34.63 ? 68  ASP A CG  1 
ATOM   399  O OD1 . ASP A 1 68  ? 4.994   -12.650 -36.225 1.00 40.29 ? 68  ASP A OD1 1 
ATOM   400  O OD2 . ASP A 1 68  ? 3.361   -12.271 -37.617 1.00 40.73 ? 68  ASP A OD2 1 
ATOM   401  N N   . GLN A 1 69  ? 2.043   -10.730 -32.229 1.00 22.32 ? 69  GLN A N   1 
ATOM   402  C CA  . GLN A 1 69  ? 1.794   -9.750  -31.168 1.00 20.47 ? 69  GLN A CA  1 
ATOM   403  C C   . GLN A 1 69  ? 2.251   -10.237 -29.773 1.00 19.43 ? 69  GLN A C   1 
ATOM   404  O O   . GLN A 1 69  ? 2.217   -9.472  -28.815 1.00 19.40 ? 69  GLN A O   1 
ATOM   405  C CB  . GLN A 1 69  ? 0.295   -9.438  -31.074 1.00 21.99 ? 69  GLN A CB  1 
ATOM   406  C CG  . GLN A 1 69  ? -0.406  -9.087  -32.368 1.00 23.16 ? 69  GLN A CG  1 
ATOM   407  C CD  . GLN A 1 69  ? -1.886  -8.804  -32.176 1.00 21.55 ? 69  GLN A CD  1 
ATOM   408  O OE1 . GLN A 1 69  ? -2.717  -9.700  -32.295 1.00 20.38 ? 69  GLN A OE1 1 
ATOM   409  N NE2 . GLN A 1 69  ? -2.226  -7.554  -31.925 1.00 21.68 ? 69  GLN A NE2 1 
ATOM   410  N N   . LEU A 1 70  ? 2.683   -11.491 -29.654 1.00 17.35 ? 70  LEU A N   1 
ATOM   411  C CA  . LEU A 1 70  ? 3.060   -12.037 -28.348 1.00 17.39 ? 70  LEU A CA  1 
ATOM   412  C C   . LEU A 1 70  ? 4.084   -11.240 -27.540 1.00 15.82 ? 70  LEU A C   1 
ATOM   413  O O   . LEU A 1 70  ? 3.834   -10.891 -26.407 1.00 18.23 ? 70  LEU A O   1 
ATOM   414  C CB  . LEU A 1 70  ? 3.530   -13.494 -28.475 1.00 17.65 ? 70  LEU A CB  1 
ATOM   415  C CG  . LEU A 1 70  ? 3.121   -14.561 -27.437 1.00 20.72 ? 70  LEU A CG  1 
ATOM   416  C CD1 . LEU A 1 70  ? 4.334   -15.298 -26.896 1.00 15.59 ? 70  LEU A CD1 1 
ATOM   417  C CD2 . LEU A 1 70  ? 2.283   -13.976 -26.290 1.00 13.75 ? 70  LEU A CD2 1 
ATOM   418  N N   . ASP A 1 71  ? 5.237   -10.947 -28.112 1.00 19.69 ? 71  ASP A N   1 
ATOM   419  C CA  . ASP A 1 71  ? 6.260   -10.205 -27.387 1.00 20.90 ? 71  ASP A CA  1 
ATOM   420  C C   . ASP A 1 71  ? 5.834   -8.800  -26.997 1.00 19.59 ? 71  ASP A C   1 
ATOM   421  O O   . ASP A 1 71  ? 6.096   -8.339  -25.877 1.00 20.57 ? 71  ASP A O   1 
ATOM   422  C CB  . ASP A 1 71  ? 7.556   -10.155 -28.186 1.00 24.82 ? 71  ASP A CB  1 
ATOM   423  C CG  . ASP A 1 71  ? 8.175   -11.525 -28.367 1.00 31.73 ? 71  ASP A CG  1 
ATOM   424  O OD1 . ASP A 1 71  ? 7.855   -12.446 -27.576 1.00 33.74 ? 71  ASP A OD1 1 
ATOM   425  O OD2 . ASP A 1 71  ? 8.969   -11.678 -29.319 1.00 37.73 ? 71  ASP A OD2 1 
ATOM   426  N N   . GLU A 1 72  ? 5.167   -8.121  -27.909 1.00 16.10 ? 72  GLU A N   1 
ATOM   427  C CA  . GLU A 1 72  ? 4.720   -6.781  -27.624 1.00 18.01 ? 72  GLU A CA  1 
ATOM   428  C C   . GLU A 1 72  ? 3.697   -6.802  -26.476 1.00 17.90 ? 72  GLU A C   1 
ATOM   429  O O   . GLU A 1 72  ? 3.718   -5.945  -25.587 1.00 17.25 ? 72  GLU A O   1 
ATOM   430  C CB  . GLU A 1 72  ? 4.135   -6.137  -28.889 1.00 15.57 ? 72  GLU A CB  1 
ATOM   431  C CG  . GLU A 1 72  ? 3.726   -4.668  -28.718 1.00 23.30 ? 72  GLU A CG  1 
ATOM   432  C CD  . GLU A 1 72  ? 3.198   -4.029  -30.002 1.00 26.38 ? 72  GLU A CD  1 
ATOM   433  O OE1 . GLU A 1 72  ? 2.486   -4.696  -30.778 1.00 31.62 ? 72  GLU A OE1 1 
ATOM   434  O OE2 . GLU A 1 72  ? 3.477   -2.833  -30.225 1.00 33.84 ? 72  GLU A OE2 1 
ATOM   435  N N   . VAL A 1 73  ? 2.790   -7.768  -26.515 1.00 16.37 ? 73  VAL A N   1 
ATOM   436  C CA  . VAL A 1 73  ? 1.786   -7.894  -25.472 1.00 16.46 ? 73  VAL A CA  1 
ATOM   437  C C   . VAL A 1 73  ? 2.427   -8.218  -24.130 1.00 16.78 ? 73  VAL A C   1 
ATOM   438  O O   . VAL A 1 73  ? 2.158   -7.544  -23.137 1.00 18.87 ? 73  VAL A O   1 
ATOM   439  C CB  . VAL A 1 73  ? 0.720   -8.932  -25.848 1.00 16.52 ? 73  VAL A CB  1 
ATOM   440  C CG1 . VAL A 1 73  ? -0.212  -9.164  -24.698 1.00 17.63 ? 73  VAL A CG1 1 
ATOM   441  C CG2 . VAL A 1 73  ? -0.074  -8.432  -27.040 1.00 14.84 ? 73  VAL A CG2 1 
ATOM   442  N N   . ILE A 1 74  ? 3.322   -9.194  -24.101 1.00 13.61 ? 74  ILE A N   1 
ATOM   443  C CA  . ILE A 1 74  ? 3.969   -9.544  -22.853 1.00 15.12 ? 74  ILE A CA  1 
ATOM   444  C C   . ILE A 1 74  ? 4.669   -8.312  -22.279 1.00 15.03 ? 74  ILE A C   1 
ATOM   445  O O   . ILE A 1 74  ? 4.593   -8.031  -21.082 1.00 15.62 ? 74  ILE A O   1 
ATOM   446  C CB  . ILE A 1 74  ? 4.984   -10.690 -23.077 1.00 17.36 ? 74  ILE A CB  1 
ATOM   447  C CG1 . ILE A 1 74  ? 4.248   -11.958 -23.505 1.00 15.77 ? 74  ILE A CG1 1 
ATOM   448  C CG2 . ILE A 1 74  ? 5.777   -10.974 -21.811 1.00 14.62 ? 74  ILE A CG2 1 
ATOM   449  C CD1 . ILE A 1 74  ? 5.165   -13.071 -23.874 1.00 17.88 ? 74  ILE A CD1 1 
ATOM   450  N N   . ASP A 1 75  ? 5.304   -7.546  -23.155 1.00 17.09 ? 75  ASP A N   1 
ATOM   451  C CA  . ASP A 1 75  ? 6.049   -6.342  -22.763 1.00 20.34 ? 75  ASP A CA  1 
ATOM   452  C C   . ASP A 1 75  ? 5.185   -5.194  -22.195 1.00 18.88 ? 75  ASP A C   1 
ATOM   453  O O   . ASP A 1 75  ? 5.458   -4.657  -21.115 1.00 17.00 ? 75  ASP A O   1 
ATOM   454  C CB  . ASP A 1 75  ? 6.876   -5.837  -23.962 1.00 21.49 ? 75  ASP A CB  1 
ATOM   455  C CG  . ASP A 1 75  ? 7.731   -4.628  -23.612 1.00 22.96 ? 75  ASP A CG  1 
ATOM   456  O OD1 . ASP A 1 75  ? 8.744   -4.800  -22.913 1.00 26.88 ? 75  ASP A OD1 1 
ATOM   457  O OD2 . ASP A 1 75  ? 7.384   -3.511  -24.018 1.00 25.80 ? 75  ASP A OD2 1 
ATOM   458  N N   . ILE A 1 76  ? 4.153   -4.824  -22.936 1.00 20.16 ? 76  ILE A N   1 
ATOM   459  C CA  . ILE A 1 76  ? 3.267   -3.740  -22.547 1.00 19.80 ? 76  ILE A CA  1 
ATOM   460  C C   . ILE A 1 76  ? 2.459   -4.144  -21.332 1.00 17.66 ? 76  ILE A C   1 
ATOM   461  O O   . ILE A 1 76  ? 2.196   -3.321  -20.461 1.00 22.94 ? 76  ILE A O   1 
ATOM   462  C CB  . ILE A 1 76  ? 2.272   -3.371  -23.690 1.00 24.16 ? 76  ILE A CB  1 
ATOM   463  C CG1 . ILE A 1 76  ? 3.008   -3.290  -25.030 1.00 28.56 ? 76  ILE A CG1 1 
ATOM   464  C CG2 . ILE A 1 76  ? 1.603   -2.012  -23.426 1.00 24.72 ? 76  ILE A CG2 1 
ATOM   465  C CD1 . ILE A 1 76  ? 4.090   -2.225  -25.082 1.00 32.69 ? 76  ILE A CD1 1 
ATOM   466  N N   . VAL A 1 77  ? 1.997   -5.386  -21.301 1.00 16.19 ? 77  VAL A N   1 
ATOM   467  C CA  . VAL A 1 77  ? 1.201   -5.844  -20.167 1.00 14.76 ? 77  VAL A CA  1 
ATOM   468  C C   . VAL A 1 77  ? 2.017   -5.878  -18.876 1.00 13.59 ? 77  VAL A C   1 
ATOM   469  O O   . VAL A 1 77  ? 1.542   -5.421  -17.838 1.00 13.55 ? 77  VAL A O   1 
ATOM   470  C CB  . VAL A 1 77  ? 0.548   -7.227  -20.432 1.00 14.02 ? 77  VAL A CB  1 
ATOM   471  C CG1 . VAL A 1 77  ? -0.014  -7.821  -19.126 1.00 16.03 ? 77  VAL A CG1 1 
ATOM   472  C CG2 . VAL A 1 77  ? -0.574  -7.065  -21.438 1.00 15.02 ? 77  VAL A CG2 1 
ATOM   473  N N   . SER A 1 78  ? 3.241   -6.415  -18.946 1.00 16.68 ? 78  SER A N   1 
ATOM   474  C CA  . SER A 1 78  ? 4.112   -6.516  -17.773 1.00 18.74 ? 78  SER A CA  1 
ATOM   475  C C   . SER A 1 78  ? 4.294   -5.139  -17.149 1.00 18.93 ? 78  SER A C   1 
ATOM   476  O O   . SER A 1 78  ? 4.025   -4.934  -15.960 1.00 19.02 ? 78  SER A O   1 
ATOM   477  C CB  . SER A 1 78  ? 5.475   -7.080  -18.152 1.00 17.46 ? 78  SER A CB  1 
ATOM   478  O OG  . SER A 1 78  ? 5.346   -8.324  -18.776 1.00 19.21 ? 78  SER A OG  1 
ATOM   479  N N   . LYS A 1 79  ? 4.713   -4.200  -17.987 1.00 17.08 ? 79  LYS A N   1 
ATOM   480  C CA  . LYS A 1 79  ? 4.959   -2.828  -17.589 1.00 18.53 ? 79  LYS A CA  1 
ATOM   481  C C   . LYS A 1 79  ? 3.759   -2.127  -16.983 1.00 16.74 ? 79  LYS A C   1 
ATOM   482  O O   . LYS A 1 79  ? 3.895   -1.405  -15.991 1.00 15.39 ? 79  LYS A O   1 
ATOM   483  C CB  . LYS A 1 79  ? 5.471   -2.025  -18.788 1.00 17.00 ? 79  LYS A CB  1 
ATOM   484  C CG  . LYS A 1 79  ? 6.966   -1.933  -18.814 1.00 25.57 ? 79  LYS A CG  1 
ATOM   485  C CD  . LYS A 1 79  ? 7.621   -2.837  -19.815 1.00 27.36 ? 79  LYS A CD  1 
ATOM   486  C CE  . LYS A 1 79  ? 8.446   -1.975  -20.751 1.00 31.02 ? 79  LYS A CE  1 
ATOM   487  N NZ  . LYS A 1 79  ? 9.635   -2.653  -21.329 1.00 36.51 ? 79  LYS A NZ  1 
ATOM   488  N N   . ALA A 1 80  ? 2.589   -2.375  -17.569 1.00 15.67 ? 80  ALA A N   1 
ATOM   489  C CA  . ALA A 1 80  ? 1.334   -1.763  -17.134 1.00 16.28 ? 80  ALA A CA  1 
ATOM   490  C C   . ALA A 1 80  ? 0.746   -2.345  -15.830 1.00 17.26 ? 80  ALA A C   1 
ATOM   491  O O   . ALA A 1 80  ? 0.149   -1.625  -15.032 1.00 15.22 ? 80  ALA A O   1 
ATOM   492  C CB  . ALA A 1 80  ? 0.305   -1.820  -18.269 1.00 12.40 ? 80  ALA A CB  1 
ATOM   493  N N   . ALA A 1 81  ? 0.905   -3.654  -15.634 1.00 19.72 ? 81  ALA A N   1 
ATOM   494  C CA  . ALA A 1 81  ? 0.409   -4.344  -14.446 1.00 18.10 ? 81  ALA A CA  1 
ATOM   495  C C   . ALA A 1 81  ? 1.355   -4.219  -13.252 1.00 20.72 ? 81  ALA A C   1 
ATOM   496  O O   . ALA A 1 81  ? 0.962   -4.452  -12.109 1.00 23.32 ? 81  ALA A O   1 
ATOM   497  C CB  . ALA A 1 81  ? 0.202   -5.820  -14.761 1.00 12.83 ? 81  ALA A CB  1 
ATOM   498  N N   . TYR A 1 82  ? 2.601   -3.859  -13.520 1.00 19.35 ? 82  TYR A N   1 
ATOM   499  C CA  . TYR A 1 82  ? 3.630   -3.767  -12.495 1.00 22.58 ? 82  TYR A CA  1 
ATOM   500  C C   . TYR A 1 82  ? 3.389   -2.776  -11.354 1.00 25.04 ? 82  TYR A C   1 
ATOM   501  O O   . TYR A 1 82  ? 2.791   -1.718  -11.550 1.00 27.93 ? 82  TYR A O   1 
ATOM   502  C CB  . TYR A 1 82  ? 4.964   -3.456  -13.183 1.00 21.08 ? 82  TYR A CB  1 
ATOM   503  C CG  . TYR A 1 82  ? 6.154   -3.321  -12.276 1.00 21.34 ? 82  TYR A CG  1 
ATOM   504  C CD1 . TYR A 1 82  ? 6.850   -4.444  -11.837 1.00 24.66 ? 82  TYR A CD1 1 
ATOM   505  C CD2 . TYR A 1 82  ? 6.603   -2.070  -11.869 1.00 21.31 ? 82  TYR A CD2 1 
ATOM   506  C CE1 . TYR A 1 82  ? 7.980   -4.322  -11.024 1.00 20.19 ? 82  TYR A CE1 1 
ATOM   507  C CE2 . TYR A 1 82  ? 7.712   -1.933  -11.058 1.00 21.21 ? 82  TYR A CE2 1 
ATOM   508  C CZ  . TYR A 1 82  ? 8.393   -3.061  -10.639 1.00 24.23 ? 82  TYR A CZ  1 
ATOM   509  O OH  . TYR A 1 82  ? 9.497   -2.927  -9.830  1.00 27.42 ? 82  TYR A OH  1 
ATOM   510  N N   . THR A 1 83  ? 3.838   -3.144  -10.152 1.00 26.43 ? 83  THR A N   1 
ATOM   511  C CA  . THR A 1 83  ? 3.776   -2.280  -8.970  1.00 25.18 ? 83  THR A CA  1 
ATOM   512  C C   . THR A 1 83  ? 5.078   -2.494  -8.227  1.00 22.55 ? 83  THR A C   1 
ATOM   513  O O   . THR A 1 83  ? 5.591   -1.592  -7.602  1.00 28.06 ? 83  THR A O   1 
ATOM   514  C CB  . THR A 1 83  ? 2.618   -2.588  -7.965  1.00 24.91 ? 83  THR A CB  1 
ATOM   515  O OG1 . THR A 1 83  ? 2.854   -3.834  -7.307  1.00 25.94 ? 83  THR A OG1 1 
ATOM   516  C CG2 . THR A 1 83  ? 1.282   -2.624  -8.655  1.00 29.09 ? 83  THR A CG2 1 
ATOM   517  N N   . GLY A 1 84  ? 5.615   -3.699  -8.311  1.00 20.16 ? 84  GLY A N   1 
ATOM   518  C CA  . GLY A 1 84  ? 6.837   -4.007  -7.612  1.00 16.19 ? 84  GLY A CA  1 
ATOM   519  C C   . GLY A 1 84  ? 6.578   -4.712  -6.293  1.00 16.40 ? 84  GLY A C   1 
ATOM   520  O O   . GLY A 1 84  ? 7.514   -5.195  -5.655  1.00 18.75 ? 84  GLY A O   1 
ATOM   521  N N   . LYS A 1 85  ? 5.329   -4.734  -5.850  1.00 16.52 ? 85  LYS A N   1 
ATOM   522  C CA  . LYS A 1 85  ? 4.969   -5.417  -4.611  1.00 18.77 ? 85  LYS A CA  1 
ATOM   523  C C   . LYS A 1 85  ? 4.532   -6.838  -4.982  1.00 20.89 ? 85  LYS A C   1 
ATOM   524  O O   . LYS A 1 85  ? 3.949   -7.032  -6.058  1.00 20.88 ? 85  LYS A O   1 
ATOM   525  C CB  . LYS A 1 85  ? 3.797   -4.717  -3.924  1.00 21.84 ? 85  LYS A CB  1 
ATOM   526  C CG  . LYS A 1 85  ? 3.898   -3.204  -3.791  1.00 27.55 ? 85  LYS A CG  1 
ATOM   527  C CD  . LYS A 1 85  ? 2.822   -2.720  -2.830  1.00 26.91 ? 85  LYS A CD  1 
ATOM   528  C CE  . LYS A 1 85  ? 2.544   -1.246  -3.006  1.00 28.83 ? 85  LYS A CE  1 
ATOM   529  N NZ  . LYS A 1 85  ? 1.304   -0.878  -2.291  1.00 24.88 ? 85  LYS A NZ  1 
ATOM   530  N N   . ILE A 1 86  ? 4.755   -7.820  -4.100  1.00 21.01 ? 86  ILE A N   1 
ATOM   531  C CA  . ILE A 1 86  ? 4.350   -9.202  -4.417  1.00 24.20 ? 86  ILE A CA  1 
ATOM   532  C C   . ILE A 1 86  ? 2.861   -9.288  -4.738  1.00 20.97 ? 86  ILE A C   1 
ATOM   533  O O   . ILE A 1 86  ? 2.073   -8.465  -4.283  1.00 19.65 ? 86  ILE A O   1 
ATOM   534  C CB  . ILE A 1 86  ? 4.665   -10.239 -3.284  1.00 26.96 ? 86  ILE A CB  1 
ATOM   535  C CG1 . ILE A 1 86  ? 3.961   -9.849  -1.974  1.00 29.52 ? 86  ILE A CG1 1 
ATOM   536  C CG2 . ILE A 1 86  ? 6.178   -10.460 -3.158  1.00 23.62 ? 86  ILE A CG2 1 
ATOM   537  C CD1 . ILE A 1 86  ? 3.939   -10.962 -0.913  1.00 27.90 ? 86  ILE A CD1 1 
ATOM   538  N N   . GLY A 1 87  ? 2.489   -10.287 -5.530  1.00 23.08 ? 87  GLY A N   1 
ATOM   539  C CA  . GLY A 1 87  ? 1.093   -10.450 -5.905  1.00 22.18 ? 87  GLY A CA  1 
ATOM   540  C C   . GLY A 1 87  ? 0.745   -9.741  -7.211  1.00 22.58 ? 87  GLY A C   1 
ATOM   541  O O   . GLY A 1 87  ? -0.436  -9.717  -7.599  1.00 24.52 ? 87  GLY A O   1 
ATOM   542  N N   . ASP A 1 88  ? 1.760   -9.210  -7.907  1.00 19.26 ? 88  ASP A N   1 
ATOM   543  C CA  . ASP A 1 88  ? 1.559   -8.506  -9.185  1.00 19.54 ? 88  ASP A CA  1 
ATOM   544  C C   . ASP A 1 88  ? 0.856   -9.306  -10.270 1.00 16.15 ? 88  ASP A C   1 
ATOM   545  O O   . ASP A 1 88  ? 0.245   -8.725  -11.158 1.00 16.14 ? 88  ASP A O   1 
ATOM   546  C CB  . ASP A 1 88  ? 2.863   -7.937  -9.731  1.00 19.32 ? 88  ASP A CB  1 
ATOM   547  C CG  . ASP A 1 88  ? 3.121   -6.525  -9.241  1.00 20.52 ? 88  ASP A CG  1 
ATOM   548  O OD1 . ASP A 1 88  ? 2.294   -6.035  -8.434  1.00 20.62 ? 88  ASP A OD1 1 
ATOM   549  O OD2 . ASP A 1 88  ? 4.137   -5.923  -9.650  1.00 13.05 ? 88  ASP A OD2 1 
ATOM   550  N N   . GLY A 1 89  ? 0.978   -10.627 -10.214 1.00 14.75 ? 89  GLY A N   1 
ATOM   551  C CA  . GLY A 1 89  ? 0.297   -11.479 -11.174 1.00 15.56 ? 89  GLY A CA  1 
ATOM   552  C C   . GLY A 1 89  ? 1.160   -12.197 -12.194 1.00 15.63 ? 89  GLY A C   1 
ATOM   553  O O   . GLY A 1 89  ? 2.391   -12.124 -12.158 1.00 16.20 ? 89  GLY A O   1 
ATOM   554  N N   . LYS A 1 90  ? 0.510   -12.874 -13.137 1.00 15.89 ? 90  LYS A N   1 
ATOM   555  C CA  . LYS A 1 90  ? 1.220   -13.643 -14.152 1.00 14.31 ? 90  LYS A CA  1 
ATOM   556  C C   . LYS A 1 90  ? 0.526   -13.617 -15.498 1.00 14.59 ? 90  LYS A C   1 
ATOM   557  O O   . LYS A 1 90  ? -0.684  -13.336 -15.598 1.00 11.75 ? 90  LYS A O   1 
ATOM   558  C CB  . LYS A 1 90  ? 1.342   -15.105 -13.711 1.00 15.41 ? 90  LYS A CB  1 
ATOM   559  C CG  . LYS A 1 90  ? 2.076   -15.285 -12.391 1.00 15.70 ? 90  LYS A CG  1 
ATOM   560  C CD  . LYS A 1 90  ? 2.048   -16.721 -11.891 1.00 12.79 ? 90  LYS A CD  1 
ATOM   561  C CE  . LYS A 1 90  ? 2.838   -16.806 -10.616 1.00 11.69 ? 90  LYS A CE  1 
ATOM   562  N NZ  . LYS A 1 90  ? 2.848   -18.178 -10.115 1.00 12.75 ? 90  LYS A NZ  1 
ATOM   563  N N   . ILE A 1 91  ? 1.329   -13.887 -16.523 1.00 12.33 ? 91  ILE A N   1 
ATOM   564  C CA  . ILE A 1 91  ? 0.864   -13.947 -17.899 1.00 12.32 ? 91  ILE A CA  1 
ATOM   565  C C   . ILE A 1 91  ? 1.032   -15.418 -18.301 1.00 13.07 ? 91  ILE A C   1 
ATOM   566  O O   . ILE A 1 91  ? 2.078   -16.028 -18.021 1.00 13.14 ? 91  ILE A O   1 
ATOM   567  C CB  . ILE A 1 91  ? 1.718   -13.029 -18.853 1.00 11.48 ? 91  ILE A CB  1 
ATOM   568  C CG1 . ILE A 1 91  ? 1.617   -11.559 -18.414 1.00 6.84  ? 91  ILE A CG1 1 
ATOM   569  C CG2 . ILE A 1 91  ? 1.276   -13.225 -20.324 1.00 7.66  ? 91  ILE A CG2 1 
ATOM   570  C CD1 . ILE A 1 91  ? 2.610   -10.622 -19.124 1.00 7.27  ? 91  ILE A CD1 1 
ATOM   571  N N   . PHE A 1 92  ? -0.020  -16.001 -18.875 1.00 10.76 ? 92  PHE A N   1 
ATOM   572  C CA  . PHE A 1 92  ? 0.002   -17.394 -19.301 1.00 10.78 ? 92  PHE A CA  1 
ATOM   573  C C   . PHE A 1 92  ? -0.255  -17.401 -20.800 1.00 10.86 ? 92  PHE A C   1 
ATOM   574  O O   . PHE A 1 92  ? -1.082  -16.642 -21.307 1.00 10.20 ? 92  PHE A O   1 
ATOM   575  C CB  . PHE A 1 92  ? -1.085  -18.192 -18.586 1.00 7.15  ? 92  PHE A CB  1 
ATOM   576  C CG  . PHE A 1 92  ? -0.995  -18.138 -17.082 1.00 14.13 ? 92  PHE A CG  1 
ATOM   577  C CD1 . PHE A 1 92  ? -0.243  -19.076 -16.378 1.00 16.25 ? 92  PHE A CD1 1 
ATOM   578  C CD2 . PHE A 1 92  ? -1.660  -17.144 -16.360 1.00 13.71 ? 92  PHE A CD2 1 
ATOM   579  C CE1 . PHE A 1 92  ? -0.155  -19.019 -14.974 1.00 18.99 ? 92  PHE A CE1 1 
ATOM   580  C CE2 . PHE A 1 92  ? -1.580  -17.075 -14.988 1.00 10.04 ? 92  PHE A CE2 1 
ATOM   581  C CZ  . PHE A 1 92  ? -0.833  -18.006 -14.284 1.00 15.10 ? 92  PHE A CZ  1 
ATOM   582  N N   . VAL A 1 93  ? 0.463   -18.245 -21.521 1.00 13.51 ? 93  VAL A N   1 
ATOM   583  C CA  . VAL A 1 93  ? 0.299   -18.302 -22.965 1.00 13.09 ? 93  VAL A CA  1 
ATOM   584  C C   . VAL A 1 93  ? -0.067  -19.692 -23.458 1.00 11.24 ? 93  VAL A C   1 
ATOM   585  O O   . VAL A 1 93  ? 0.580   -20.679 -23.095 1.00 9.85  ? 93  VAL A O   1 
ATOM   586  C CB  . VAL A 1 93  ? 1.578   -17.840 -23.680 1.00 12.68 ? 93  VAL A CB  1 
ATOM   587  C CG1 . VAL A 1 93  ? 1.402   -17.927 -25.209 1.00 8.77  ? 93  VAL A CG1 1 
ATOM   588  C CG2 . VAL A 1 93  ? 1.958   -16.423 -23.206 1.00 9.74  ? 93  VAL A CG2 1 
ATOM   589  N N   . ALA A 1 94  ? -1.097  -19.751 -24.299 1.00 10.38 ? 94  ALA A N   1 
ATOM   590  C CA  . ALA A 1 94  ? -1.566  -21.006 -24.876 1.00 14.05 ? 94  ALA A CA  1 
ATOM   591  C C   . ALA A 1 94  ? -1.892  -20.813 -26.341 1.00 11.77 ? 94  ALA A C   1 
ATOM   592  O O   . ALA A 1 94  ? -2.171  -19.701 -26.778 1.00 10.96 ? 94  ALA A O   1 
ATOM   593  C CB  . ALA A 1 94  ? -2.792  -21.505 -24.141 1.00 16.47 ? 94  ALA A CB  1 
ATOM   594  N N   . GLU A 1 95  ? -1.889  -21.911 -27.081 1.00 12.27 ? 95  GLU A N   1 
ATOM   595  C CA  . GLU A 1 95  ? -2.184  -21.894 -28.511 1.00 14.88 ? 95  GLU A CA  1 
ATOM   596  C C   . GLU A 1 95  ? -3.669  -21.692 -28.729 1.00 14.43 ? 95  GLU A C   1 
ATOM   597  O O   . GLU A 1 95  ? -4.466  -22.311 -28.032 1.00 17.78 ? 95  GLU A O   1 
ATOM   598  C CB  . GLU A 1 95  ? -1.777  -23.229 -29.151 1.00 13.81 ? 95  GLU A CB  1 
ATOM   599  C CG  . GLU A 1 95  ? -1.848  -23.238 -30.670 1.00 18.66 ? 95  GLU A CG  1 
ATOM   600  C CD  . GLU A 1 95  ? -0.939  -22.187 -31.300 1.00 24.68 ? 95  GLU A CD  1 
ATOM   601  O OE1 . GLU A 1 95  ? -1.227  -21.765 -32.440 1.00 26.01 ? 95  GLU A OE1 1 
ATOM   602  O OE2 . GLU A 1 95  ? 0.051   -21.764 -30.653 1.00 23.31 ? 95  GLU A OE2 1 
ATOM   603  N N   . LEU A 1 96  ? -4.040  -20.822 -29.667 1.00 14.01 ? 96  LEU A N   1 
ATOM   604  C CA  . LEU A 1 96  ? -5.449  -20.596 -29.993 1.00 12.91 ? 96  LEU A CA  1 
ATOM   605  C C   . LEU A 1 96  ? -5.539  -21.172 -31.389 1.00 13.30 ? 96  LEU A C   1 
ATOM   606  O O   . LEU A 1 96  ? -4.884  -20.684 -32.305 1.00 16.13 ? 96  LEU A O   1 
ATOM   607  C CB  . LEU A 1 96  ? -5.778  -19.097 -30.029 1.00 14.46 ? 96  LEU A CB  1 
ATOM   608  C CG  . LEU A 1 96  ? -7.209  -18.638 -29.698 1.00 17.81 ? 96  LEU A CG  1 
ATOM   609  C CD1 . LEU A 1 96  ? -7.431  -17.208 -30.163 1.00 10.83 ? 96  LEU A CD1 1 
ATOM   610  C CD2 . LEU A 1 96  ? -8.261  -19.533 -30.298 1.00 18.65 ? 96  LEU A CD2 1 
ATOM   611  N N   . GLN A 1 97  ? -6.328  -22.221 -31.560 1.00 15.36 ? 97  GLN A N   1 
ATOM   612  C CA  . GLN A 1 97  ? -6.432  -22.866 -32.856 1.00 15.47 ? 97  GLN A CA  1 
ATOM   613  C C   . GLN A 1 97  ? -7.398  -22.178 -33.818 1.00 17.91 ? 97  GLN A C   1 
ATOM   614  O O   . GLN A 1 97  ? -7.132  -22.092 -35.013 1.00 17.05 ? 97  GLN A O   1 
ATOM   615  C CB  . GLN A 1 97  ? -6.829  -24.326 -32.673 1.00 17.74 ? 97  GLN A CB  1 
ATOM   616  C CG  . GLN A 1 97  ? -5.882  -25.134 -31.797 1.00 14.93 ? 97  GLN A CG  1 
ATOM   617  C CD  . GLN A 1 97  ? -6.296  -26.570 -31.736 1.00 18.37 ? 97  GLN A CD  1 
ATOM   618  O OE1 . GLN A 1 97  ? -7.458  -26.908 -31.975 1.00 18.87 ? 97  GLN A OE1 1 
ATOM   619  N NE2 . GLN A 1 97  ? -5.349  -27.441 -31.419 1.00 21.73 ? 97  GLN A NE2 1 
ATOM   620  N N   . ARG A 1 98  ? -8.517  -21.689 -33.312 1.00 16.51 ? 98  ARG A N   1 
ATOM   621  C CA  . ARG A 1 98  ? -9.465  -21.048 -34.192 1.00 18.88 ? 98  ARG A CA  1 
ATOM   622  C C   . ARG A 1 98  ? -10.380 -20.112 -33.414 1.00 18.32 ? 98  ARG A C   1 
ATOM   623  O O   . ARG A 1 98  ? -10.543 -20.245 -32.203 1.00 13.72 ? 98  ARG A O   1 
ATOM   624  C CB  . ARG A 1 98  ? -10.266 -22.125 -34.916 1.00 21.22 ? 98  ARG A CB  1 
ATOM   625  C CG  . ARG A 1 98  ? -11.168 -21.638 -36.013 1.00 28.40 ? 98  ARG A CG  1 
ATOM   626  C CD  . ARG A 1 98  ? -11.635 -22.814 -36.858 1.00 33.43 ? 98  ARG A CD  1 
ATOM   627  N NE  . ARG A 1 98  ? -12.813 -22.462 -37.644 1.00 35.41 ? 98  ARG A NE  1 
ATOM   628  C CZ  . ARG A 1 98  ? -13.744 -23.335 -38.023 1.00 36.52 ? 98  ARG A CZ  1 
ATOM   629  N NH1 . ARG A 1 98  ? -14.795 -22.917 -38.724 1.00 40.43 ? 98  ARG A NH1 1 
ATOM   630  N NH2 . ARG A 1 98  ? -13.619 -24.623 -37.720 1.00 32.51 ? 98  ARG A NH2 1 
ATOM   631  N N   . VAL A 1 99  ? -10.877 -19.104 -34.116 1.00 17.24 ? 99  VAL A N   1 
ATOM   632  C CA  . VAL A 1 99  ? -11.798 -18.124 -33.569 1.00 18.40 ? 99  VAL A CA  1 
ATOM   633  C C   . VAL A 1 99  ? -12.830 -17.897 -34.671 1.00 17.70 ? 99  VAL A C   1 
ATOM   634  O O   . VAL A 1 99  ? -12.493 -17.947 -35.865 1.00 16.12 ? 99  VAL A O   1 
ATOM   635  C CB  . VAL A 1 99  ? -11.113 -16.751 -33.287 1.00 19.29 ? 99  VAL A CB  1 
ATOM   636  C CG1 . VAL A 1 99  ? -12.132 -15.764 -32.703 1.00 19.19 ? 99  VAL A CG1 1 
ATOM   637  C CG2 . VAL A 1 99  ? -9.942  -16.913 -32.347 1.00 21.71 ? 99  VAL A CG2 1 
ATOM   638  N N   . ILE A 1 100 ? -14.086 -17.717 -34.273 1.00 17.85 ? 100 ILE A N   1 
ATOM   639  C CA  . ILE A 1 100 ? -15.170 -17.434 -35.213 1.00 15.24 ? 100 ILE A CA  1 
ATOM   640  C C   . ILE A 1 100 ? -15.972 -16.270 -34.637 1.00 16.02 ? 100 ILE A C   1 
ATOM   641  O O   . ILE A 1 100 ? -16.336 -16.296 -33.463 1.00 16.07 ? 100 ILE A O   1 
ATOM   642  C CB  . ILE A 1 100 ? -16.148 -18.634 -35.407 1.00 19.19 ? 100 ILE A CB  1 
ATOM   643  C CG1 . ILE A 1 100 ? -15.441 -19.816 -36.066 1.00 15.56 ? 100 ILE A CG1 1 
ATOM   644  C CG2 . ILE A 1 100 ? -17.363 -18.200 -36.262 1.00 15.57 ? 100 ILE A CG2 1 
ATOM   645  C CD1 . ILE A 1 100 ? -14.933 -20.782 -35.071 1.00 18.22 ? 100 ILE A CD1 1 
ATOM   646  N N   . ARG A 1 101 ? -16.172 -15.221 -35.433 1.00 14.27 ? 101 ARG A N   1 
ATOM   647  C CA  . ARG A 1 101 ? -16.969 -14.061 -35.018 1.00 13.71 ? 101 ARG A CA  1 
ATOM   648  C C   . ARG A 1 101 ? -18.407 -14.510 -35.324 1.00 14.15 ? 101 ARG A C   1 
ATOM   649  O O   . ARG A 1 101 ? -18.775 -14.680 -36.474 1.00 14.62 ? 101 ARG A O   1 
ATOM   650  C CB  . ARG A 1 101 ? -16.604 -12.826 -35.858 1.00 10.05 ? 101 ARG A CB  1 
ATOM   651  C CG  . ARG A 1 101 ? -17.373 -11.543 -35.485 1.00 11.89 ? 101 ARG A CG  1 
ATOM   652  C CD  . ARG A 1 101 ? -16.933 -10.305 -36.275 1.00 7.60  ? 101 ARG A CD  1 
ATOM   653  N NE  . ARG A 1 101 ? -15.477 -10.099 -36.268 1.00 14.39 ? 101 ARG A NE  1 
ATOM   654  C CZ  . ARG A 1 101 ? -14.782 -9.442  -35.329 1.00 16.33 ? 101 ARG A CZ  1 
ATOM   655  N NH1 . ARG A 1 101 ? -15.378 -8.893  -34.266 1.00 13.27 ? 101 ARG A NH1 1 
ATOM   656  N NH2 . ARG A 1 101 ? -13.471 -9.316  -35.461 1.00 15.00 ? 101 ARG A NH2 1 
ATOM   657  N N   . ILE A 1 102 ? -19.188 -14.770 -34.289 1.00 14.76 ? 102 ILE A N   1 
ATOM   658  C CA  . ILE A 1 102 ? -20.565 -15.250 -34.439 1.00 16.76 ? 102 ILE A CA  1 
ATOM   659  C C   . ILE A 1 102 ? -21.465 -14.468 -35.417 1.00 19.27 ? 102 ILE A C   1 
ATOM   660  O O   . ILE A 1 102 ? -22.125 -15.054 -36.266 1.00 23.79 ? 102 ILE A O   1 
ATOM   661  C CB  . ILE A 1 102 ? -21.258 -15.300 -33.036 1.00 16.28 ? 102 ILE A CB  1 
ATOM   662  C CG1 . ILE A 1 102 ? -20.647 -16.414 -32.192 1.00 14.30 ? 102 ILE A CG1 1 
ATOM   663  C CG2 . ILE A 1 102 ? -22.792 -15.436 -33.154 1.00 14.84 ? 102 ILE A CG2 1 
ATOM   664  C CD1 . ILE A 1 102 ? -20.986 -16.309 -30.729 1.00 12.50 ? 102 ILE A CD1 1 
ATOM   665  N N   . ARG A 1 103 ? -21.462 -13.151 -35.319 1.00 18.56 ? 103 ARG A N   1 
ATOM   666  C CA  . ARG A 1 103 ? -22.313 -12.314 -36.152 1.00 21.92 ? 103 ARG A CA  1 
ATOM   667  C C   . ARG A 1 103 ? -22.089 -12.404 -37.660 1.00 21.62 ? 103 ARG A C   1 
ATOM   668  O O   . ARG A 1 103 ? -23.045 -12.327 -38.438 1.00 23.13 ? 103 ARG A O   1 
ATOM   669  C CB  . ARG A 1 103 ? -22.170 -10.854 -35.742 1.00 22.78 ? 103 ARG A CB  1 
ATOM   670  C CG  . ARG A 1 103 ? -23.474 -10.096 -35.733 1.00 25.35 ? 103 ARG A CG  1 
ATOM   671  C CD  . ARG A 1 103 ? -23.382 -8.715  -36.324 1.00 22.53 ? 103 ARG A CD  1 
ATOM   672  N NE  . ARG A 1 103 ? -22.087 -8.080  -36.160 1.00 23.94 ? 103 ARG A NE  1 
ATOM   673  C CZ  . ARG A 1 103 ? -21.466 -7.424  -37.140 1.00 29.17 ? 103 ARG A CZ  1 
ATOM   674  N NH1 . ARG A 1 103 ? -20.283 -6.871  -36.903 1.00 27.08 ? 103 ARG A NH1 1 
ATOM   675  N NH2 . ARG A 1 103 ? -22.033 -7.281  -38.343 1.00 25.45 ? 103 ARG A NH2 1 
ATOM   676  N N   . THR A 1 104 ? -20.833 -12.532 -38.077 1.00 19.78 ? 104 THR A N   1 
ATOM   677  C CA  . THR A 1 104 ? -20.522 -12.559 -39.496 1.00 16.73 ? 104 THR A CA  1 
ATOM   678  C C   . THR A 1 104 ? -19.999 -13.892 -40.005 1.00 17.86 ? 104 THR A C   1 
ATOM   679  O O   . THR A 1 104 ? -20.003 -14.152 -41.207 1.00 21.05 ? 104 THR A O   1 
ATOM   680  C CB  . THR A 1 104 ? -19.463 -11.500 -39.811 1.00 14.45 ? 104 THR A CB  1 
ATOM   681  O OG1 . THR A 1 104 ? -18.283 -11.794 -39.058 1.00 15.18 ? 104 THR A OG1 1 
ATOM   682  C CG2 . THR A 1 104 ? -19.963 -10.094 -39.437 1.00 12.80 ? 104 THR A CG2 1 
ATOM   683  N N   . GLY A 1 105 ? -19.522 -14.728 -39.102 1.00 15.97 ? 105 GLY A N   1 
ATOM   684  C CA  . GLY A 1 105 ? -18.957 -15.990 -39.519 1.00 15.84 ? 105 GLY A CA  1 
ATOM   685  C C   . GLY A 1 105 ? -17.488 -15.813 -39.886 1.00 17.15 ? 105 GLY A C   1 
ATOM   686  O O   . GLY A 1 105 ? -16.856 -16.754 -40.347 1.00 19.53 ? 105 GLY A O   1 
ATOM   687  N N   . GLU A 1 106 ? -16.937 -14.612 -39.703 1.00 16.94 ? 106 GLU A N   1 
ATOM   688  C CA  . GLU A 1 106 ? -15.529 -14.355 -40.011 1.00 12.83 ? 106 GLU A CA  1 
ATOM   689  C C   . GLU A 1 106 ? -14.659 -15.251 -39.140 1.00 12.50 ? 106 GLU A C   1 
ATOM   690  O O   . GLU A 1 106 ? -14.977 -15.491 -37.981 1.00 13.43 ? 106 GLU A O   1 
ATOM   691  C CB  . GLU A 1 106 ? -15.182 -12.893 -39.775 1.00 17.23 ? 106 GLU A CB  1 
ATOM   692  C CG  . GLU A 1 106 ? -15.809 -11.909 -40.754 1.00 16.44 ? 106 GLU A CG  1 
ATOM   693  C CD  . GLU A 1 106 ? -15.544 -10.477 -40.345 1.00 17.92 ? 106 GLU A CD  1 
ATOM   694  O OE1 . GLU A 1 106 ? -16.140 -10.028 -39.357 1.00 18.79 ? 106 GLU A OE1 1 
ATOM   695  O OE2 . GLU A 1 106 ? -14.709 -9.800  -40.971 1.00 19.30 ? 106 GLU A OE2 1 
ATOM   696  N N   . ALA A 1 107 ? -13.520 -15.677 -39.672 1.00 9.80  ? 107 ALA A N   1 
ATOM   697  C CA  . ALA A 1 107 ? -12.636 -16.582 -38.962 1.00 10.01 ? 107 ALA A CA  1 
ATOM   698  C C   . ALA A 1 107 ? -11.249 -16.049 -38.670 1.00 12.96 ? 107 ALA A C   1 
ATOM   699  O O   . ALA A 1 107 ? -10.701 -15.243 -39.422 1.00 14.68 ? 107 ALA A O   1 
ATOM   700  C CB  . ALA A 1 107 ? -12.517 -17.866 -39.736 1.00 7.34  ? 107 ALA A CB  1 
ATOM   701  N N   . ASP A 1 108 ? -10.696 -16.538 -37.567 1.00 14.80 ? 108 ASP A N   1 
ATOM   702  C CA  . ASP A 1 108 ? -9.347  -16.222 -37.122 1.00 18.97 ? 108 ASP A CA  1 
ATOM   703  C C   . ASP A 1 108 ? -8.955  -14.743 -37.098 1.00 17.78 ? 108 ASP A C   1 
ATOM   704  O O   . ASP A 1 108 ? -9.552  -13.980 -36.352 1.00 16.06 ? 108 ASP A O   1 
ATOM   705  C CB  . ASP A 1 108 ? -8.358  -17.114 -37.901 1.00 18.62 ? 108 ASP A CB  1 
ATOM   706  C CG  . ASP A 1 108 ? -8.674  -18.613 -37.730 1.00 19.15 ? 108 ASP A CG  1 
ATOM   707  O OD1 . ASP A 1 108 ? -9.405  -18.972 -36.774 1.00 19.20 ? 108 ASP A OD1 1 
ATOM   708  O OD2 . ASP A 1 108 ? -8.208  -19.434 -38.551 1.00 19.31 ? 108 ASP A OD2 1 
ATOM   709  N N   . GLU A 1 109 ? -7.983  -14.318 -37.900 1.00 18.17 ? 109 GLU A N   1 
ATOM   710  C CA  . GLU A 1 109 ? -7.600  -12.905 -37.882 1.00 19.27 ? 109 GLU A CA  1 
ATOM   711  C C   . GLU A 1 109 ? -8.739  -11.933 -38.172 1.00 18.13 ? 109 GLU A C   1 
ATOM   712  O O   . GLU A 1 109 ? -8.731  -10.805 -37.677 1.00 19.13 ? 109 GLU A O   1 
ATOM   713  C CB  . GLU A 1 109 ? -6.403  -12.630 -38.777 1.00 16.94 ? 109 GLU A CB  1 
ATOM   714  C CG  . GLU A 1 109 ? -5.108  -12.690 -37.997 1.00 17.19 ? 109 GLU A CG  1 
ATOM   715  C CD  . GLU A 1 109 ? -3.901  -12.279 -38.795 1.00 19.37 ? 109 GLU A CD  1 
ATOM   716  O OE1 . GLU A 1 109 ? -2.864  -12.922 -38.615 1.00 22.95 ? 109 GLU A OE1 1 
ATOM   717  O OE2 . GLU A 1 109 ? -3.971  -11.319 -39.597 1.00 21.07 ? 109 GLU A OE2 1 
ATOM   718  N N   . ALA A 1 110 ? -9.724  -12.363 -38.953 1.00 15.03 ? 110 ALA A N   1 
ATOM   719  C CA  . ALA A 1 110 ? -10.867 -11.514 -39.245 1.00 11.96 ? 110 ALA A CA  1 
ATOM   720  C C   . ALA A 1 110 ? -11.825 -11.522 -38.060 1.00 11.95 ? 110 ALA A C   1 
ATOM   721  O O   . ALA A 1 110 ? -12.785 -10.765 -38.054 1.00 15.73 ? 110 ALA A O   1 
ATOM   722  C CB  . ALA A 1 110 ? -11.596 -12.006 -40.465 1.00 12.38 ? 110 ALA A CB  1 
ATOM   723  N N   . ALA A 1 111 ? -11.639 -12.449 -37.129 1.00 10.49 ? 111 ALA A N   1 
ATOM   724  C CA  . ALA A 1 111 ? -12.499 -12.540 -35.962 1.00 10.26 ? 111 ALA A CA  1 
ATOM   725  C C   . ALA A 1 111 ? -11.834 -11.918 -34.752 1.00 14.18 ? 111 ALA A C   1 
ATOM   726  O O   . ALA A 1 111 ? -12.447 -11.846 -33.687 1.00 16.15 ? 111 ALA A O   1 
ATOM   727  C CB  . ALA A 1 111 ? -12.829 -14.003 -35.662 1.00 5.58  ? 111 ALA A CB  1 
ATOM   728  N N   . LEU A 1 112 ? -10.574 -11.511 -34.894 1.00 15.98 ? 112 LEU A N   1 
ATOM   729  C CA  . LEU A 1 112 ? -9.823  -10.928 -33.779 1.00 17.40 ? 112 LEU A CA  1 
ATOM   730  C C   . LEU A 1 112 ? -10.221 -9.495  -33.432 1.00 19.85 ? 112 LEU A C   1 
ATOM   731  O O   . LEU A 1 112 ? -9.938  -9.090  -32.276 1.00 23.28 ? 112 LEU A O   1 
ATOM   732  C CB  . LEU A 1 112 ? -8.312  -11.001 -34.047 1.00 17.56 ? 112 LEU A CB  1 
ATOM   733  C CG  . LEU A 1 112 ? -7.635  -12.379 -34.062 1.00 17.44 ? 112 LEU A CG  1 
ATOM   734  C CD1 . LEU A 1 112 ? -6.176  -12.242 -34.472 1.00 17.17 ? 112 LEU A CD1 1 
ATOM   735  C CD2 . LEU A 1 112 ? -7.721  -13.029 -32.684 1.00 19.90 ? 112 LEU A CD2 1 
ATOM   736  O OXT . LEU A 1 112 ? -10.797 -8.800  -34.293 1.00 22.42 ? 112 LEU A OXT 1 
ATOM   737  N N   . MET B 1 1   ? -1.000  -6.048  12.018  1.00 41.21 ? 1   MET B N   1 
ATOM   738  C CA  . MET B 1 1   ? -0.545  -4.668  11.703  1.00 37.51 ? 1   MET B CA  1 
ATOM   739  C C   . MET B 1 1   ? -0.246  -3.962  13.029  1.00 36.59 ? 1   MET B C   1 
ATOM   740  O O   . MET B 1 1   ? -0.810  -4.315  14.074  1.00 35.68 ? 1   MET B O   1 
ATOM   741  C CB  . MET B 1 1   ? -1.659  -3.903  10.972  1.00 40.45 ? 1   MET B CB  1 
ATOM   742  C CG  . MET B 1 1   ? -2.203  -4.545  9.716   1.00 39.14 ? 1   MET B CG  1 
ATOM   743  S SD  . MET B 1 1   ? -0.862  -4.928  8.621   1.00 48.15 ? 1   MET B SD  1 
ATOM   744  C CE  . MET B 1 1   ? 0.014   -3.276  8.414   1.00 43.91 ? 1   MET B CE  1 
ATOM   745  N N   . LYS B 1 2   ? 0.609   -2.951  12.990  1.00 31.55 ? 2   LYS B N   1 
ATOM   746  C CA  . LYS B 1 2   ? 0.926   -2.221  14.198  1.00 27.97 ? 2   LYS B CA  1 
ATOM   747  C C   . LYS B 1 2   ? 0.702   -0.733  14.041  1.00 24.74 ? 2   LYS B C   1 
ATOM   748  O O   . LYS B 1 2   ? 1.038   -0.164  13.014  1.00 23.33 ? 2   LYS B O   1 
ATOM   749  C CB  . LYS B 1 2   ? 2.377   -2.473  14.591  1.00 29.67 ? 2   LYS B CB  1 
ATOM   750  C CG  . LYS B 1 2   ? 2.529   -2.935  16.020  1.00 30.29 ? 2   LYS B CG  1 
ATOM   751  C CD  . LYS B 1 2   ? 1.687   -4.158  16.273  1.00 26.89 ? 2   LYS B CD  1 
ATOM   752  C CE  . LYS B 1 2   ? 2.478   -5.099  17.105  1.00 32.76 ? 2   LYS B CE  1 
ATOM   753  N NZ  . LYS B 1 2   ? 3.796   -5.381  16.424  1.00 37.29 ? 2   LYS B NZ  1 
ATOM   754  N N   . LEU B 1 3   ? 0.107   -0.110  15.050  1.00 24.89 ? 3   LEU B N   1 
ATOM   755  C CA  . LEU B 1 3   ? -0.107  1.327   15.033  1.00 22.73 ? 3   LEU B CA  1 
ATOM   756  C C   . LEU B 1 3   ? 0.828   1.975   16.064  1.00 19.92 ? 3   LEU B C   1 
ATOM   757  O O   . LEU B 1 3   ? 0.656   1.826   17.269  1.00 17.88 ? 3   LEU B O   1 
ATOM   758  C CB  . LEU B 1 3   ? -1.571  1.672   15.331  1.00 25.61 ? 3   LEU B CB  1 
ATOM   759  C CG  . LEU B 1 3   ? -2.117  3.015   14.797  1.00 31.94 ? 3   LEU B CG  1 
ATOM   760  C CD1 . LEU B 1 3   ? -1.437  4.214   15.431  1.00 26.65 ? 3   LEU B CD1 1 
ATOM   761  C CD2 . LEU B 1 3   ? -1.965  3.066   13.271  1.00 26.92 ? 3   LEU B CD2 1 
ATOM   762  N N   . VAL B 1 4   ? 1.840   2.652   15.552  1.00 18.56 ? 4   VAL B N   1 
ATOM   763  C CA  . VAL B 1 4   ? 2.826   3.334   16.363  1.00 20.31 ? 4   VAL B CA  1 
ATOM   764  C C   . VAL B 1 4   ? 2.574   4.850   16.402  1.00 20.47 ? 4   VAL B C   1 
ATOM   765  O O   . VAL B 1 4   ? 2.533   5.526   15.369  1.00 19.40 ? 4   VAL B O   1 
ATOM   766  C CB  . VAL B 1 4   ? 4.267   3.045   15.838  1.00 20.91 ? 4   VAL B CB  1 
ATOM   767  C CG1 . VAL B 1 4   ? 5.311   3.768   16.699  1.00 19.30 ? 4   VAL B CG1 1 
ATOM   768  C CG2 . VAL B 1 4   ? 4.521   1.549   15.850  1.00 18.32 ? 4   VAL B CG2 1 
ATOM   769  N N   . THR B 1 5   ? 2.381   5.359   17.614  1.00 20.83 ? 5   THR B N   1 
ATOM   770  C CA  . THR B 1 5   ? 2.118   6.766   17.848  1.00 17.79 ? 5   THR B CA  1 
ATOM   771  C C   . THR B 1 5   ? 3.283   7.305   18.645  1.00 17.27 ? 5   THR B C   1 
ATOM   772  O O   . THR B 1 5   ? 3.657   6.726   19.679  1.00 13.89 ? 5   THR B O   1 
ATOM   773  C CB  . THR B 1 5   ? 0.847   6.938   18.698  1.00 18.00 ? 5   THR B CB  1 
ATOM   774  O OG1 . THR B 1 5   ? -0.266  6.375   17.996  1.00 21.76 ? 5   THR B OG1 1 
ATOM   775  C CG2 . THR B 1 5   ? 0.587   8.399   18.995  1.00 14.67 ? 5   THR B CG2 1 
ATOM   776  N N   . VAL B 1 6   ? 3.848   8.407   18.168  1.00 16.16 ? 6   VAL B N   1 
ATOM   777  C CA  . VAL B 1 6   ? 4.976   9.049   18.829  1.00 17.00 ? 6   VAL B CA  1 
ATOM   778  C C   . VAL B 1 6   ? 4.593   10.460  19.227  1.00 14.75 ? 6   VAL B C   1 
ATOM   779  O O   . VAL B 1 6   ? 4.170   11.239  18.374  1.00 14.12 ? 6   VAL B O   1 
ATOM   780  C CB  . VAL B 1 6   ? 6.207   9.175   17.901  1.00 15.12 ? 6   VAL B CB  1 
ATOM   781  C CG1 . VAL B 1 6   ? 7.475   9.307   18.749  1.00 20.11 ? 6   VAL B CG1 1 
ATOM   782  C CG2 . VAL B 1 6   ? 6.301   7.985   16.958  1.00 17.95 ? 6   VAL B CG2 1 
ATOM   783  N N   . ILE B 1 7   ? 4.729   10.782  20.509  1.00 12.85 ? 7   ILE B N   1 
ATOM   784  C CA  . ILE B 1 7   ? 4.432   12.122  20.979  1.00 14.86 ? 7   ILE B CA  1 
ATOM   785  C C   . ILE B 1 7   ? 5.804   12.737  21.222  1.00 16.01 ? 7   ILE B C   1 
ATOM   786  O O   . ILE B 1 7   ? 6.541   12.266  22.081  1.00 17.17 ? 7   ILE B O   1 
ATOM   787  C CB  . ILE B 1 7   ? 3.655   12.126  22.309  1.00 17.02 ? 7   ILE B CB  1 
ATOM   788  C CG1 . ILE B 1 7   ? 2.454   11.186  22.271  1.00 16.44 ? 7   ILE B CG1 1 
ATOM   789  C CG2 . ILE B 1 7   ? 3.193   13.534  22.599  1.00 17.48 ? 7   ILE B CG2 1 
ATOM   790  C CD1 . ILE B 1 7   ? 1.262   11.740  21.614  1.00 19.33 ? 7   ILE B CD1 1 
ATOM   791  N N   . ILE B 1 8   ? 6.136   13.804  20.505  1.00 15.33 ? 8   ILE B N   1 
ATOM   792  C CA  . ILE B 1 8   ? 7.454   14.404  20.625  1.00 16.83 ? 8   ILE B CA  1 
ATOM   793  C C   . ILE B 1 8   ? 7.479   15.934  20.574  1.00 18.09 ? 8   ILE B C   1 
ATOM   794  O O   . ILE B 1 8   ? 6.452   16.590  20.348  1.00 15.26 ? 8   ILE B O   1 
ATOM   795  C CB  . ILE B 1 8   ? 8.442   13.831  19.506  1.00 21.01 ? 8   ILE B CB  1 
ATOM   796  C CG1 . ILE B 1 8   ? 7.778   13.807  18.133  1.00 21.45 ? 8   ILE B CG1 1 
ATOM   797  C CG2 . ILE B 1 8   ? 8.839   12.382  19.804  1.00 22.77 ? 8   ILE B CG2 1 
ATOM   798  C CD1 . ILE B 1 8   ? 8.154   14.949  17.281  1.00 26.30 ? 8   ILE B CD1 1 
ATOM   799  N N   . LYS B 1 9   ? 8.654   16.494  20.825  1.00 16.92 ? 9   LYS B N   1 
ATOM   800  C CA  . LYS B 1 9   ? 8.839   17.935  20.772  1.00 18.92 ? 9   LYS B CA  1 
ATOM   801  C C   . LYS B 1 9   ? 8.720   18.391  19.329  1.00 17.63 ? 9   LYS B C   1 
ATOM   802  O O   . LYS B 1 9   ? 9.304   17.782  18.412  1.00 18.15 ? 9   LYS B O   1 
ATOM   803  C CB  . LYS B 1 9   ? 10.200  18.309  21.362  1.00 21.23 ? 9   LYS B CB  1 
ATOM   804  C CG  . LYS B 1 9   ? 10.225  18.160  22.887  1.00 21.74 ? 9   LYS B CG  1 
ATOM   805  C CD  . LYS B 1 9   ? 11.628  18.122  23.463  1.00 27.49 ? 9   LYS B CD  1 
ATOM   806  C CE  . LYS B 1 9   ? 11.619  18.351  24.969  1.00 25.22 ? 9   LYS B CE  1 
ATOM   807  N NZ  . LYS B 1 9   ? 12.908  17.928  25.575  1.00 32.82 ? 9   LYS B NZ  1 
ATOM   808  N N   . PRO B 1 10  ? 7.960   19.471  19.097  1.00 18.27 ? 10  PRO B N   1 
ATOM   809  C CA  . PRO B 1 10  ? 7.779   19.988  17.739  1.00 16.99 ? 10  PRO B CA  1 
ATOM   810  C C   . PRO B 1 10  ? 9.055   20.121  16.916  1.00 18.89 ? 10  PRO B C   1 
ATOM   811  O O   . PRO B 1 10  ? 9.117   19.622  15.796  1.00 18.46 ? 10  PRO B O   1 
ATOM   812  C CB  . PRO B 1 10  ? 7.102   21.335  17.985  1.00 17.30 ? 10  PRO B CB  1 
ATOM   813  C CG  . PRO B 1 10  ? 6.238   21.057  19.179  1.00 12.79 ? 10  PRO B CG  1 
ATOM   814  C CD  . PRO B 1 10  ? 7.165   20.255  20.069  1.00 15.24 ? 10  PRO B CD  1 
ATOM   815  N N   . PHE B 1 11  ? 10.102  20.714  17.487  1.00 20.14 ? 11  PHE B N   1 
ATOM   816  C CA  . PHE B 1 11  ? 11.343  20.909  16.729  1.00 21.61 ? 11  PHE B CA  1 
ATOM   817  C C   . PHE B 1 11  ? 12.039  19.634  16.259  1.00 19.94 ? 11  PHE B C   1 
ATOM   818  O O   . PHE B 1 11  ? 12.871  19.669  15.366  1.00 20.89 ? 11  PHE B O   1 
ATOM   819  C CB  . PHE B 1 11  ? 12.319  21.808  17.508  1.00 22.93 ? 11  PHE B CB  1 
ATOM   820  C CG  . PHE B 1 11  ? 13.193  21.069  18.487  1.00 25.20 ? 11  PHE B CG  1 
ATOM   821  C CD1 . PHE B 1 11  ? 12.709  20.684  19.734  1.00 26.41 ? 11  PHE B CD1 1 
ATOM   822  C CD2 . PHE B 1 11  ? 14.517  20.769  18.160  1.00 29.13 ? 11  PHE B CD2 1 
ATOM   823  C CE1 . PHE B 1 11  ? 13.535  20.013  20.647  1.00 23.95 ? 11  PHE B CE1 1 
ATOM   824  C CE2 . PHE B 1 11  ? 15.344  20.104  19.060  1.00 28.00 ? 11  PHE B CE2 1 
ATOM   825  C CZ  . PHE B 1 11  ? 14.848  19.723  20.306  1.00 26.80 ? 11  PHE B CZ  1 
ATOM   826  N N   . LYS B 1 12  ? 11.676  18.506  16.847  1.00 19.33 ? 12  LYS B N   1 
ATOM   827  C CA  . LYS B 1 12  ? 12.276  17.234  16.484  1.00 18.75 ? 12  LYS B CA  1 
ATOM   828  C C   . LYS B 1 12  ? 11.548  16.492  15.361  1.00 20.23 ? 12  LYS B C   1 
ATOM   829  O O   . LYS B 1 12  ? 11.933  15.380  14.980  1.00 20.71 ? 12  LYS B O   1 
ATOM   830  C CB  . LYS B 1 12  ? 12.400  16.358  17.735  1.00 19.20 ? 12  LYS B CB  1 
ATOM   831  C CG  . LYS B 1 12  ? 13.678  16.620  18.551  1.00 19.52 ? 12  LYS B CG  1 
ATOM   832  C CD  . LYS B 1 12  ? 14.893  16.194  17.717  1.00 23.64 ? 12  LYS B CD  1 
ATOM   833  C CE  . LYS B 1 12  ? 15.965  15.528  18.541  1.00 23.19 ? 12  LYS B CE  1 
ATOM   834  N NZ  . LYS B 1 12  ? 16.764  16.507  19.327  1.00 30.61 ? 12  LYS B NZ  1 
ATOM   835  N N   . LEU B 1 13  ? 10.508  17.108  14.811  1.00 21.74 ? 13  LEU B N   1 
ATOM   836  C CA  . LEU B 1 13  ? 9.748   16.463  13.741  1.00 21.05 ? 13  LEU B CA  1 
ATOM   837  C C   . LEU B 1 13  ? 10.617  16.153  12.517  1.00 21.93 ? 13  LEU B C   1 
ATOM   838  O O   . LEU B 1 13  ? 10.579  15.030  12.006  1.00 24.25 ? 13  LEU B O   1 
ATOM   839  C CB  . LEU B 1 13  ? 8.548   17.330  13.343  1.00 18.19 ? 13  LEU B CB  1 
ATOM   840  C CG  . LEU B 1 13  ? 7.282   16.686  12.748  1.00 21.06 ? 13  LEU B CG  1 
ATOM   841  C CD1 . LEU B 1 13  ? 6.881   17.490  11.547  1.00 18.23 ? 13  LEU B CD1 1 
ATOM   842  C CD2 . LEU B 1 13  ? 7.389   15.196  12.403  1.00 15.45 ? 13  LEU B CD2 1 
ATOM   843  N N   . GLU B 1 14  ? 11.416  17.127  12.074  1.00 21.42 ? 14  GLU B N   1 
ATOM   844  C CA  . GLU B 1 14  ? 12.270  16.925  10.902  1.00 24.88 ? 14  GLU B CA  1 
ATOM   845  C C   . GLU B 1 14  ? 13.222  15.758  11.086  1.00 25.47 ? 14  GLU B C   1 
ATOM   846  O O   . GLU B 1 14  ? 13.441  14.974  10.154  1.00 25.04 ? 14  GLU B O   1 
ATOM   847  C CB  . GLU B 1 14  ? 13.030  18.199  10.541  1.00 24.87 ? 14  GLU B CB  1 
ATOM   848  N N   . ASP B 1 15  ? 13.743  15.602  12.300  1.00 26.23 ? 15  ASP B N   1 
ATOM   849  C CA  . ASP B 1 15  ? 14.656  14.498  12.571  1.00 24.34 ? 15  ASP B CA  1 
ATOM   850  C C   . ASP B 1 15  ? 13.951  13.166  12.558  1.00 23.14 ? 15  ASP B C   1 
ATOM   851  O O   . ASP B 1 15  ? 14.497  12.181  12.072  1.00 24.09 ? 15  ASP B O   1 
ATOM   852  C CB  . ASP B 1 15  ? 15.325  14.650  13.930  1.00 27.81 ? 15  ASP B CB  1 
ATOM   853  C CG  . ASP B 1 15  ? 16.479  15.604  13.911  1.00 26.13 ? 15  ASP B CG  1 
ATOM   854  O OD1 . ASP B 1 15  ? 17.031  15.808  14.999  1.00 31.24 ? 15  ASP B OD1 1 
ATOM   855  O OD2 . ASP B 1 15  ? 16.825  16.155  12.846  1.00 24.75 ? 15  ASP B OD2 1 
ATOM   856  N N   . VAL B 1 16  ? 12.784  13.102  13.190  1.00 23.90 ? 16  VAL B N   1 
ATOM   857  C CA  . VAL B 1 16  ? 12.030  11.836  13.242  1.00 23.58 ? 16  VAL B CA  1 
ATOM   858  C C   . VAL B 1 16  ? 11.490  11.416  11.859  1.00 21.71 ? 16  VAL B C   1 
ATOM   859  O O   . VAL B 1 16  ? 11.471  10.231  11.529  1.00 20.52 ? 16  VAL B O   1 
ATOM   860  C CB  . VAL B 1 16  ? 10.892  11.888  14.309  1.00 23.20 ? 16  VAL B CB  1 
ATOM   861  C CG1 . VAL B 1 16  ? 10.164  10.524  14.393  1.00 20.99 ? 16  VAL B CG1 1 
ATOM   862  C CG2 . VAL B 1 16  ? 11.480  12.289  15.677  1.00 18.57 ? 16  VAL B CG2 1 
ATOM   863  N N   . ARG B 1 17  ? 11.049  12.394  11.072  1.00 21.59 ? 17  ARG B N   1 
ATOM   864  C CA  . ARG B 1 17  ? 10.550  12.152  9.724   1.00 25.71 ? 17  ARG B CA  1 
ATOM   865  C C   . ARG B 1 17  ? 11.717  11.596  8.891   1.00 25.90 ? 17  ARG B C   1 
ATOM   866  O O   . ARG B 1 17  ? 11.614  10.526  8.299   1.00 24.49 ? 17  ARG B O   1 
ATOM   867  C CB  . ARG B 1 17  ? 10.012  13.463  9.122   1.00 30.09 ? 17  ARG B CB  1 
ATOM   868  C CG  . ARG B 1 17  ? 9.645   13.442  7.619   1.00 38.15 ? 17  ARG B CG  1 
ATOM   869  C CD  . ARG B 1 17  ? 10.851  13.773  6.713   1.00 46.11 ? 17  ARG B CD  1 
ATOM   870  N NE  . ARG B 1 17  ? 10.486  14.092  5.321   1.00 52.07 ? 17  ARG B NE  1 
ATOM   871  C CZ  . ARG B 1 17  ? 10.077  13.206  4.401   1.00 54.67 ? 17  ARG B CZ  1 
ATOM   872  N NH1 . ARG B 1 17  ? 9.940   11.928  4.703   1.00 55.75 ? 17  ARG B NH1 1 
ATOM   873  N NH2 . ARG B 1 17  ? 9.820   13.616  3.155   1.00 55.69 ? 17  ARG B NH2 1 
ATOM   874  N N   . GLU B 1 18  ? 12.864  12.271  8.929   1.00 27.08 ? 18  GLU B N   1 
ATOM   875  C CA  . GLU B 1 18  ? 14.020  11.818  8.167   1.00 29.27 ? 18  GLU B CA  1 
ATOM   876  C C   . GLU B 1 18  ? 14.459  10.415  8.556   1.00 27.94 ? 18  GLU B C   1 
ATOM   877  O O   . GLU B 1 18  ? 14.835  9.622   7.696   1.00 29.17 ? 18  GLU B O   1 
ATOM   878  C CB  . GLU B 1 18  ? 15.171  12.779  8.335   1.00 34.85 ? 18  GLU B CB  1 
ATOM   879  C CG  . GLU B 1 18  ? 14.979  14.122  7.665   1.00 45.27 ? 18  GLU B CG  1 
ATOM   880  C CD  . GLU B 1 18  ? 16.099  15.096  8.031   1.00 55.05 ? 18  GLU B CD  1 
ATOM   881  O OE1 . GLU B 1 18  ? 17.167  14.629  8.542   1.00 58.25 ? 18  GLU B OE1 1 
ATOM   882  O OE2 . GLU B 1 18  ? 15.927  16.339  7.839   1.00 59.62 ? 18  GLU B OE2 1 
ATOM   883  N N   . ALA B 1 19  ? 14.416  10.113  9.847   1.00 25.68 ? 19  ALA B N   1 
ATOM   884  C CA  . ALA B 1 19  ? 14.832  8.801   10.344  1.00 25.68 ? 19  ALA B CA  1 
ATOM   885  C C   . ALA B 1 19  ? 13.912  7.701   9.853   1.00 25.85 ? 19  ALA B C   1 
ATOM   886  O O   . ALA B 1 19  ? 14.321  6.562   9.684   1.00 27.17 ? 19  ALA B O   1 
ATOM   887  C CB  . ALA B 1 19  ? 14.870  8.801   11.868  1.00 20.82 ? 19  ALA B CB  1 
ATOM   888  N N   . LEU B 1 20  ? 12.655  8.058   9.639   1.00 27.84 ? 20  LEU B N   1 
ATOM   889  C CA  . LEU B 1 20  ? 11.631  7.132   9.176   1.00 27.27 ? 20  LEU B CA  1 
ATOM   890  C C   . LEU B 1 20  ? 11.780  6.877   7.679   1.00 28.28 ? 20  LEU B C   1 
ATOM   891  O O   . LEU B 1 20  ? 11.681  5.736   7.217   1.00 27.40 ? 20  LEU B O   1 
ATOM   892  C CB  . LEU B 1 20  ? 10.246  7.721   9.478   1.00 27.11 ? 20  LEU B CB  1 
ATOM   893  C CG  . LEU B 1 20  ? 9.260   7.154   10.517  1.00 27.56 ? 20  LEU B CG  1 
ATOM   894  C CD1 . LEU B 1 20  ? 9.836   6.095   11.427  1.00 22.81 ? 20  LEU B CD1 1 
ATOM   895  C CD2 . LEU B 1 20  ? 8.681   8.305   11.334  1.00 24.72 ? 20  LEU B CD2 1 
ATOM   896  N N   . SER B 1 21  ? 12.052  7.938   6.928   1.00 30.24 ? 21  SER B N   1 
ATOM   897  C CA  . SER B 1 21  ? 12.209  7.831   5.484   1.00 33.38 ? 21  SER B CA  1 
ATOM   898  C C   . SER B 1 21  ? 13.488  7.073   5.138   1.00 33.89 ? 21  SER B C   1 
ATOM   899  O O   . SER B 1 21  ? 13.573  6.433   4.080   1.00 34.07 ? 21  SER B O   1 
ATOM   900  C CB  . SER B 1 21  ? 12.201  9.215   4.816   1.00 35.42 ? 21  SER B CB  1 
ATOM   901  O OG  . SER B 1 21  ? 13.470  9.824   4.888   1.00 41.20 ? 21  SER B OG  1 
ATOM   902  N N   . SER B 1 22  ? 14.467  7.128   6.037   1.00 33.52 ? 22  SER B N   1 
ATOM   903  C CA  . SER B 1 22  ? 15.723  6.424   5.837   1.00 32.74 ? 22  SER B CA  1 
ATOM   904  C C   . SER B 1 22  ? 15.406  4.934   5.847   1.00 33.58 ? 22  SER B C   1 
ATOM   905  O O   . SER B 1 22  ? 16.148  4.131   5.288   1.00 36.68 ? 22  SER B O   1 
ATOM   906  C CB  . SER B 1 22  ? 16.736  6.766   6.941   1.00 31.75 ? 22  SER B CB  1 
ATOM   907  O OG  . SER B 1 22  ? 16.494  6.026   8.133   1.00 26.41 ? 22  SER B OG  1 
ATOM   908  N N   . ILE B 1 23  ? 14.297  4.559   6.475   1.00 30.97 ? 23  ILE B N   1 
ATOM   909  C CA  . ILE B 1 23  ? 13.917  3.159   6.492   1.00 30.99 ? 23  ILE B CA  1 
ATOM   910  C C   . ILE B 1 23  ? 12.656  2.864   5.668   1.00 32.06 ? 23  ILE B C   1 
ATOM   911  O O   . ILE B 1 23  ? 11.898  1.937   5.957   1.00 31.27 ? 23  ILE B O   1 
ATOM   912  C CB  . ILE B 1 23  ? 13.858  2.595   7.916   1.00 30.80 ? 23  ILE B CB  1 
ATOM   913  C CG1 . ILE B 1 23  ? 12.752  3.255   8.747   1.00 31.66 ? 23  ILE B CG1 1 
ATOM   914  C CG2 . ILE B 1 23  ? 15.184  2.856   8.583   1.00 28.95 ? 23  ILE B CG2 1 
ATOM   915  C CD1 . ILE B 1 23  ? 12.502  2.539   10.066  1.00 25.50 ? 23  ILE B CD1 1 
ATOM   916  N N   . GLY B 1 24  ? 12.471  3.665   4.616   1.00 33.67 ? 24  GLY B N   1 
ATOM   917  C CA  . GLY B 1 24  ? 11.365  3.503   3.686   1.00 31.91 ? 24  GLY B CA  1 
ATOM   918  C C   . GLY B 1 24  ? 9.967   3.894   4.106   1.00 30.78 ? 24  GLY B C   1 
ATOM   919  O O   . GLY B 1 24  ? 9.057   3.816   3.290   1.00 29.84 ? 24  GLY B O   1 
ATOM   920  N N   . ILE B 1 25  ? 9.797   4.356   5.344   1.00 30.15 ? 25  ILE B N   1 
ATOM   921  C CA  . ILE B 1 25  ? 8.478   4.737   5.862   1.00 27.83 ? 25  ILE B CA  1 
ATOM   922  C C   . ILE B 1 25  ? 8.063   6.145   5.455   1.00 29.06 ? 25  ILE B C   1 
ATOM   923  O O   . ILE B 1 25  ? 8.520   7.141   6.029   1.00 28.41 ? 25  ILE B O   1 
ATOM   924  C CB  . ILE B 1 25  ? 8.422   4.561   7.396   1.00 23.13 ? 25  ILE B CB  1 
ATOM   925  C CG1 . ILE B 1 25  ? 8.621   3.085   7.731   1.00 21.07 ? 25  ILE B CG1 1 
ATOM   926  C CG2 . ILE B 1 25  ? 7.089   5.031   7.937   1.00 24.60 ? 25  ILE B CG2 1 
ATOM   927  C CD1 . ILE B 1 25  ? 8.593   2.754   9.191   1.00 18.89 ? 25  ILE B CD1 1 
ATOM   928  N N   . GLN B 1 26  ? 7.208   6.234   4.447   1.00 29.27 ? 26  GLN B N   1 
ATOM   929  C CA  . GLN B 1 26  ? 6.778   7.538   3.976   1.00 33.39 ? 26  GLN B CA  1 
ATOM   930  C C   . GLN B 1 26  ? 5.394   7.928   4.493   1.00 33.70 ? 26  GLN B C   1 
ATOM   931  O O   . GLN B 1 26  ? 5.004   9.094   4.414   1.00 37.45 ? 26  GLN B O   1 
ATOM   932  C CB  . GLN B 1 26  ? 6.811   7.592   2.443   1.00 35.29 ? 26  GLN B CB  1 
ATOM   933  C CG  . GLN B 1 26  ? 8.199   7.360   1.793   1.00 40.39 ? 26  GLN B CG  1 
ATOM   934  C CD  . GLN B 1 26  ? 9.289   8.365   2.216   1.00 43.75 ? 26  GLN B CD  1 
ATOM   935  O OE1 . GLN B 1 26  ? 9.006   9.519   2.526   1.00 47.63 ? 26  GLN B OE1 1 
ATOM   936  N NE2 . GLN B 1 26  ? 10.541  7.924   2.197   1.00 41.68 ? 26  GLN B NE2 1 
ATOM   937  N N   . GLY B 1 27  ? 4.686   6.969   5.074   1.00 30.85 ? 27  GLY B N   1 
ATOM   938  C CA  . GLY B 1 27  ? 3.340   7.208   5.556   1.00 31.03 ? 27  GLY B CA  1 
ATOM   939  C C   . GLY B 1 27  ? 3.260   7.695   6.980   1.00 32.08 ? 27  GLY B C   1 
ATOM   940  O O   . GLY B 1 27  ? 3.394   6.917   7.925   1.00 36.71 ? 27  GLY B O   1 
ATOM   941  N N   . LEU B 1 28  ? 3.038   8.989   7.137   1.00 27.80 ? 28  LEU B N   1 
ATOM   942  C CA  . LEU B 1 28  ? 2.944   9.586   8.453   1.00 25.33 ? 28  LEU B CA  1 
ATOM   943  C C   . LEU B 1 28  ? 1.731   10.513  8.545   1.00 22.87 ? 28  LEU B C   1 
ATOM   944  O O   . LEU B 1 28  ? 1.363   11.179  7.566   1.00 21.47 ? 28  LEU B O   1 
ATOM   945  C CB  . LEU B 1 28  ? 4.196   10.426  8.744   1.00 24.65 ? 28  LEU B CB  1 
ATOM   946  C CG  . LEU B 1 28  ? 5.611   9.868   8.867   1.00 30.68 ? 28  LEU B CG  1 
ATOM   947  C CD1 . LEU B 1 28  ? 6.522   10.984  9.411   1.00 30.20 ? 28  LEU B CD1 1 
ATOM   948  C CD2 . LEU B 1 28  ? 5.618   8.666   9.813   1.00 36.87 ? 28  LEU B CD2 1 
ATOM   949  N N   . THR B 1 29  ? 1.145   10.581  9.734   1.00 20.00 ? 29  THR B N   1 
ATOM   950  C CA  . THR B 1 29  ? 0.021   11.466  9.992   1.00 16.14 ? 29  THR B CA  1 
ATOM   951  C C   . THR B 1 29  ? 0.478   12.233  11.206  1.00 15.98 ? 29  THR B C   1 
ATOM   952  O O   . THR B 1 29  ? 0.901   11.638  12.193  1.00 15.12 ? 29  THR B O   1 
ATOM   953  C CB  . THR B 1 29  ? -1.248  10.692  10.315  1.00 15.34 ? 29  THR B CB  1 
ATOM   954  O OG1 . THR B 1 29  ? -1.661  9.994   9.142   1.00 22.18 ? 29  THR B OG1 1 
ATOM   955  C CG2 . THR B 1 29  ? -2.367  11.609  10.727  1.00 15.95 ? 29  THR B CG2 1 
ATOM   956  N N   . VAL B 1 30  ? 0.489   13.552  11.074  1.00 13.99 ? 30  VAL B N   1 
ATOM   957  C CA  . VAL B 1 30  ? 0.914   14.430  12.131  1.00 13.25 ? 30  VAL B CA  1 
ATOM   958  C C   . VAL B 1 30  ? -0.238  15.297  12.623  1.00 13.27 ? 30  VAL B C   1 
ATOM   959  O O   . VAL B 1 30  ? -0.994  15.848  11.829  1.00 12.50 ? 30  VAL B O   1 
ATOM   960  C CB  . VAL B 1 30  ? 2.053   15.331  11.661  1.00 13.07 ? 30  VAL B CB  1 
ATOM   961  C CG1 . VAL B 1 30  ? 2.474   16.263  12.795  1.00 14.83 ? 30  VAL B CG1 1 
ATOM   962  C CG2 . VAL B 1 30  ? 3.237   14.469  11.152  1.00 10.94 ? 30  VAL B CG2 1 
ATOM   963  N N   . THR B 1 31  ? -0.321  15.436  13.942  1.00 14.29 ? 31  THR B N   1 
ATOM   964  C CA  . THR B 1 31  ? -1.342  16.214  14.622  1.00 13.04 ? 31  THR B CA  1 
ATOM   965  C C   . THR B 1 31  ? -0.698  17.097  15.683  1.00 15.84 ? 31  THR B C   1 
ATOM   966  O O   . THR B 1 31  ? 0.223   16.667  16.368  1.00 13.32 ? 31  THR B O   1 
ATOM   967  C CB  . THR B 1 31  ? -2.322  15.275  15.332  1.00 14.36 ? 31  THR B CB  1 
ATOM   968  O OG1 . THR B 1 31  ? -2.829  14.340  14.397  1.00 13.09 ? 31  THR B OG1 1 
ATOM   969  C CG2 . THR B 1 31  ? -3.511  16.047  15.917  1.00 16.46 ? 31  THR B CG2 1 
ATOM   970  N N   . GLU B 1 32  ? -1.159  18.338  15.801  1.00 16.97 ? 32  GLU B N   1 
ATOM   971  C CA  . GLU B 1 32  ? -0.639  19.229  16.819  1.00 15.17 ? 32  GLU B CA  1 
ATOM   972  C C   . GLU B 1 32  ? -1.452  18.916  18.062  1.00 15.27 ? 32  GLU B C   1 
ATOM   973  O O   . GLU B 1 32  ? -2.667  18.739  17.978  1.00 14.18 ? 32  GLU B O   1 
ATOM   974  C CB  . GLU B 1 32  ? -0.913  20.663  16.448  1.00 18.60 ? 32  GLU B CB  1 
ATOM   975  C CG  . GLU B 1 32  ? -0.160  21.176  15.258  1.00 27.75 ? 32  GLU B CG  1 
ATOM   976  C CD  . GLU B 1 32  ? -0.505  22.633  14.989  1.00 36.74 ? 32  GLU B CD  1 
ATOM   977  O OE1 . GLU B 1 32  ? -1.503  23.120  15.566  1.00 42.56 ? 32  GLU B OE1 1 
ATOM   978  O OE2 . GLU B 1 32  ? 0.215   23.295  14.220  1.00 40.26 ? 32  GLU B OE2 1 
ATOM   979  N N   . VAL B 1 33  ? -0.778  18.719  19.184  1.00 13.53 ? 33  VAL B N   1 
ATOM   980  C CA  . VAL B 1 33  ? -1.475  18.460  20.431  1.00 14.03 ? 33  VAL B CA  1 
ATOM   981  C C   . VAL B 1 33  ? -0.808  19.259  21.521  1.00 13.60 ? 33  VAL B C   1 
ATOM   982  O O   . VAL B 1 33  ? 0.178   19.961  21.280  1.00 12.24 ? 33  VAL B O   1 
ATOM   983  C CB  . VAL B 1 33  ? -1.521  16.950  20.807  1.00 13.00 ? 33  VAL B CB  1 
ATOM   984  C CG1 . VAL B 1 33  ? -2.302  16.170  19.790  1.00 14.08 ? 33  VAL B CG1 1 
ATOM   985  C CG2 . VAL B 1 33  ? -0.116  16.363  20.951  1.00 16.01 ? 33  VAL B CG2 1 
ATOM   986  N N   . LYS B 1 34  ? -1.357  19.162  22.718  1.00 12.28 ? 34  LYS B N   1 
ATOM   987  C CA  . LYS B 1 34  ? -0.839  19.851  23.882  1.00 14.71 ? 34  LYS B CA  1 
ATOM   988  C C   . LYS B 1 34  ? -0.756  18.787  24.965  1.00 15.67 ? 34  LYS B C   1 
ATOM   989  O O   . LYS B 1 34  ? -1.591  17.885  24.996  1.00 19.33 ? 34  LYS B O   1 
ATOM   990  C CB  . LYS B 1 34  ? -1.831  20.949  24.320  1.00 15.26 ? 34  LYS B CB  1 
ATOM   991  C CG  . LYS B 1 34  ? -1.837  22.236  23.460  1.00 19.97 ? 34  LYS B CG  1 
ATOM   992  C CD  . LYS B 1 34  ? -0.438  22.822  23.351  1.00 24.38 ? 34  LYS B CD  1 
ATOM   993  C CE  . LYS B 1 34  ? -0.428  24.348  23.318  1.00 24.24 ? 34  LYS B CE  1 
ATOM   994  N NZ  . LYS B 1 34  ? -1.106  24.959  22.148  1.00 22.58 ? 34  LYS B NZ  1 
ATOM   995  N N   . GLY B 1 35  ? 0.235   18.850  25.834  1.00 13.43 ? 35  GLY B N   1 
ATOM   996  C CA  . GLY B 1 35  ? 0.321   17.876  26.919  1.00 17.94 ? 35  GLY B CA  1 
ATOM   997  C C   . GLY B 1 35  ? 1.164   18.440  28.045  1.00 20.17 ? 35  GLY B C   1 
ATOM   998  O O   . GLY B 1 35  ? 1.542   19.618  28.017  1.00 21.42 ? 35  GLY B O   1 
ATOM   999  N N   . PHE B 1 36  ? 1.460   17.628  29.063  1.00 24.30 ? 36  PHE B N   1 
ATOM   1000 C CA  . PHE B 1 36  ? 2.320   18.095  30.168  1.00 27.15 ? 36  PHE B CA  1 
ATOM   1001 C C   . PHE B 1 36  ? 3.655   17.371  30.223  1.00 28.71 ? 36  PHE B C   1 
ATOM   1002 O O   . PHE B 1 36  ? 3.738   16.178  29.934  1.00 29.00 ? 36  PHE B O   1 
ATOM   1003 C CB  . PHE B 1 36  ? 1.621   17.963  31.505  1.00 28.48 ? 36  PHE B CB  1 
ATOM   1004 C CG  . PHE B 1 36  ? 0.388   18.787  31.610  1.00 31.31 ? 36  PHE B CG  1 
ATOM   1005 C CD1 . PHE B 1 36  ? -0.853  18.174  31.702  1.00 35.78 ? 36  PHE B CD1 1 
ATOM   1006 C CD2 . PHE B 1 36  ? 0.468   20.169  31.664  1.00 30.03 ? 36  PHE B CD2 1 
ATOM   1007 C CE1 . PHE B 1 36  ? -2.004  18.925  31.860  1.00 37.53 ? 36  PHE B CE1 1 
ATOM   1008 C CE2 . PHE B 1 36  ? -0.671  20.934  31.823  1.00 34.99 ? 36  PHE B CE2 1 
ATOM   1009 C CZ  . PHE B 1 36  ? -1.915  20.313  31.923  1.00 37.81 ? 36  PHE B CZ  1 
ATOM   1010 N N   . GLY B 1 37  ? 4.694   18.089  30.625  1.00 28.93 ? 37  GLY B N   1 
ATOM   1011 C CA  . GLY B 1 37  ? 6.002   17.483  30.710  1.00 28.30 ? 37  GLY B CA  1 
ATOM   1012 C C   . GLY B 1 37  ? 6.240   16.819  32.052  1.00 28.39 ? 37  GLY B C   1 
ATOM   1013 O O   . GLY B 1 37  ? 7.382   16.652  32.442  1.00 30.53 ? 37  GLY B O   1 
ATOM   1014 N N   . ARG B 1 38  ? 5.174   16.499  32.786  1.00 30.04 ? 38  ARG B N   1 
ATOM   1015 C CA  . ARG B 1 38  ? 5.282   15.837  34.089  1.00 32.24 ? 38  ARG B CA  1 
ATOM   1016 C C   . ARG B 1 38  ? 4.899   14.351  33.991  1.00 35.69 ? 38  ARG B C   1 
ATOM   1017 O O   . ARG B 1 38  ? 4.083   13.959  33.140  1.00 34.54 ? 38  ARG B O   1 
ATOM   1018 C CB  . ARG B 1 38  ? 4.387   16.522  35.116  1.00 29.89 ? 38  ARG B CB  1 
ATOM   1019 C CG  . ARG B 1 38  ? 4.637   18.007  35.256  1.00 25.78 ? 38  ARG B CG  1 
ATOM   1020 C CD  . ARG B 1 38  ? 3.789   18.577  36.350  1.00 23.62 ? 38  ARG B CD  1 
ATOM   1021 N NE  . ARG B 1 38  ? 4.255   18.199  37.684  1.00 24.42 ? 38  ARG B NE  1 
ATOM   1022 C CZ  . ARG B 1 38  ? 3.456   18.026  38.735  1.00 23.12 ? 38  ARG B CZ  1 
ATOM   1023 N NH1 . ARG B 1 38  ? 2.137   18.173  38.606  1.00 15.19 ? 38  ARG B NH1 1 
ATOM   1024 N NH2 . ARG B 1 38  ? 3.986   17.838  39.937  1.00 17.37 ? 38  ARG B NH2 1 
ATOM   1025 N N   . GLN B 1 39  ? 5.436   13.557  34.917  1.00 36.87 ? 39  GLN B N   1 
ATOM   1026 C CA  . GLN B 1 39  ? 5.220   12.110  34.974  1.00 41.47 ? 39  GLN B CA  1 
ATOM   1027 C C   . GLN B 1 39  ? 4.161   11.758  36.018  1.00 39.80 ? 39  GLN B C   1 
ATOM   1028 O O   . GLN B 1 39  ? 3.772   12.609  36.836  1.00 38.25 ? 39  GLN B O   1 
ATOM   1029 C CB  . GLN B 1 39  ? 6.540   11.379  35.333  1.00 42.89 ? 39  GLN B CB  1 
ATOM   1030 C CG  . GLN B 1 39  ? 7.654   11.510  34.288  1.00 48.29 ? 39  GLN B CG  1 
ATOM   1031 C CD  . GLN B 1 39  ? 8.905   10.710  34.636  1.00 52.90 ? 39  GLN B CD  1 
ATOM   1032 O OE1 . GLN B 1 39  ? 8.952   9.984   35.623  1.00 55.51 ? 39  GLN B OE1 1 
ATOM   1033 N NE2 . GLN B 1 39  ? 9.947   10.869  33.821  1.00 52.84 ? 39  GLN B NE2 1 
ATOM   1034 N N   . LYS B 1 40  ? 3.681   10.516  35.971  1.00 37.06 ? 40  LYS B N   1 
ATOM   1035 C CA  . LYS B 1 40  ? 2.698   10.063  36.939  1.00 35.06 ? 40  LYS B CA  1 
ATOM   1036 C C   . LYS B 1 40  ? 3.363   10.256  38.302  1.00 35.72 ? 40  LYS B C   1 
ATOM   1037 O O   . LYS B 1 40  ? 4.573   10.056  38.435  1.00 38.48 ? 40  LYS B O   1 
ATOM   1038 C CB  . LYS B 1 40  ? 2.393   8.597   36.712  1.00 34.91 ? 40  LYS B CB  1 
ATOM   1039 N N   . GLY B 1 41  ? 2.596   10.670  39.304  1.00 34.72 ? 41  GLY B N   1 
ATOM   1040 C CA  . GLY B 1 41  ? 3.183   10.878  40.614  1.00 33.86 ? 41  GLY B CA  1 
ATOM   1041 C C   . GLY B 1 41  ? 2.206   10.897  41.765  1.00 32.44 ? 41  GLY B C   1 
ATOM   1042 O O   . GLY B 1 41  ? 1.143   10.289  41.712  1.00 32.60 ? 41  GLY B O   1 
ATOM   1043 N N   . HIS B 1 42  ? 2.600   11.556  42.841  1.00 34.09 ? 42  HIS B N   1 
ATOM   1044 C CA  . HIS B 1 42  ? 1.753   11.653  44.014  1.00 37.34 ? 42  HIS B CA  1 
ATOM   1045 C C   . HIS B 1 42  ? 0.448   12.344  43.617  1.00 38.98 ? 42  HIS B C   1 
ATOM   1046 O O   . HIS B 1 42  ? 0.401   13.110  42.638  1.00 40.96 ? 42  HIS B O   1 
ATOM   1047 C CB  . HIS B 1 42  ? 2.479   12.433  45.130  1.00 38.37 ? 42  HIS B CB  1 
ATOM   1048 N N   . ALA B 1 43  ? -0.622  12.019  44.334  1.00 39.08 ? 43  ALA B N   1 
ATOM   1049 C CA  . ALA B 1 43  ? -1.909  12.624  44.060  1.00 37.98 ? 43  ALA B CA  1 
ATOM   1050 C C   . ALA B 1 43  ? -1.788  14.085  44.427  1.00 39.30 ? 43  ALA B C   1 
ATOM   1051 O O   . ALA B 1 43  ? -1.231  14.431  45.470  1.00 39.34 ? 43  ALA B O   1 
ATOM   1052 C CB  . ALA B 1 43  ? -2.985  11.975  44.889  1.00 38.36 ? 43  ALA B CB  1 
ATOM   1053 N N   . GLU B 1 44  ? -2.241  14.950  43.535  1.00 40.74 ? 44  GLU B N   1 
ATOM   1054 C CA  . GLU B 1 44  ? -2.197  16.384  43.788  1.00 42.24 ? 44  GLU B CA  1 
ATOM   1055 C C   . GLU B 1 44  ? -3.620  16.924  43.832  1.00 40.97 ? 44  GLU B C   1 
ATOM   1056 O O   . GLU B 1 44  ? -4.312  16.997  42.816  1.00 43.98 ? 44  GLU B O   1 
ATOM   1057 C CB  . GLU B 1 44  ? -1.340  17.096  42.736  1.00 42.73 ? 44  GLU B CB  1 
ATOM   1058 C CG  . GLU B 1 44  ? 0.151   16.808  42.906  1.00 44.76 ? 44  GLU B CG  1 
ATOM   1059 C CD  . GLU B 1 44  ? 1.053   17.512  41.900  1.00 47.26 ? 44  GLU B CD  1 
ATOM   1060 O OE1 . GLU B 1 44  ? 0.546   18.260  41.024  1.00 46.40 ? 44  GLU B OE1 1 
ATOM   1061 O OE2 . GLU B 1 44  ? 2.286   17.308  42.003  1.00 46.09 ? 44  GLU B OE2 1 
ATOM   1062 N N   . LEU B 1 45  ? -4.072  17.205  45.045  1.00 37.94 ? 45  LEU B N   1 
ATOM   1063 C CA  . LEU B 1 45  ? -5.401  17.720  45.303  1.00 35.18 ? 45  LEU B CA  1 
ATOM   1064 C C   . LEU B 1 45  ? -5.415  19.222  45.060  1.00 33.27 ? 45  LEU B C   1 
ATOM   1065 O O   . LEU B 1 45  ? -4.382  19.886  45.135  1.00 32.71 ? 45  LEU B O   1 
ATOM   1066 C CB  . LEU B 1 45  ? -5.800  17.403  46.752  1.00 32.48 ? 45  LEU B CB  1 
ATOM   1067 C CG  . LEU B 1 45  ? -5.522  15.980  47.268  1.00 30.51 ? 45  LEU B CG  1 
ATOM   1068 C CD1 . LEU B 1 45  ? -6.110  15.867  48.667  1.00 29.91 ? 45  LEU B CD1 1 
ATOM   1069 C CD2 . LEU B 1 45  ? -6.067  14.884  46.314  1.00 25.19 ? 45  LEU B CD2 1 
ATOM   1070 N N   . TYR B 1 46  ? -6.581  19.724  44.670  1.00 31.86 ? 46  TYR B N   1 
ATOM   1071 C CA  . TYR B 1 46  ? -6.774  21.143  44.399  1.00 31.17 ? 46  TYR B CA  1 
ATOM   1072 C C   . TYR B 1 46  ? -5.687  21.725  43.501  1.00 31.53 ? 46  TYR B C   1 
ATOM   1073 O O   . TYR B 1 46  ? -5.137  22.783  43.805  1.00 32.10 ? 46  TYR B O   1 
ATOM   1074 C CB  . TYR B 1 46  ? -6.839  21.911  45.709  1.00 30.04 ? 46  TYR B CB  1 
ATOM   1075 N N   . ARG B 1 47  ? -5.423  21.060  42.379  1.00 30.52 ? 47  ARG B N   1 
ATOM   1076 C CA  . ARG B 1 47  ? -4.396  21.473  41.426  1.00 31.51 ? 47  ARG B CA  1 
ATOM   1077 C C   . ARG B 1 47  ? -4.628  22.898  40.903  1.00 32.49 ? 47  ARG B C   1 
ATOM   1078 O O   . ARG B 1 47  ? -3.689  23.685  40.777  1.00 32.25 ? 47  ARG B O   1 
ATOM   1079 C CB  . ARG B 1 47  ? -4.362  20.477  40.277  1.00 28.27 ? 47  ARG B CB  1 
ATOM   1080 C CG  . ARG B 1 47  ? -3.194  20.641  39.325  1.00 30.38 ? 47  ARG B CG  1 
ATOM   1081 C CD  . ARG B 1 47  ? -1.841  20.595  40.053  1.00 32.27 ? 47  ARG B CD  1 
ATOM   1082 N NE  . ARG B 1 47  ? -1.425  21.906  40.567  1.00 29.06 ? 47  ARG B NE  1 
ATOM   1083 C CZ  . ARG B 1 47  ? -0.201  22.183  41.013  1.00 32.54 ? 47  ARG B CZ  1 
ATOM   1084 N NH1 . ARG B 1 47  ? 0.735   21.233  41.021  1.00 31.30 ? 47  ARG B NH1 1 
ATOM   1085 N NH2 . ARG B 1 47  ? 0.108   23.422  41.396  1.00 29.37 ? 47  ARG B NH2 1 
ATOM   1086 N N   . GLY B 1 48  ? -5.894  23.226  40.645  1.00 35.10 ? 48  GLY B N   1 
ATOM   1087 C CA  . GLY B 1 48  ? -6.270  24.551  40.168  1.00 34.39 ? 48  GLY B CA  1 
ATOM   1088 C C   . GLY B 1 48  ? -6.044  25.669  41.182  1.00 34.13 ? 48  GLY B C   1 
ATOM   1089 O O   . GLY B 1 48  ? -6.043  26.844  40.831  1.00 36.32 ? 48  GLY B O   1 
ATOM   1090 N N   . ALA B 1 49  ? -5.828  25.309  42.442  1.00 31.83 ? 49  ALA B N   1 
ATOM   1091 C CA  . ALA B 1 49  ? -5.596  26.292  43.486  1.00 31.60 ? 49  ALA B CA  1 
ATOM   1092 C C   . ALA B 1 49  ? -4.298  27.045  43.189  1.00 32.26 ? 49  ALA B C   1 
ATOM   1093 O O   . ALA B 1 49  ? -4.173  28.227  43.502  1.00 31.20 ? 49  ALA B O   1 
ATOM   1094 C CB  . ALA B 1 49  ? -5.519  25.616  44.832  1.00 35.38 ? 49  ALA B CB  1 
ATOM   1095 N N   . GLU B 1 50  ? -3.317  26.345  42.624  1.00 32.19 ? 50  GLU B N   1 
ATOM   1096 C CA  . GLU B 1 50  ? -2.042  26.962  42.282  1.00 29.75 ? 50  GLU B CA  1 
ATOM   1097 C C   . GLU B 1 50  ? -1.740  26.718  40.808  1.00 27.38 ? 50  GLU B C   1 
ATOM   1098 O O   . GLU B 1 50  ? -1.567  25.578  40.380  1.00 26.06 ? 50  GLU B O   1 
ATOM   1099 C CB  . GLU B 1 50  ? -0.894  26.409  43.141  1.00 32.79 ? 50  GLU B CB  1 
ATOM   1100 C CG  . GLU B 1 50  ? -0.983  26.693  44.651  1.00 38.40 ? 50  GLU B CG  1 
ATOM   1101 C CD  . GLU B 1 50  ? -0.557  28.113  45.065  1.00 41.38 ? 50  GLU B CD  1 
ATOM   1102 O OE1 . GLU B 1 50  ? 0.141   28.800  44.268  1.00 39.59 ? 50  GLU B OE1 1 
ATOM   1103 O OE2 . GLU B 1 50  ? -0.908  28.530  46.200  1.00 38.27 ? 50  GLU B OE2 1 
ATOM   1104 N N   . TYR B 1 51  ? -1.713  27.799  40.036  1.00 25.56 ? 51  TYR B N   1 
ATOM   1105 C CA  . TYR B 1 51  ? -1.403  27.755  38.612  1.00 23.91 ? 51  TYR B CA  1 
ATOM   1106 C C   . TYR B 1 51  ? 0.104   27.674  38.449  1.00 25.59 ? 51  TYR B C   1 
ATOM   1107 O O   . TYR B 1 51  ? 0.762   28.703  38.280  1.00 28.13 ? 51  TYR B O   1 
ATOM   1108 C CB  . TYR B 1 51  ? -1.916  29.024  37.925  1.00 23.75 ? 51  TYR B CB  1 
ATOM   1109 C CG  . TYR B 1 51  ? -3.386  28.992  37.677  1.00 23.00 ? 51  TYR B CG  1 
ATOM   1110 C CD1 . TYR B 1 51  ? -4.057  30.104  37.169  1.00 25.42 ? 51  TYR B CD1 1 
ATOM   1111 C CD2 . TYR B 1 51  ? -4.106  27.828  37.911  1.00 23.30 ? 51  TYR B CD2 1 
ATOM   1112 C CE1 . TYR B 1 51  ? -5.417  30.048  36.899  1.00 23.77 ? 51  TYR B CE1 1 
ATOM   1113 C CE2 . TYR B 1 51  ? -5.456  27.760  37.646  1.00 26.18 ? 51  TYR B CE2 1 
ATOM   1114 C CZ  . TYR B 1 51  ? -6.100  28.867  37.142  1.00 24.75 ? 51  TYR B CZ  1 
ATOM   1115 O OH  . TYR B 1 51  ? -7.437  28.770  36.896  1.00 26.64 ? 51  TYR B OH  1 
ATOM   1116 N N   . SER B 1 52  ? 0.645   26.461  38.490  1.00 23.48 ? 52  SER B N   1 
ATOM   1117 C CA  . SER B 1 52  ? 2.086   26.276  38.385  1.00 24.55 ? 52  SER B CA  1 
ATOM   1118 C C   . SER B 1 52  ? 2.493   25.284  37.315  1.00 20.38 ? 52  SER B C   1 
ATOM   1119 O O   . SER B 1 52  ? 3.634   24.862  37.271  1.00 20.18 ? 52  SER B O   1 
ATOM   1120 C CB  . SER B 1 52  ? 2.621   25.807  39.734  1.00 21.79 ? 52  SER B CB  1 
ATOM   1121 O OG  . SER B 1 52  ? 2.350   26.771  40.733  1.00 35.25 ? 52  SER B OG  1 
ATOM   1122 N N   . VAL B 1 53  ? 1.548   24.888  36.474  1.00 20.58 ? 53  VAL B N   1 
ATOM   1123 C CA  . VAL B 1 53  ? 1.831   23.916  35.418  1.00 22.83 ? 53  VAL B CA  1 
ATOM   1124 C C   . VAL B 1 53  ? 1.168   24.371  34.116  1.00 24.28 ? 53  VAL B C   1 
ATOM   1125 O O   . VAL B 1 53  ? -0.038  24.635  34.065  1.00 26.21 ? 53  VAL B O   1 
ATOM   1126 C CB  . VAL B 1 53  ? 1.306   22.452  35.765  1.00 19.01 ? 53  VAL B CB  1 
ATOM   1127 C CG1 . VAL B 1 53  ? 1.820   21.452  34.720  1.00 17.83 ? 53  VAL B CG1 1 
ATOM   1128 C CG2 . VAL B 1 53  ? 1.676   22.008  37.237  1.00 16.47 ? 53  VAL B CG2 1 
ATOM   1129 N N   . ASN B 1 54  ? 1.952   24.391  33.050  1.00 23.63 ? 54  ASN B N   1 
ATOM   1130 C CA  . ASN B 1 54  ? 1.449   24.807  31.753  1.00 23.28 ? 54  ASN B CA  1 
ATOM   1131 C C   . ASN B 1 54  ? 1.401   23.630  30.783  1.00 23.66 ? 54  ASN B C   1 
ATOM   1132 O O   . ASN B 1 54  ? 2.139   22.654  30.941  1.00 21.77 ? 54  ASN B O   1 
ATOM   1133 C CB  . ASN B 1 54  ? 2.345   25.927  31.167  1.00 20.71 ? 54  ASN B CB  1 
ATOM   1134 C CG  . ASN B 1 54  ? 2.349   27.203  32.025  1.00 19.07 ? 54  ASN B CG  1 
ATOM   1135 O OD1 . ASN B 1 54  ? 1.384   27.506  32.730  1.00 25.14 ? 54  ASN B OD1 1 
ATOM   1136 N ND2 . ASN B 1 54  ? 3.445   27.930  31.991  1.00 18.13 ? 54  ASN B ND2 1 
ATOM   1137 N N   . PHE B 1 55  ? 0.479   23.694  29.821  1.00 22.19 ? 55  PHE B N   1 
ATOM   1138 C CA  . PHE B 1 55  ? 0.382   22.668  28.781  1.00 21.60 ? 55  PHE B CA  1 
ATOM   1139 C C   . PHE B 1 55  ? 1.557   23.032  27.880  1.00 20.55 ? 55  PHE B C   1 
ATOM   1140 O O   . PHE B 1 55  ? 1.906   24.216  27.752  1.00 19.83 ? 55  PHE B O   1 
ATOM   1141 C CB  . PHE B 1 55  ? -0.909  22.801  27.936  1.00 23.31 ? 55  PHE B CB  1 
ATOM   1142 C CG  . PHE B 1 55  ? -2.102  22.055  28.488  1.00 25.50 ? 55  PHE B CG  1 
ATOM   1143 C CD1 . PHE B 1 55  ? -3.045  22.710  29.283  1.00 26.27 ? 55  PHE B CD1 1 
ATOM   1144 C CD2 . PHE B 1 55  ? -2.285  20.703  28.218  1.00 26.33 ? 55  PHE B CD2 1 
ATOM   1145 C CE1 . PHE B 1 55  ? -4.157  22.029  29.810  1.00 25.81 ? 55  PHE B CE1 1 
ATOM   1146 C CE2 . PHE B 1 55  ? -3.393  20.010  28.737  1.00 28.56 ? 55  PHE B CE2 1 
ATOM   1147 C CZ  . PHE B 1 55  ? -4.330  20.683  29.537  1.00 26.59 ? 55  PHE B CZ  1 
ATOM   1148 N N   . LEU B 1 56  ? 2.160   22.032  27.260  1.00 17.38 ? 56  LEU B N   1 
ATOM   1149 C CA  . LEU B 1 56  ? 3.261   22.234  26.349  1.00 19.60 ? 56  LEU B CA  1 
ATOM   1150 C C   . LEU B 1 56  ? 2.828   21.689  24.987  1.00 16.56 ? 56  LEU B C   1 
ATOM   1151 O O   . LEU B 1 56  ? 2.157   20.663  24.916  1.00 17.40 ? 56  LEU B O   1 
ATOM   1152 C CB  . LEU B 1 56  ? 4.494   21.468  26.833  1.00 19.44 ? 56  LEU B CB  1 
ATOM   1153 C CG  . LEU B 1 56  ? 5.347   21.957  28.002  1.00 21.14 ? 56  LEU B CG  1 
ATOM   1154 C CD1 . LEU B 1 56  ? 5.069   23.417  28.332  1.00 22.84 ? 56  LEU B CD1 1 
ATOM   1155 C CD2 . LEU B 1 56  ? 5.084   21.083  29.186  1.00 22.49 ? 56  LEU B CD2 1 
ATOM   1156 N N   . PRO B 1 57  ? 3.133   22.398  23.897  1.00 15.89 ? 57  PRO B N   1 
ATOM   1157 C CA  . PRO B 1 57  ? 2.759   21.940  22.566  1.00 18.31 ? 57  PRO B CA  1 
ATOM   1158 C C   . PRO B 1 57  ? 3.618   20.747  22.166  1.00 18.97 ? 57  PRO B C   1 
ATOM   1159 O O   . PRO B 1 57  ? 4.825   20.737  22.456  1.00 21.02 ? 57  PRO B O   1 
ATOM   1160 C CB  . PRO B 1 57  ? 3.063   23.149  21.688  1.00 20.60 ? 57  PRO B CB  1 
ATOM   1161 C CG  . PRO B 1 57  ? 4.221   23.780  22.386  1.00 20.30 ? 57  PRO B CG  1 
ATOM   1162 C CD  . PRO B 1 57  ? 3.785   23.719  23.829  1.00 18.28 ? 57  PRO B CD  1 
ATOM   1163 N N   . LYS B 1 58  ? 2.993   19.717  21.613  1.00 16.04 ? 58  LYS B N   1 
ATOM   1164 C CA  . LYS B 1 58  ? 3.732   18.543  21.177  1.00 16.33 ? 58  LYS B CA  1 
ATOM   1165 C C   . LYS B 1 58  ? 3.261   18.170  19.781  1.00 15.09 ? 58  LYS B C   1 
ATOM   1166 O O   . LYS B 1 58  ? 2.248   18.684  19.299  1.00 14.08 ? 58  LYS B O   1 
ATOM   1167 C CB  . LYS B 1 58  ? 3.499   17.353  22.107  1.00 12.83 ? 58  LYS B CB  1 
ATOM   1168 C CG  . LYS B 1 58  ? 3.929   17.560  23.566  1.00 17.75 ? 58  LYS B CG  1 
ATOM   1169 C CD  . LYS B 1 58  ? 5.419   17.801  23.681  1.00 23.82 ? 58  LYS B CD  1 
ATOM   1170 C CE  . LYS B 1 58  ? 5.858   18.062  25.106  1.00 25.07 ? 58  LYS B CE  1 
ATOM   1171 N NZ  . LYS B 1 58  ? 7.321   18.301  25.174  1.00 24.38 ? 58  LYS B NZ  1 
ATOM   1172 N N   . VAL B 1 59  ? 4.052   17.340  19.112  1.00 16.23 ? 59  VAL B N   1 
ATOM   1173 C CA  . VAL B 1 59  ? 3.725   16.860  17.785  1.00 15.28 ? 59  VAL B CA  1 
ATOM   1174 C C   . VAL B 1 59  ? 3.457   15.366  17.933  1.00 14.02 ? 59  VAL B C   1 
ATOM   1175 O O   . VAL B 1 59  ? 4.223   14.659  18.566  1.00 16.92 ? 59  VAL B O   1 
ATOM   1176 C CB  . VAL B 1 59  ? 4.876   17.129  16.789  1.00 14.46 ? 59  VAL B CB  1 
ATOM   1177 C CG1 . VAL B 1 59  ? 4.740   16.264  15.576  1.00 15.43 ? 59  VAL B CG1 1 
ATOM   1178 C CG2 . VAL B 1 59  ? 4.835   18.583  16.343  1.00 14.65 ? 59  VAL B CG2 1 
ATOM   1179 N N   . LYS B 1 60  ? 2.303   14.920  17.453  1.00 16.54 ? 60  LYS B N   1 
ATOM   1180 C CA  . LYS B 1 60  ? 1.898   13.523  17.508  1.00 16.67 ? 60  LYS B CA  1 
ATOM   1181 C C   . LYS B 1 60  ? 1.992   12.922  16.117  1.00 17.37 ? 60  LYS B C   1 
ATOM   1182 O O   . LYS B 1 60  ? 1.309   13.369  15.201  1.00 16.81 ? 60  LYS B O   1 
ATOM   1183 C CB  . LYS B 1 60  ? 0.466   13.411  18.011  1.00 20.49 ? 60  LYS B CB  1 
ATOM   1184 C CG  . LYS B 1 60  ? -0.089  11.997  18.062  1.00 24.46 ? 60  LYS B CG  1 
ATOM   1185 C CD  . LYS B 1 60  ? -1.184  11.912  19.103  1.00 28.57 ? 60  LYS B CD  1 
ATOM   1186 C CE  . LYS B 1 60  ? -2.547  11.876  18.452  1.00 34.29 ? 60  LYS B CE  1 
ATOM   1187 N NZ  . LYS B 1 60  ? -2.794  10.566  17.812  1.00 42.98 ? 60  LYS B NZ  1 
ATOM   1188 N N   . ILE B 1 61  ? 2.864   11.940  15.954  1.00 17.11 ? 61  ILE B N   1 
ATOM   1189 C CA  . ILE B 1 61  ? 3.057   11.257  14.678  1.00 17.67 ? 61  ILE B CA  1 
ATOM   1190 C C   . ILE B 1 61  ? 2.367   9.889   14.755  1.00 19.28 ? 61  ILE B C   1 
ATOM   1191 O O   . ILE B 1 61  ? 2.571   9.146   15.717  1.00 20.82 ? 61  ILE B O   1 
ATOM   1192 C CB  . ILE B 1 61  ? 4.593   11.029  14.400  1.00 16.01 ? 61  ILE B CB  1 
ATOM   1193 C CG1 . ILE B 1 61  ? 5.360   12.337  14.528  1.00 15.45 ? 61  ILE B CG1 1 
ATOM   1194 C CG2 . ILE B 1 61  ? 4.836   10.472  12.983  1.00 16.50 ? 61  ILE B CG2 1 
ATOM   1195 C CD1 . ILE B 1 61  ? 6.848   12.181  14.244  1.00 15.16 ? 61  ILE B CD1 1 
ATOM   1196 N N   . ASP B 1 62  ? 1.519   9.567   13.780  1.00 20.94 ? 62  ASP B N   1 
ATOM   1197 C CA  . ASP B 1 62  ? 0.855   8.260   13.732  1.00 19.00 ? 62  ASP B CA  1 
ATOM   1198 C C   . ASP B 1 62  ? 1.411   7.564   12.506  1.00 17.85 ? 62  ASP B C   1 
ATOM   1199 O O   . ASP B 1 62  ? 1.565   8.180   11.446  1.00 10.66 ? 62  ASP B O   1 
ATOM   1200 C CB  . ASP B 1 62  ? -0.649  8.380   13.563  1.00 21.09 ? 62  ASP B CB  1 
ATOM   1201 C CG  . ASP B 1 62  ? -1.341  8.801   14.815  1.00 26.29 ? 62  ASP B CG  1 
ATOM   1202 O OD1 . ASP B 1 62  ? -1.044  8.242   15.887  1.00 28.36 ? 62  ASP B OD1 1 
ATOM   1203 O OD2 . ASP B 1 62  ? -2.215  9.688   14.711  1.00 30.11 ? 62  ASP B OD2 1 
ATOM   1204 N N   . VAL B 1 63  ? 1.726   6.285   12.659  1.00 18.88 ? 63  VAL B N   1 
ATOM   1205 C CA  . VAL B 1 63  ? 2.272   5.507   11.560  1.00 19.93 ? 63  VAL B CA  1 
ATOM   1206 C C   . VAL B 1 63  ? 1.891   4.026   11.693  1.00 18.91 ? 63  VAL B C   1 
ATOM   1207 O O   . VAL B 1 63  ? 2.044   3.425   12.757  1.00 17.44 ? 63  VAL B O   1 
ATOM   1208 C CB  . VAL B 1 63  ? 3.813   5.696   11.472  1.00 20.84 ? 63  VAL B CB  1 
ATOM   1209 C CG1 . VAL B 1 63  ? 4.500   5.114   12.687  1.00 20.41 ? 63  VAL B CG1 1 
ATOM   1210 C CG2 . VAL B 1 63  ? 4.349   5.073   10.230  1.00 22.38 ? 63  VAL B CG2 1 
ATOM   1211 N N   . ALA B 1 64  ? 1.310   3.481   10.625  1.00 19.52 ? 64  ALA B N   1 
ATOM   1212 C CA  . ALA B 1 64  ? 0.901   2.075   10.547  1.00 21.89 ? 64  ALA B CA  1 
ATOM   1213 C C   . ALA B 1 64  ? 2.086   1.305   9.970   1.00 22.02 ? 64  ALA B C   1 
ATOM   1214 O O   . ALA B 1 64  ? 2.621   1.702   8.945   1.00 27.13 ? 64  ALA B O   1 
ATOM   1215 C CB  . ALA B 1 64  ? -0.300  1.935   9.638   1.00 15.80 ? 64  ALA B CB  1 
ATOM   1216 N N   . ILE B 1 65  ? 2.520   0.246   10.641  1.00 24.85 ? 65  ILE B N   1 
ATOM   1217 C CA  . ILE B 1 65  ? 3.669   -0.554  10.189  1.00 24.90 ? 65  ILE B CA  1 
ATOM   1218 C C   . ILE B 1 65  ? 3.356   -2.048  10.253  1.00 28.19 ? 65  ILE B C   1 
ATOM   1219 O O   . ILE B 1 65  ? 2.310   -2.464  10.764  1.00 28.20 ? 65  ILE B O   1 
ATOM   1220 C CB  . ILE B 1 65  ? 4.940   -0.325  11.072  1.00 22.23 ? 65  ILE B CB  1 
ATOM   1221 C CG1 . ILE B 1 65  ? 4.718   -0.877  12.481  1.00 22.61 ? 65  ILE B CG1 1 
ATOM   1222 C CG2 . ILE B 1 65  ? 5.326   1.152   11.116  1.00 23.90 ? 65  ILE B CG2 1 
ATOM   1223 C CD1 . ILE B 1 65  ? 5.976   -0.886  13.341  1.00 21.37 ? 65  ILE B CD1 1 
ATOM   1224 N N   . ALA B 1 66  ? 4.258   -2.852  9.701   1.00 32.58 ? 66  ALA B N   1 
ATOM   1225 C CA  . ALA B 1 66  ? 4.122   -4.302  9.722   1.00 33.52 ? 66  ALA B CA  1 
ATOM   1226 C C   . ALA B 1 66  ? 4.701   -4.737  11.051  1.00 34.03 ? 66  ALA B C   1 
ATOM   1227 O O   . ALA B 1 66  ? 5.702   -4.186  11.507  1.00 35.48 ? 66  ALA B O   1 
ATOM   1228 C CB  . ALA B 1 66  ? 4.902   -4.907  8.598   1.00 37.48 ? 66  ALA B CB  1 
ATOM   1229 N N   . ASP B 1 67  ? 4.104   -5.749  11.654  1.00 35.92 ? 67  ASP B N   1 
ATOM   1230 C CA  . ASP B 1 67  ? 4.542   -6.226  12.963  1.00 38.77 ? 67  ASP B CA  1 
ATOM   1231 C C   . ASP B 1 67  ? 6.053   -6.378  13.124  1.00 39.44 ? 67  ASP B C   1 
ATOM   1232 O O   . ASP B 1 67  ? 6.629   -5.913  14.104  1.00 40.19 ? 67  ASP B O   1 
ATOM   1233 C CB  . ASP B 1 67  ? 3.821   -7.538  13.319  1.00 37.45 ? 67  ASP B CB  1 
ATOM   1234 C CG  . ASP B 1 67  ? 2.310   -7.357  13.521  1.00 42.42 ? 67  ASP B CG  1 
ATOM   1235 O OD1 . ASP B 1 67  ? 1.724   -6.372  13.016  1.00 42.26 ? 67  ASP B OD1 1 
ATOM   1236 O OD2 . ASP B 1 67  ? 1.692   -8.213  14.189  1.00 45.63 ? 67  ASP B OD2 1 
ATOM   1237 N N   . ASP B 1 68  ? 6.690   -6.996  12.139  1.00 41.99 ? 68  ASP B N   1 
ATOM   1238 C CA  . ASP B 1 68  ? 8.129   -7.245  12.166  1.00 42.84 ? 68  ASP B CA  1 
ATOM   1239 C C   . ASP B 1 68  ? 9.003   -6.022  12.405  1.00 43.89 ? 68  ASP B C   1 
ATOM   1240 O O   . ASP B 1 68  ? 9.848   -6.010  13.308  1.00 46.26 ? 68  ASP B O   1 
ATOM   1241 C CB  . ASP B 1 68  ? 8.555   -7.939  10.875  1.00 42.68 ? 68  ASP B CB  1 
ATOM   1242 N N   . GLN B 1 69  ? 8.800   -4.997  11.584  1.00 42.67 ? 69  GLN B N   1 
ATOM   1243 C CA  . GLN B 1 69  ? 9.581   -3.769  11.660  1.00 40.37 ? 69  GLN B CA  1 
ATOM   1244 C C   . GLN B 1 69  ? 9.391   -2.905  12.919  1.00 40.47 ? 69  GLN B C   1 
ATOM   1245 O O   . GLN B 1 69  ? 10.043  -1.868  13.057  1.00 41.94 ? 69  GLN B O   1 
ATOM   1246 C CB  . GLN B 1 69  ? 9.349   -2.952  10.397  1.00 37.60 ? 69  GLN B CB  1 
ATOM   1247 C CG  . GLN B 1 69  ? 7.893   -2.773  10.054  1.00 40.12 ? 69  GLN B CG  1 
ATOM   1248 C CD  . GLN B 1 69  ? 7.660   -1.924  8.817   1.00 43.18 ? 69  GLN B CD  1 
ATOM   1249 O OE1 . GLN B 1 69  ? 6.595   -1.996  8.193   1.00 46.23 ? 69  GLN B OE1 1 
ATOM   1250 N NE2 . GLN B 1 69  ? 8.627   -1.076  8.481   1.00 40.52 ? 69  GLN B NE2 1 
ATOM   1251 N N   . LEU B 1 70  ? 8.591   -3.384  13.870  1.00 39.06 ? 70  LEU B N   1 
ATOM   1252 C CA  . LEU B 1 70  ? 8.320   -2.663  15.115  1.00 37.19 ? 70  LEU B CA  1 
ATOM   1253 C C   . LEU B 1 70  ? 9.610   -2.288  15.826  1.00 38.71 ? 70  LEU B C   1 
ATOM   1254 O O   . LEU B 1 70  ? 9.845   -1.114  16.106  1.00 42.18 ? 70  LEU B O   1 
ATOM   1255 C CB  . LEU B 1 70  ? 7.472   -3.523  16.070  1.00 36.69 ? 70  LEU B CB  1 
ATOM   1256 C CG  . LEU B 1 70  ? 6.403   -2.903  16.996  1.00 34.08 ? 70  LEU B CG  1 
ATOM   1257 C CD1 . LEU B 1 70  ? 6.292   -3.749  18.246  1.00 27.12 ? 70  LEU B CD1 1 
ATOM   1258 C CD2 . LEU B 1 70  ? 6.710   -1.460  17.372  1.00 27.44 ? 70  LEU B CD2 1 
ATOM   1259 N N   . ASP B 1 71  ? 10.440  -3.289  16.113  1.00 37.83 ? 71  ASP B N   1 
ATOM   1260 C CA  . ASP B 1 71  ? 11.705  -3.092  16.812  1.00 34.52 ? 71  ASP B CA  1 
ATOM   1261 C C   . ASP B 1 71  ? 12.633  -2.095  16.147  1.00 34.15 ? 71  ASP B C   1 
ATOM   1262 O O   . ASP B 1 71  ? 13.301  -1.307  16.812  1.00 35.54 ? 71  ASP B O   1 
ATOM   1263 C CB  . ASP B 1 71  ? 12.403  -4.430  16.974  1.00 37.07 ? 71  ASP B CB  1 
ATOM   1264 C CG  . ASP B 1 71  ? 11.632  -5.370  17.872  1.00 40.99 ? 71  ASP B CG  1 
ATOM   1265 O OD1 . ASP B 1 71  ? 10.926  -4.871  18.775  1.00 41.61 ? 71  ASP B OD1 1 
ATOM   1266 O OD2 . ASP B 1 71  ? 11.729  -6.607  17.686  1.00 43.05 ? 71  ASP B OD2 1 
ATOM   1267 N N   . GLU B 1 72  ? 12.686  -2.141  14.827  1.00 33.25 ? 72  GLU B N   1 
ATOM   1268 C CA  . GLU B 1 72  ? 13.526  -1.224  14.088  1.00 32.07 ? 72  GLU B CA  1 
ATOM   1269 C C   . GLU B 1 72  ? 12.900  0.168   14.164  1.00 31.96 ? 72  GLU B C   1 
ATOM   1270 O O   . GLU B 1 72  ? 13.602  1.173   14.293  1.00 32.16 ? 72  GLU B O   1 
ATOM   1271 C CB  . GLU B 1 72  ? 13.647  -1.677  12.647  1.00 34.30 ? 72  GLU B CB  1 
ATOM   1272 N N   . VAL B 1 73  ? 11.574  0.225   14.121  1.00 28.24 ? 73  VAL B N   1 
ATOM   1273 C CA  . VAL B 1 73  ? 10.913  1.514   14.181  1.00 27.16 ? 73  VAL B CA  1 
ATOM   1274 C C   . VAL B 1 73  ? 11.085  2.201   15.542  1.00 26.08 ? 73  VAL B C   1 
ATOM   1275 O O   . VAL B 1 73  ? 11.427  3.384   15.588  1.00 26.48 ? 73  VAL B O   1 
ATOM   1276 C CB  . VAL B 1 73  ? 9.431   1.420   13.819  1.00 27.56 ? 73  VAL B CB  1 
ATOM   1277 C CG1 . VAL B 1 73  ? 8.728   2.767   14.105  1.00 29.78 ? 73  VAL B CG1 1 
ATOM   1278 C CG2 . VAL B 1 73  ? 9.297   1.046   12.362  1.00 24.62 ? 73  VAL B CG2 1 
ATOM   1279 N N   . ILE B 1 74  ? 10.883  1.462   16.633  1.00 21.83 ? 74  ILE B N   1 
ATOM   1280 C CA  . ILE B 1 74  ? 11.013  2.021   17.975  1.00 26.02 ? 74  ILE B CA  1 
ATOM   1281 C C   . ILE B 1 74  ? 12.424  2.589   18.156  1.00 28.22 ? 74  ILE B C   1 
ATOM   1282 O O   . ILE B 1 74  ? 12.624  3.718   18.616  1.00 23.70 ? 74  ILE B O   1 
ATOM   1283 C CB  . ILE B 1 74  ? 10.724  0.944   19.090  1.00 23.52 ? 74  ILE B CB  1 
ATOM   1284 C CG1 . ILE B 1 74  ? 9.269   0.474   19.027  1.00 24.46 ? 74  ILE B CG1 1 
ATOM   1285 C CG2 . ILE B 1 74  ? 10.956  1.511   20.481  1.00 24.72 ? 74  ILE B CG2 1 
ATOM   1286 C CD1 . ILE B 1 74  ? 8.859   -0.505  20.131  1.00 16.86 ? 74  ILE B CD1 1 
ATOM   1287 N N   . ASP B 1 75  ? 13.389  1.810   17.686  1.00 32.09 ? 75  ASP B N   1 
ATOM   1288 C CA  . ASP B 1 75  ? 14.790  2.144   17.797  1.00 30.41 ? 75  ASP B CA  1 
ATOM   1289 C C   . ASP B 1 75  ? 15.172  3.400   17.024  1.00 31.71 ? 75  ASP B C   1 
ATOM   1290 O O   . ASP B 1 75  ? 15.674  4.374   17.607  1.00 32.10 ? 75  ASP B O   1 
ATOM   1291 C CB  . ASP B 1 75  ? 15.619  0.948   17.341  1.00 31.98 ? 75  ASP B CB  1 
ATOM   1292 C CG  . ASP B 1 75  ? 17.028  0.991   17.875  1.00 37.02 ? 75  ASP B CG  1 
ATOM   1293 O OD1 . ASP B 1 75  ? 17.216  0.683   19.078  1.00 37.61 ? 75  ASP B OD1 1 
ATOM   1294 O OD2 . ASP B 1 75  ? 17.937  1.361   17.095  1.00 37.32 ? 75  ASP B OD2 1 
ATOM   1295 N N   . ILE B 1 76  ? 14.918  3.398   15.720  1.00 30.60 ? 76  ILE B N   1 
ATOM   1296 C CA  . ILE B 1 76  ? 15.262  4.549   14.896  1.00 31.89 ? 76  ILE B CA  1 
ATOM   1297 C C   . ILE B 1 76  ? 14.531  5.801   15.388  1.00 31.77 ? 76  ILE B C   1 
ATOM   1298 O O   . ILE B 1 76  ? 15.098  6.894   15.366  1.00 32.04 ? 76  ILE B O   1 
ATOM   1299 C CB  . ILE B 1 76  ? 14.957  4.268   13.405  1.00 29.71 ? 76  ILE B CB  1 
ATOM   1300 N N   . VAL B 1 77  ? 13.306  5.623   15.886  1.00 32.29 ? 77  VAL B N   1 
ATOM   1301 C CA  . VAL B 1 77  ? 12.488  6.724   16.385  1.00 32.48 ? 77  VAL B CA  1 
ATOM   1302 C C   . VAL B 1 77  ? 13.010  7.302   17.704  1.00 31.48 ? 77  VAL B C   1 
ATOM   1303 O O   . VAL B 1 77  ? 13.184  8.518   17.827  1.00 33.58 ? 77  VAL B O   1 
ATOM   1304 C CB  . VAL B 1 77  ? 11.001  6.297   16.531  1.00 34.20 ? 77  VAL B CB  1 
ATOM   1305 C CG1 . VAL B 1 77  ? 10.213  7.313   17.377  1.00 35.63 ? 77  VAL B CG1 1 
ATOM   1306 C CG2 . VAL B 1 77  ? 10.352  6.147   15.143  1.00 33.64 ? 77  VAL B CG2 1 
ATOM   1307 N N   . SER B 1 78  ? 13.260  6.443   18.684  1.00 30.73 ? 78  SER B N   1 
ATOM   1308 C CA  . SER B 1 78  ? 13.773  6.867   19.981  1.00 30.59 ? 78  SER B CA  1 
ATOM   1309 C C   . SER B 1 78  ? 15.073  7.609   19.807  1.00 32.94 ? 78  SER B C   1 
ATOM   1310 O O   . SER B 1 78  ? 15.292  8.647   20.425  1.00 36.13 ? 78  SER B O   1 
ATOM   1311 C CB  . SER B 1 78  ? 14.013  5.655   20.861  1.00 30.26 ? 78  SER B CB  1 
ATOM   1312 O OG  . SER B 1 78  ? 12.813  4.920   20.994  1.00 34.87 ? 78  SER B OG  1 
ATOM   1313 N N   . LYS B 1 79  ? 15.933  7.073   18.950  1.00 33.43 ? 79  LYS B N   1 
ATOM   1314 C CA  . LYS B 1 79  ? 17.232  7.670   18.659  1.00 32.55 ? 79  LYS B CA  1 
ATOM   1315 C C   . LYS B 1 79  ? 17.036  9.062   18.081  1.00 31.02 ? 79  LYS B C   1 
ATOM   1316 O O   . LYS B 1 79  ? 17.724  10.002  18.465  1.00 30.33 ? 79  LYS B O   1 
ATOM   1317 C CB  . LYS B 1 79  ? 17.997  6.812   17.644  1.00 35.73 ? 79  LYS B CB  1 
ATOM   1318 C CG  . LYS B 1 79  ? 18.582  5.507   18.189  1.00 39.56 ? 79  LYS B CG  1 
ATOM   1319 C CD  . LYS B 1 79  ? 19.094  4.572   17.065  1.00 44.94 ? 79  LYS B CD  1 
ATOM   1320 C CE  . LYS B 1 79  ? 19.916  5.319   16.017  1.00 47.11 ? 79  LYS B CE  1 
ATOM   1321 N NZ  . LYS B 1 79  ? 20.289  4.450   14.859  1.00 50.51 ? 79  LYS B NZ  1 
ATOM   1322 N N   . ALA B 1 80  ? 16.088  9.176   17.156  1.00 28.73 ? 80  ALA B N   1 
ATOM   1323 C CA  . ALA B 1 80  ? 15.786  10.433  16.486  1.00 28.32 ? 80  ALA B CA  1 
ATOM   1324 C C   . ALA B 1 80  ? 15.059  11.460  17.345  1.00 28.86 ? 80  ALA B C   1 
ATOM   1325 O O   . ALA B 1 80  ? 15.256  12.658  17.159  1.00 30.37 ? 80  ALA B O   1 
ATOM   1326 C CB  . ALA B 1 80  ? 14.984  10.175  15.214  1.00 27.74 ? 80  ALA B CB  1 
ATOM   1327 N N   . ALA B 1 81  ? 14.215  11.000  18.267  1.00 26.89 ? 81  ALA B N   1 
ATOM   1328 C CA  . ALA B 1 81  ? 13.435  11.904  19.113  1.00 28.48 ? 81  ALA B CA  1 
ATOM   1329 C C   . ALA B 1 81  ? 14.167  12.427  20.330  1.00 31.36 ? 81  ALA B C   1 
ATOM   1330 O O   . ALA B 1 81  ? 13.862  13.509  20.833  1.00 32.21 ? 81  ALA B O   1 
ATOM   1331 C CB  . ALA B 1 81  ? 12.165  11.226  19.554  1.00 27.66 ? 81  ALA B CB  1 
ATOM   1332 N N   . TYR B 1 82  ? 15.103  11.624  20.808  1.00 33.33 ? 82  TYR B N   1 
ATOM   1333 C CA  . TYR B 1 82  ? 15.897  11.913  21.991  1.00 34.14 ? 82  TYR B CA  1 
ATOM   1334 C C   . TYR B 1 82  ? 16.716  13.206  21.995  1.00 34.40 ? 82  TYR B C   1 
ATOM   1335 O O   . TYR B 1 82  ? 17.277  13.622  20.981  1.00 33.44 ? 82  TYR B O   1 
ATOM   1336 C CB  . TYR B 1 82  ? 16.803  10.708  22.279  1.00 34.42 ? 82  TYR B CB  1 
ATOM   1337 C CG  . TYR B 1 82  ? 17.688  10.829  23.496  1.00 37.03 ? 82  TYR B CG  1 
ATOM   1338 C CD1 . TYR B 1 82  ? 17.266  10.355  24.740  1.00 33.20 ? 82  TYR B CD1 1 
ATOM   1339 C CD2 . TYR B 1 82  ? 18.956  11.417  23.399  1.00 35.65 ? 82  TYR B CD2 1 
ATOM   1340 C CE1 . TYR B 1 82  ? 18.092  10.451  25.856  1.00 36.03 ? 82  TYR B CE1 1 
ATOM   1341 C CE2 . TYR B 1 82  ? 19.783  11.519  24.496  1.00 35.08 ? 82  TYR B CE2 1 
ATOM   1342 C CZ  . TYR B 1 82  ? 19.348  11.042  25.723  1.00 36.98 ? 82  TYR B CZ  1 
ATOM   1343 O OH  . TYR B 1 82  ? 20.182  11.165  26.811  1.00 40.45 ? 82  TYR B OH  1 
ATOM   1344 N N   . THR B 1 83  ? 16.717  13.862  23.154  1.00 33.30 ? 83  THR B N   1 
ATOM   1345 C CA  . THR B 1 83  ? 17.489  15.073  23.380  1.00 34.34 ? 83  THR B CA  1 
ATOM   1346 C C   . THR B 1 83  ? 18.225  14.870  24.708  1.00 34.14 ? 83  THR B C   1 
ATOM   1347 O O   . THR B 1 83  ? 19.309  15.403  24.909  1.00 36.09 ? 83  THR B O   1 
ATOM   1348 C CB  . THR B 1 83  ? 16.616  16.380  23.491  1.00 35.30 ? 83  THR B CB  1 
ATOM   1349 O OG1 . THR B 1 83  ? 15.931  16.427  24.752  1.00 32.65 ? 83  THR B OG1 1 
ATOM   1350 C CG2 . THR B 1 83  ? 15.601  16.476  22.359  1.00 36.93 ? 83  THR B CG2 1 
ATOM   1351 N N   . GLY B 1 84  ? 17.627  14.085  25.603  1.00 33.70 ? 84  GLY B N   1 
ATOM   1352 C CA  . GLY B 1 84  ? 18.206  13.843  26.913  1.00 34.38 ? 84  GLY B CA  1 
ATOM   1353 C C   . GLY B 1 84  ? 17.573  14.772  27.936  1.00 35.52 ? 84  GLY B C   1 
ATOM   1354 O O   . GLY B 1 84  ? 17.380  14.402  29.105  1.00 37.12 ? 84  GLY B O   1 
ATOM   1355 N N   . LYS B 1 85  ? 17.312  16.009  27.521  1.00 33.38 ? 85  LYS B N   1 
ATOM   1356 C CA  . LYS B 1 85  ? 16.666  16.973  28.398  1.00 31.49 ? 85  LYS B CA  1 
ATOM   1357 C C   . LYS B 1 85  ? 15.241  16.427  28.554  1.00 31.38 ? 85  LYS B C   1 
ATOM   1358 O O   . LYS B 1 85  ? 14.767  15.670  27.701  1.00 32.47 ? 85  LYS B O   1 
ATOM   1359 C CB  . LYS B 1 85  ? 16.674  18.399  27.766  1.00 30.00 ? 85  LYS B CB  1 
ATOM   1360 N N   . ILE B 1 86  ? 14.589  16.742  29.667  1.00 30.18 ? 86  ILE B N   1 
ATOM   1361 C CA  . ILE B 1 86  ? 13.245  16.254  29.922  1.00 28.57 ? 86  ILE B CA  1 
ATOM   1362 C C   . ILE B 1 86  ? 12.180  16.722  28.926  1.00 26.99 ? 86  ILE B C   1 
ATOM   1363 O O   . ILE B 1 86  ? 12.264  17.827  28.370  1.00 20.54 ? 86  ILE B O   1 
ATOM   1364 C CB  . ILE B 1 86  ? 12.821  16.549  31.382  1.00 32.33 ? 86  ILE B CB  1 
ATOM   1365 C CG1 . ILE B 1 86  ? 11.311  16.579  31.511  1.00 33.18 ? 86  ILE B CG1 1 
ATOM   1366 C CG2 . ILE B 1 86  ? 13.446  17.823  31.903  1.00 35.95 ? 86  ILE B CG2 1 
ATOM   1367 C CD1 . ILE B 1 86  ? 10.889  16.416  32.887  1.00 38.47 ? 86  ILE B CD1 1 
ATOM   1368 N N   . GLY B 1 87  ? 11.212  15.838  28.680  1.00 26.36 ? 87  GLY B N   1 
ATOM   1369 C CA  . GLY B 1 87  ? 10.104  16.123  27.779  1.00 27.12 ? 87  GLY B CA  1 
ATOM   1370 C C   . GLY B 1 87  ? 10.262  15.568  26.382  1.00 25.82 ? 87  GLY B C   1 
ATOM   1371 O O   . GLY B 1 87  ? 9.573   15.975  25.450  1.00 27.20 ? 87  GLY B O   1 
ATOM   1372 N N   . ASP B 1 88  ? 11.161  14.611  26.243  1.00 26.28 ? 88  ASP B N   1 
ATOM   1373 C CA  . ASP B 1 88  ? 11.428  14.007  24.955  1.00 26.30 ? 88  ASP B CA  1 
ATOM   1374 C C   . ASP B 1 88  ? 10.251  13.300  24.313  1.00 24.32 ? 88  ASP B C   1 
ATOM   1375 O O   . ASP B 1 88  ? 10.196  13.207  23.098  1.00 21.60 ? 88  ASP B O   1 
ATOM   1376 C CB  . ASP B 1 88  ? 12.604  13.047  25.061  1.00 30.32 ? 88  ASP B CB  1 
ATOM   1377 C CG  . ASP B 1 88  ? 13.932  13.761  25.115  1.00 30.61 ? 88  ASP B CG  1 
ATOM   1378 O OD1 . ASP B 1 88  ? 13.990  14.952  24.739  1.00 28.19 ? 88  ASP B OD1 1 
ATOM   1379 O OD2 . ASP B 1 88  ? 14.922  13.103  25.506  1.00 32.52 ? 88  ASP B OD2 1 
ATOM   1380 N N   . GLY B 1 89  ? 9.391   12.693  25.126  1.00 23.30 ? 89  GLY B N   1 
ATOM   1381 C CA  . GLY B 1 89  ? 8.230   12.022  24.570  1.00 24.10 ? 89  GLY B CA  1 
ATOM   1382 C C   . GLY B 1 89  ? 8.057   10.550  24.871  1.00 26.13 ? 89  GLY B C   1 
ATOM   1383 O O   . GLY B 1 89  ? 8.866   9.936   25.573  1.00 26.12 ? 89  GLY B O   1 
ATOM   1384 N N   . LYS B 1 90  ? 6.974   9.990   24.336  1.00 23.90 ? 90  LYS B N   1 
ATOM   1385 C CA  . LYS B 1 90  ? 6.632   8.590   24.516  1.00 22.16 ? 90  LYS B CA  1 
ATOM   1386 C C   . LYS B 1 90  ? 6.242   7.911   23.215  1.00 21.50 ? 90  LYS B C   1 
ATOM   1387 O O   . LYS B 1 90  ? 5.859   8.558   22.256  1.00 19.55 ? 90  LYS B O   1 
ATOM   1388 C CB  . LYS B 1 90  ? 5.475   8.450   25.496  1.00 23.21 ? 90  LYS B CB  1 
ATOM   1389 C CG  . LYS B 1 90  ? 5.895   8.522   26.936  1.00 31.58 ? 90  LYS B CG  1 
ATOM   1390 C CD  . LYS B 1 90  ? 4.684   8.342   27.840  1.00 34.59 ? 90  LYS B CD  1 
ATOM   1391 C CE  . LYS B 1 90  ? 4.873   9.045   29.192  1.00 34.30 ? 90  LYS B CE  1 
ATOM   1392 N NZ  . LYS B 1 90  ? 3.670   8.837   30.039  1.00 37.97 ? 90  LYS B NZ  1 
ATOM   1393 N N   . ILE B 1 91  ? 6.356   6.594   23.197  1.00 21.77 ? 91  ILE B N   1 
ATOM   1394 C CA  . ILE B 1 91  ? 5.999   5.800   22.045  1.00 21.07 ? 91  ILE B CA  1 
ATOM   1395 C C   . ILE B 1 91  ? 4.911   4.858   22.540  1.00 20.27 ? 91  ILE B C   1 
ATOM   1396 O O   . ILE B 1 91  ? 5.054   4.223   23.591  1.00 19.43 ? 91  ILE B O   1 
ATOM   1397 C CB  . ILE B 1 91  ? 7.197   4.994   21.531  1.00 21.25 ? 91  ILE B CB  1 
ATOM   1398 C CG1 . ILE B 1 91  ? 8.180   5.917   20.823  1.00 19.65 ? 91  ILE B CG1 1 
ATOM   1399 C CG2 . ILE B 1 91  ? 6.722   3.865   20.613  1.00 20.89 ? 91  ILE B CG2 1 
ATOM   1400 C CD1 . ILE B 1 91  ? 9.479   5.238   20.432  1.00 19.65 ? 91  ILE B CD1 1 
ATOM   1401 N N   . PHE B 1 92  ? 3.794   4.834   21.819  1.00 18.23 ? 92  PHE B N   1 
ATOM   1402 C CA  . PHE B 1 92  ? 2.663   3.990   22.162  1.00 16.67 ? 92  PHE B CA  1 
ATOM   1403 C C   . PHE B 1 92  ? 2.467   2.990   21.019  1.00 19.20 ? 92  PHE B C   1 
ATOM   1404 O O   . PHE B 1 92  ? 2.550   3.367   19.840  1.00 17.55 ? 92  PHE B O   1 
ATOM   1405 C CB  . PHE B 1 92  ? 1.403   4.854   22.280  1.00 18.42 ? 92  PHE B CB  1 
ATOM   1406 C CG  . PHE B 1 92  ? 1.540   5.998   23.234  1.00 22.11 ? 92  PHE B CG  1 
ATOM   1407 C CD1 . PHE B 1 92  ? 1.228   5.835   24.581  1.00 21.76 ? 92  PHE B CD1 1 
ATOM   1408 C CD2 . PHE B 1 92  ? 2.002   7.238   22.788  1.00 22.17 ? 92  PHE B CD2 1 
ATOM   1409 C CE1 . PHE B 1 92  ? 1.379   6.905   25.480  1.00 22.77 ? 92  PHE B CE1 1 
ATOM   1410 C CE2 . PHE B 1 92  ? 2.155   8.303   23.664  1.00 20.06 ? 92  PHE B CE2 1 
ATOM   1411 C CZ  . PHE B 1 92  ? 1.845   8.145   25.013  1.00 22.11 ? 92  PHE B CZ  1 
ATOM   1412 N N   . VAL B 1 93  ? 2.177   1.738   21.356  1.00 17.51 ? 93  VAL B N   1 
ATOM   1413 C CA  . VAL B 1 93  ? 1.969   0.723   20.341  1.00 18.32 ? 93  VAL B CA  1 
ATOM   1414 C C   . VAL B 1 93  ? 0.629   0.021   20.504  1.00 19.40 ? 93  VAL B C   1 
ATOM   1415 O O   . VAL B 1 93  ? 0.324   -0.495  21.577  1.00 22.51 ? 93  VAL B O   1 
ATOM   1416 C CB  . VAL B 1 93  ? 3.079   -0.321  20.383  1.00 18.81 ? 93  VAL B CB  1 
ATOM   1417 C CG1 . VAL B 1 93  ? 2.851   -1.375  19.309  1.00 16.93 ? 93  VAL B CG1 1 
ATOM   1418 C CG2 . VAL B 1 93  ? 4.432   0.363   20.246  1.00 16.72 ? 93  VAL B CG2 1 
ATOM   1419 N N   . ALA B 1 94  ? -0.188  0.038   19.455  1.00 20.23 ? 94  ALA B N   1 
ATOM   1420 C CA  . ALA B 1 94  ? -1.492  -0.632  19.485  1.00 22.66 ? 94  ALA B CA  1 
ATOM   1421 C C   . ALA B 1 94  ? -1.578  -1.556  18.294  1.00 23.77 ? 94  ALA B C   1 
ATOM   1422 O O   . ALA B 1 94  ? -0.915  -1.321  17.289  1.00 25.01 ? 94  ALA B O   1 
ATOM   1423 C CB  . ALA B 1 94  ? -2.595  0.369   19.400  1.00 21.85 ? 94  ALA B CB  1 
ATOM   1424 N N   . GLU B 1 95  ? -2.453  -2.547  18.371  1.00 25.97 ? 95  GLU B N   1 
ATOM   1425 C CA  . GLU B 1 95  ? -2.635  -3.505  17.296  1.00 29.50 ? 95  GLU B CA  1 
ATOM   1426 C C   . GLU B 1 95  ? -3.613  -2.935  16.286  1.00 29.70 ? 95  GLU B C   1 
ATOM   1427 O O   . GLU B 1 95  ? -4.595  -2.273  16.636  1.00 29.41 ? 95  GLU B O   1 
ATOM   1428 C CB  . GLU B 1 95  ? -3.154  -4.843  17.842  1.00 32.37 ? 95  GLU B CB  1 
ATOM   1429 C CG  . GLU B 1 95  ? -2.977  -6.041  16.894  1.00 38.62 ? 95  GLU B CG  1 
ATOM   1430 C CD  . GLU B 1 95  ? -1.514  -6.480  16.699  1.00 42.85 ? 95  GLU B CD  1 
ATOM   1431 O OE1 . GLU B 1 95  ? -1.259  -7.402  15.876  1.00 46.65 ? 95  GLU B OE1 1 
ATOM   1432 O OE2 . GLU B 1 95  ? -0.612  -5.922  17.358  1.00 40.58 ? 95  GLU B OE2 1 
ATOM   1433 N N   . LEU B 1 96  ? -3.306  -3.149  15.017  1.00 30.29 ? 96  LEU B N   1 
ATOM   1434 C CA  . LEU B 1 96  ? -4.164  -2.677  13.958  1.00 29.28 ? 96  LEU B CA  1 
ATOM   1435 C C   . LEU B 1 96  ? -4.801  -3.900  13.320  1.00 29.89 ? 96  LEU B C   1 
ATOM   1436 O O   . LEU B 1 96  ? -4.099  -4.821  12.878  1.00 30.30 ? 96  LEU B O   1 
ATOM   1437 C CB  . LEU B 1 96  ? -3.355  -1.922  12.929  1.00 29.95 ? 96  LEU B CB  1 
ATOM   1438 C CG  . LEU B 1 96  ? -3.628  -0.450  12.700  1.00 34.73 ? 96  LEU B CG  1 
ATOM   1439 C CD1 . LEU B 1 96  ? -2.683  0.047   11.603  1.00 33.00 ? 96  LEU B CD1 1 
ATOM   1440 C CD2 . LEU B 1 96  ? -5.063  -0.271  12.273  1.00 35.83 ? 96  LEU B CD2 1 
ATOM   1441 N N   . GLN B 1 97  ? -6.126  -3.938  13.344  1.00 28.41 ? 97  GLN B N   1 
ATOM   1442 C CA  . GLN B 1 97  ? -6.871  -5.034  12.764  1.00 30.59 ? 97  GLN B CA  1 
ATOM   1443 C C   . GLN B 1 97  ? -6.797  -5.034  11.233  1.00 30.82 ? 97  GLN B C   1 
ATOM   1444 O O   . GLN B 1 97  ? -6.265  -5.967  10.631  1.00 31.78 ? 97  GLN B O   1 
ATOM   1445 C CB  . GLN B 1 97  ? -8.323  -4.957  13.217  1.00 31.53 ? 97  GLN B CB  1 
ATOM   1446 C CG  . GLN B 1 97  ? -8.762  -6.166  13.962  1.00 37.78 ? 97  GLN B CG  1 
ATOM   1447 C CD  . GLN B 1 97  ? -9.470  -5.815  15.229  1.00 41.28 ? 97  GLN B CD  1 
ATOM   1448 O OE1 . GLN B 1 97  ? -8.985  -6.076  16.327  1.00 44.13 ? 97  GLN B OE1 1 
ATOM   1449 N NE2 . GLN B 1 97  ? -10.628 -5.209  15.090  1.00 41.70 ? 97  GLN B NE2 1 
ATOM   1450 N N   . ARG B 1 98  ? -7.303  -3.968  10.621  1.00 28.50 ? 98  ARG B N   1 
ATOM   1451 C CA  . ARG B 1 98  ? -7.323  -3.822  9.172   1.00 28.53 ? 98  ARG B CA  1 
ATOM   1452 C C   . ARG B 1 98  ? -6.865  -2.431  8.754   1.00 26.78 ? 98  ARG B C   1 
ATOM   1453 O O   . ARG B 1 98  ? -6.995  -1.464  9.502   1.00 23.83 ? 98  ARG B O   1 
ATOM   1454 C CB  . ARG B 1 98  ? -8.740  -4.083  8.639   1.00 27.64 ? 98  ARG B CB  1 
ATOM   1455 N N   . VAL B 1 99  ? -6.319  -2.358  7.552   1.00 28.38 ? 99  VAL B N   1 
ATOM   1456 C CA  . VAL B 1 99  ? -5.830  -1.120  6.956   1.00 30.56 ? 99  VAL B CA  1 
ATOM   1457 C C   . VAL B 1 99  ? -6.258  -1.252  5.505   1.00 29.90 ? 99  VAL B C   1 
ATOM   1458 O O   . VAL B 1 99  ? -5.913  -2.229  4.850   1.00 32.28 ? 99  VAL B O   1 
ATOM   1459 C CB  . VAL B 1 99  ? -4.263  -1.018  7.005   1.00 31.12 ? 99  VAL B CB  1 
ATOM   1460 C CG1 . VAL B 1 99  ? -3.792  0.285   6.371   1.00 32.97 ? 99  VAL B CG1 1 
ATOM   1461 C CG2 . VAL B 1 99  ? -3.746  -1.116  8.423   1.00 30.48 ? 99  VAL B CG2 1 
ATOM   1462 N N   . ILE B 1 100 ? -7.039  -0.302  5.020   1.00 30.86 ? 100 ILE B N   1 
ATOM   1463 C CA  . ILE B 1 100 ? -7.531  -0.335  3.648   1.00 29.77 ? 100 ILE B CA  1 
ATOM   1464 C C   . ILE B 1 100 ? -7.124  0.919   2.870   1.00 30.26 ? 100 ILE B C   1 
ATOM   1465 O O   . ILE B 1 100 ? -7.412  2.033   3.293   1.00 30.99 ? 100 ILE B O   1 
ATOM   1466 C CB  . ILE B 1 100 ? -9.074  -0.416  3.612   1.00 26.96 ? 100 ILE B CB  1 
ATOM   1467 C CG1 . ILE B 1 100 ? -9.549  -1.736  4.199   1.00 29.43 ? 100 ILE B CG1 1 
ATOM   1468 C CG2 . ILE B 1 100 ? -9.586  -0.264  2.203   1.00 29.30 ? 100 ILE B CG2 1 
ATOM   1469 C CD1 . ILE B 1 100 ? -10.422 -1.546  5.387   1.00 32.37 ? 100 ILE B CD1 1 
ATOM   1470 N N   . ARG B 1 101 ? -6.439  0.753   1.749   1.00 29.03 ? 101 ARG B N   1 
ATOM   1471 C CA  . ARG B 1 101 ? -6.082  1.910   0.946   1.00 26.55 ? 101 ARG B CA  1 
ATOM   1472 C C   . ARG B 1 101 ? -7.341  2.153   0.120   1.00 25.24 ? 101 ARG B C   1 
ATOM   1473 O O   . ARG B 1 101 ? -7.737  1.301   -0.673  1.00 24.29 ? 101 ARG B O   1 
ATOM   1474 C CB  . ARG B 1 101 ? -4.895  1.589   0.036   1.00 29.40 ? 101 ARG B CB  1 
ATOM   1475 C CG  . ARG B 1 101 ? -4.252  2.822   -0.559  1.00 31.85 ? 101 ARG B CG  1 
ATOM   1476 C CD  . ARG B 1 101 ? -3.235  2.501   -1.639  1.00 34.76 ? 101 ARG B CD  1 
ATOM   1477 N NE  . ARG B 1 101 ? -2.074  1.778   -1.145  1.00 34.80 ? 101 ARG B NE  1 
ATOM   1478 C CZ  . ARG B 1 101 ? -1.070  2.338   -0.486  1.00 37.00 ? 101 ARG B CZ  1 
ATOM   1479 N NH1 . ARG B 1 101 ? -1.075  3.642   -0.228  1.00 37.41 ? 101 ARG B NH1 1 
ATOM   1480 N NH2 . ARG B 1 101 ? -0.027  1.602   -0.143  1.00 36.13 ? 101 ARG B NH2 1 
ATOM   1481 N N   . ILE B 1 102 ? -8.010  3.278   0.352   1.00 25.43 ? 102 ILE B N   1 
ATOM   1482 C CA  . ILE B 1 102 ? -9.249  3.613   -0.358  1.00 24.88 ? 102 ILE B CA  1 
ATOM   1483 C C   . ILE B 1 102 ? -9.188  3.566   -1.897  1.00 28.12 ? 102 ILE B C   1 
ATOM   1484 O O   . ILE B 1 102 ? -10.081 3.012   -2.531  1.00 27.96 ? 102 ILE B O   1 
ATOM   1485 C CB  . ILE B 1 102 ? -9.783  4.988   0.104   1.00 22.98 ? 102 ILE B CB  1 
ATOM   1486 C CG1 . ILE B 1 102 ? -10.171 4.902   1.583   1.00 24.85 ? 102 ILE B CG1 1 
ATOM   1487 C CG2 . ILE B 1 102 ? -10.981 5.451   -0.749  1.00 18.67 ? 102 ILE B CG2 1 
ATOM   1488 C CD1 . ILE B 1 102 ? -10.445 6.238   2.235   1.00 22.64 ? 102 ILE B CD1 1 
ATOM   1489 N N   . ARG B 1 103 ? -8.128  4.111   -2.494  1.00 26.91 ? 103 ARG B N   1 
ATOM   1490 C CA  . ARG B 1 103 ? -7.992  4.152   -3.951  1.00 26.71 ? 103 ARG B CA  1 
ATOM   1491 C C   . ARG B 1 103 ? -7.859  2.790   -4.641  1.00 26.06 ? 103 ARG B C   1 
ATOM   1492 O O   . ARG B 1 103 ? -8.468  2.552   -5.693  1.00 25.03 ? 103 ARG B O   1 
ATOM   1493 C CB  . ARG B 1 103 ? -6.794  5.030   -4.355  1.00 25.31 ? 103 ARG B CB  1 
ATOM   1494 C CG  . ARG B 1 103 ? -6.611  5.208   -5.869  1.00 25.38 ? 103 ARG B CG  1 
ATOM   1495 C CD  . ARG B 1 103 ? -5.543  6.242   -6.232  1.00 23.25 ? 103 ARG B CD  1 
ATOM   1496 N NE  . ARG B 1 103 ? -4.221  5.818   -5.800  1.00 21.64 ? 103 ARG B NE  1 
ATOM   1497 C CZ  . ARG B 1 103 ? -3.476  4.944   -6.461  1.00 24.78 ? 103 ARG B CZ  1 
ATOM   1498 N NH1 . ARG B 1 103 ? -2.279  4.602   -5.987  1.00 24.28 ? 103 ARG B NH1 1 
ATOM   1499 N NH2 . ARG B 1 103 ? -3.930  4.410   -7.599  1.00 23.38 ? 103 ARG B NH2 1 
ATOM   1500 N N   . THR B 1 104 ? -7.110  1.883   -4.033  1.00 21.85 ? 104 THR B N   1 
ATOM   1501 C CA  . THR B 1 104 ? -6.868  0.589   -4.649  1.00 21.20 ? 104 THR B CA  1 
ATOM   1502 C C   . THR B 1 104 ? -7.527  -0.632  -4.008  1.00 24.34 ? 104 THR B C   1 
ATOM   1503 O O   . THR B 1 104 ? -7.512  -1.722  -4.576  1.00 27.55 ? 104 THR B O   1 
ATOM   1504 C CB  . THR B 1 104 ? -5.414  0.361   -4.628  1.00 19.21 ? 104 THR B CB  1 
ATOM   1505 O OG1 . THR B 1 104 ? -4.978  0.376   -3.265  1.00 21.52 ? 104 THR B OG1 1 
ATOM   1506 C CG2 . THR B 1 104 ? -4.730  1.462   -5.392  1.00 14.22 ? 104 THR B CG2 1 
ATOM   1507 N N   . GLY B 1 105 ? -8.064  -0.469  -2.808  1.00 23.37 ? 105 GLY B N   1 
ATOM   1508 C CA  . GLY B 1 105 ? -8.688  -1.583  -2.146  1.00 23.71 ? 105 GLY B CA  1 
ATOM   1509 C C   . GLY B 1 105 ? -7.638  -2.510  -1.571  1.00 26.60 ? 105 GLY B C   1 
ATOM   1510 O O   . GLY B 1 105 ? -7.992  -3.558  -1.023  1.00 29.00 ? 105 GLY B O   1 
ATOM   1511 N N   . GLU B 1 106 ? -6.355  -2.164  -1.688  1.00 25.61 ? 106 GLU B N   1 
ATOM   1512 C CA  . GLU B 1 106 ? -5.312  -3.026  -1.131  1.00 24.43 ? 106 GLU B CA  1 
ATOM   1513 C C   . GLU B 1 106 ? -5.559  -3.141  0.369   1.00 26.98 ? 106 GLU B C   1 
ATOM   1514 O O   . GLU B 1 106 ? -6.223  -2.284  0.979   1.00 26.71 ? 106 GLU B O   1 
ATOM   1515 C CB  . GLU B 1 106 ? -3.905  -2.482  -1.412  1.00 26.98 ? 106 GLU B CB  1 
ATOM   1516 C CG  . GLU B 1 106 ? -3.433  -2.640  -2.848  1.00 28.02 ? 106 GLU B CG  1 
ATOM   1517 C CD  . GLU B 1 106 ? -2.217  -1.773  -3.162  1.00 28.92 ? 106 GLU B CD  1 
ATOM   1518 O OE1 . GLU B 1 106 ? -2.395  -0.572  -3.416  1.00 32.62 ? 106 GLU B OE1 1 
ATOM   1519 O OE2 . GLU B 1 106 ? -1.077  -2.274  -3.168  1.00 28.84 ? 106 GLU B OE2 1 
ATOM   1520 N N   . ALA B 1 107 ? -4.996  -4.170  0.981   1.00 26.71 ? 107 ALA B N   1 
ATOM   1521 C CA  . ALA B 1 107 ? -5.226  -4.369  2.391   1.00 27.01 ? 107 ALA B CA  1 
ATOM   1522 C C   . ALA B 1 107 ? -3.976  -4.697  3.183   1.00 27.55 ? 107 ALA B C   1 
ATOM   1523 O O   . ALA B 1 107 ? -3.007  -5.235  2.654   1.00 27.34 ? 107 ALA B O   1 
ATOM   1524 C CB  . ALA B 1 107 ? -6.279  -5.431  2.579   1.00 27.53 ? 107 ALA B CB  1 
ATOM   1525 N N   . ASP B 1 108 ? -3.975  -4.241  4.427   1.00 28.39 ? 108 ASP B N   1 
ATOM   1526 C CA  . ASP B 1 108 ? -2.893  -4.478  5.375   1.00 31.10 ? 108 ASP B CA  1 
ATOM   1527 C C   . ASP B 1 108 ? -1.507  -4.117  4.862   1.00 33.92 ? 108 ASP B C   1 
ATOM   1528 O O   . ASP B 1 108 ? -1.267  -2.976  4.494   1.00 33.84 ? 108 ASP B O   1 
ATOM   1529 C CB  . ASP B 1 108 ? -2.942  -5.926  5.846   1.00 31.45 ? 108 ASP B CB  1 
ATOM   1530 C CG  . ASP B 1 108 ? -4.339  -6.360  6.207   1.00 32.11 ? 108 ASP B CG  1 
ATOM   1531 O OD1 . ASP B 1 108 ? -5.181  -5.496  6.536   1.00 34.58 ? 108 ASP B OD1 1 
ATOM   1532 O OD2 . ASP B 1 108 ? -4.608  -7.570  6.129   1.00 34.25 ? 108 ASP B OD2 1 
ATOM   1533 N N   . GLU B 1 109 ? -0.597  -5.083  4.836   1.00 34.85 ? 109 GLU B N   1 
ATOM   1534 C CA  . GLU B 1 109 ? 0.755   -4.846  4.366   1.00 37.93 ? 109 GLU B CA  1 
ATOM   1535 C C   . GLU B 1 109 ? 0.815   -4.025  3.079   1.00 39.30 ? 109 GLU B C   1 
ATOM   1536 O O   . GLU B 1 109 ? 1.582   -3.063  2.988   1.00 39.82 ? 109 GLU B O   1 
ATOM   1537 C CB  . GLU B 1 109 ? 1.443   -6.176  4.121   1.00 42.64 ? 109 GLU B CB  1 
ATOM   1538 C CG  . GLU B 1 109 ? 2.570   -6.466  5.077   1.00 45.35 ? 109 GLU B CG  1 
ATOM   1539 C CD  . GLU B 1 109 ? 2.095   -7.013  6.400   1.00 46.90 ? 109 GLU B CD  1 
ATOM   1540 O OE1 . GLU B 1 109 ? 0.893   -7.307  6.552   1.00 48.12 ? 109 GLU B OE1 1 
ATOM   1541 O OE2 . GLU B 1 109 ? 2.939   -7.175  7.299   1.00 49.68 ? 109 GLU B OE2 1 
ATOM   1542 N N   . ALA B 1 110 ? 0.013   -4.413  2.088   1.00 38.18 ? 110 ALA B N   1 
ATOM   1543 C CA  . ALA B 1 110 ? -0.013  -3.741  0.786   1.00 37.19 ? 110 ALA B CA  1 
ATOM   1544 C C   . ALA B 1 110 ? -0.600  -2.349  0.814   1.00 36.06 ? 110 ALA B C   1 
ATOM   1545 O O   . ALA B 1 110 ? -0.417  -1.582  -0.116  1.00 38.93 ? 110 ALA B O   1 
ATOM   1546 C CB  . ALA B 1 110 ? -0.774  -4.591  -0.235  1.00 38.36 ? 110 ALA B CB  1 
ATOM   1547 N N   . ALA B 1 111 ? -1.335  -2.035  1.863   1.00 34.58 ? 111 ALA B N   1 
ATOM   1548 C CA  . ALA B 1 111 ? -1.954  -0.737  1.979   1.00 33.58 ? 111 ALA B CA  1 
ATOM   1549 C C   . ALA B 1 111 ? -1.036  0.346   2.543   1.00 33.66 ? 111 ALA B C   1 
ATOM   1550 O O   . ALA B 1 111 ? -1.430  1.496   2.640   1.00 35.00 ? 111 ALA B O   1 
ATOM   1551 C CB  . ALA B 1 111 ? -3.191  -0.860  2.819   1.00 34.67 ? 111 ALA B CB  1 
ATOM   1552 N N   . LEU B 1 112 ? 0.184   -0.013  2.900   1.00 34.90 ? 112 LEU B N   1 
ATOM   1553 C CA  . LEU B 1 112 ? 1.131   0.935   3.478   1.00 36.35 ? 112 LEU B CA  1 
ATOM   1554 C C   . LEU B 1 112 ? 1.911   1.765   2.446   1.00 39.68 ? 112 LEU B C   1 
ATOM   1555 O O   . LEU B 1 112 ? 2.304   2.916   2.758   1.00 42.34 ? 112 LEU B O   1 
ATOM   1556 C CB  . LEU B 1 112 ? 2.096   0.168   4.392   1.00 35.73 ? 112 LEU B CB  1 
ATOM   1557 C CG  . LEU B 1 112 ? 1.370   -0.705  5.428   1.00 30.38 ? 112 LEU B CG  1 
ATOM   1558 C CD1 . LEU B 1 112 ? 2.336   -1.585  6.216   1.00 24.72 ? 112 LEU B CD1 1 
ATOM   1559 C CD2 . LEU B 1 112 ? 0.589   0.200   6.356   1.00 29.65 ? 112 LEU B CD2 1 
ATOM   1560 O OXT . LEU B 1 112 ? 2.158   1.252   1.335   1.00 41.46 ? 112 LEU B OXT 1 
HETATM 1561 S S   . SO4 C 2 .   ? 4.904   -12.437 -7.103  1.00 25.73 ? 135 SO4 A S   1 
HETATM 1562 O O1  . SO4 C 2 .   ? 4.965   -11.012 -7.496  1.00 26.18 ? 135 SO4 A O1  1 
HETATM 1563 O O2  . SO4 C 2 .   ? 6.273   -12.871 -6.617  1.00 26.36 ? 135 SO4 A O2  1 
HETATM 1564 O O3  . SO4 C 2 .   ? 3.893   -12.683 -5.960  1.00 23.91 ? 135 SO4 A O3  1 
HETATM 1565 O O4  . SO4 C 2 .   ? 4.437   -13.289 -8.259  1.00 26.35 ? 135 SO4 A O4  1 
HETATM 1566 S S   . SO4 D 2 .   ? 10.204  12.671  30.273  1.00 38.44 ? 136 SO4 B S   1 
HETATM 1567 O O1  . SO4 D 2 .   ? 9.185   13.723  30.287  1.00 43.07 ? 136 SO4 B O1  1 
HETATM 1568 O O2  . SO4 D 2 .   ? 10.584  12.321  31.703  1.00 41.48 ? 136 SO4 B O2  1 
HETATM 1569 O O3  . SO4 D 2 .   ? 9.722   11.369  29.629  1.00 39.46 ? 136 SO4 B O3  1 
HETATM 1570 O O4  . SO4 D 2 .   ? 11.393  13.141  29.449  1.00 35.94 ? 136 SO4 B O4  1 
HETATM 1571 O O   . HOH E 3 .   ? -17.873 -14.302 -11.194 0.50 33.47 ? 137 HOH A O   1 
HETATM 1572 O O   . HOH E 3 .   ? -4.378  -18.760 -21.801 1.00 12.89 ? 139 HOH A O   1 
HETATM 1573 O O   . HOH E 3 .   ? -0.845  -6.382  -11.096 1.00 25.16 ? 140 HOH A O   1 
HETATM 1574 O O   . HOH E 3 .   ? -8.989  -0.674  -12.710 1.00 41.12 ? 145 HOH A O   1 
HETATM 1575 O O   . HOH E 3 .   ? -1.204  2.310   -19.000 1.00 24.92 ? 146 HOH A O   1 
HETATM 1576 O O   . HOH E 3 .   ? -7.671  -2.349  -24.199 1.00 14.48 ? 147 HOH A O   1 
HETATM 1577 O O   . HOH E 3 .   ? -3.787  4.863   -26.767 1.00 44.08 ? 148 HOH A O   1 
HETATM 1578 O O   . HOH E 3 .   ? -11.380 -13.317 -18.357 1.00 13.92 ? 149 HOH A O   1 
HETATM 1579 O O   . HOH E 3 .   ? -13.034 -16.867 -17.305 1.00 21.12 ? 150 HOH A O   1 
HETATM 1580 O O   . HOH E 3 .   ? -2.999  -18.458 -4.861  1.00 18.70 ? 151 HOH A O   1 
HETATM 1581 O O   . HOH E 3 .   ? 6.108   -11.573 -30.827 1.00 17.75 ? 152 HOH A O   1 
HETATM 1582 O O   . HOH E 3 .   ? 8.300   -9.652  -24.517 1.00 22.57 ? 153 HOH A O   1 
HETATM 1583 O O   . HOH E 3 .   ? 4.222   -10.850 -10.236 1.00 12.94 ? 154 HOH A O   1 
HETATM 1584 O O   . HOH E 3 .   ? -4.686  -25.150 -28.496 1.00 18.20 ? 155 HOH A O   1 
HETATM 1585 O O   . HOH E 3 .   ? -24.561 -15.220 -41.129 1.00 51.45 ? 156 HOH A O   1 
HETATM 1586 O O   . HOH E 3 .   ? -13.133 -14.835 -42.426 1.00 19.48 ? 157 HOH A O   1 
HETATM 1587 O O   . HOH E 3 .   ? -1.085  -17.085 -39.976 1.00 23.73 ? 172 HOH A O   1 
HETATM 1588 O O   . HOH E 3 .   ? -0.308  -11.742 -38.506 1.00 24.46 ? 173 HOH A O   1 
HETATM 1589 O O   . HOH E 3 .   ? 0.282   -9.927  -36.606 1.00 38.87 ? 174 HOH A O   1 
HETATM 1590 O O   . HOH E 3 .   ? 0.415   -15.922 -37.951 1.00 46.77 ? 175 HOH A O   1 
HETATM 1591 O O   . HOH E 3 .   ? 2.413   -17.503 -36.798 1.00 29.92 ? 176 HOH A O   1 
HETATM 1592 O O   . HOH E 3 .   ? 0.735   -20.728 -34.148 1.00 28.92 ? 177 HOH A O   1 
HETATM 1593 O O   . HOH E 3 .   ? -2.828  -23.154 -21.020 1.00 25.30 ? 178 HOH A O   1 
HETATM 1594 O O   . HOH E 3 .   ? -5.660  0.987   -13.466 1.00 39.31 ? 179 HOH A O   1 
HETATM 1595 O O   . HOH E 3 .   ? 2.744   -0.520  -20.675 1.00 22.51 ? 180 HOH A O   1 
HETATM 1596 O O   . HOH E 3 .   ? 5.318   -8.683  -30.749 1.00 27.14 ? 181 HOH A O   1 
HETATM 1597 O O   . HOH E 3 .   ? 1.734   -12.839 -8.554  1.00 25.32 ? 182 HOH A O   1 
HETATM 1598 O O   . HOH E 3 .   ? -12.459 -12.745 -43.914 1.00 26.83 ? 183 HOH A O   1 
HETATM 1599 O O   . HOH E 3 .   ? -13.543 -10.109 -43.606 1.00 24.51 ? 184 HOH A O   1 
HETATM 1600 O O   . HOH E 3 .   ? -10.188 -21.498 -39.110 1.00 50.28 ? 190 HOH A O   1 
HETATM 1601 O O   . HOH E 3 .   ? -8.704  3.380   -24.013 1.00 35.31 ? 192 HOH A O   1 
HETATM 1602 O O   . HOH E 3 .   ? -10.009 1.534   -26.004 1.00 36.55 ? 193 HOH A O   1 
HETATM 1603 O O   . HOH E 3 .   ? 0.125   -6.151  -31.149 1.00 27.44 ? 194 HOH A O   1 
HETATM 1604 O O   . HOH E 3 .   ? -10.433 -15.264 3.202   1.00 28.09 ? 197 HOH A O   1 
HETATM 1605 O O   . HOH E 3 .   ? -8.717  2.437   -12.036 1.00 48.05 ? 200 HOH A O   1 
HETATM 1606 O O   . HOH E 3 .   ? 1.146   1.656   -17.388 1.00 39.41 ? 201 HOH A O   1 
HETATM 1607 O O   . HOH E 3 .   ? 7.655   -11.314 -33.189 1.00 36.69 ? 202 HOH A O   1 
HETATM 1608 O O   . HOH E 3 .   ? -0.987  -16.336 -35.377 1.00 15.76 ? 203 HOH A O   1 
HETATM 1609 O O   . HOH E 3 .   ? -2.746  -14.790 -36.698 1.00 19.46 ? 204 HOH A O   1 
HETATM 1610 O O   . HOH E 3 .   ? -12.655 -6.581  -9.320  1.00 44.62 ? 205 HOH A O   1 
HETATM 1611 O O   . HOH E 3 .   ? 7.449   -0.914  -23.291 1.00 32.21 ? 206 HOH A O   1 
HETATM 1612 O O   . HOH E 3 .   ? 5.024   -8.157  -35.039 1.00 30.29 ? 207 HOH A O   1 
HETATM 1613 O O   . HOH E 3 .   ? -15.493 -7.224  -42.281 1.00 27.78 ? 208 HOH A O   1 
HETATM 1614 O O   . HOH E 3 .   ? -7.118  -21.657 -37.703 1.00 40.97 ? 209 HOH A O   1 
HETATM 1615 O O   . HOH E 3 .   ? -3.007  -20.497 -34.007 1.00 31.15 ? 220 HOH A O   1 
HETATM 1616 O O   . HOH E 3 .   ? -11.059 -12.422 -25.250 1.00 42.56 ? 221 HOH A O   1 
HETATM 1617 O O   . HOH E 3 .   ? -12.174 -9.096  -8.472  1.00 39.69 ? 222 HOH A O   1 
HETATM 1618 O O   . HOH E 3 .   ? -15.034 -6.841  -12.997 1.00 30.29 ? 223 HOH A O   1 
HETATM 1619 O O   . HOH E 3 .   ? -15.368 -15.813 -9.838  1.00 18.73 ? 224 HOH A O   1 
HETATM 1620 O O   . HOH E 3 .   ? -24.408 -16.790 -38.675 1.00 38.20 ? 225 HOH A O   1 
HETATM 1621 O O   . HOH E 3 .   ? -7.979  -8.925  0.649   1.00 57.46 ? 226 HOH A O   1 
HETATM 1622 O O   . HOH E 3 .   ? 8.144   -9.107  -18.538 1.00 36.50 ? 227 HOH A O   1 
HETATM 1623 O O   . HOH E 3 .   ? 9.662   -6.311  -6.642  1.00 37.31 ? 228 HOH A O   1 
HETATM 1624 O O   . HOH E 3 .   ? -11.237 -27.066 -37.698 1.00 49.52 ? 229 HOH A O   1 
HETATM 1625 O O   . HOH E 3 .   ? -13.063 -11.846 -6.680  1.00 36.13 ? 231 HOH A O   1 
HETATM 1626 O O   . HOH E 3 .   ? -9.102  2.808   -32.488 1.00 39.48 ? 232 HOH A O   1 
HETATM 1627 O O   . HOH E 3 .   ? 4.329   -16.086 -30.876 1.00 35.35 ? 233 HOH A O   1 
HETATM 1628 O O   . HOH E 3 .   ? 5.173   -17.068 -36.331 1.00 45.44 ? 234 HOH A O   1 
HETATM 1629 O O   . HOH E 3 .   ? 4.725   -18.256 -33.089 1.00 47.63 ? 235 HOH A O   1 
HETATM 1630 O O   . HOH E 3 .   ? 5.779   -15.018 -34.572 1.00 33.94 ? 242 HOH A O   1 
HETATM 1631 O O   . HOH E 3 .   ? 1.087   -13.378 -36.947 1.00 36.15 ? 243 HOH A O   1 
HETATM 1632 O O   . HOH E 3 .   ? -2.825  -19.393 -36.753 1.00 45.57 ? 245 HOH A O   1 
HETATM 1633 O O   . HOH E 3 .   ? -3.092  -20.590 -20.036 1.00 40.82 ? 246 HOH A O   1 
HETATM 1634 O O   . HOH E 3 .   ? 4.190   -6.703  -32.543 1.00 36.52 ? 247 HOH A O   1 
HETATM 1635 O O   . HOH E 3 .   ? 12.018  -5.662  -4.862  1.00 69.24 ? 248 HOH A O   1 
HETATM 1636 O O   . HOH E 3 .   ? -9.395  -26.406 -34.285 1.00 35.62 ? 249 HOH A O   1 
HETATM 1637 O O   . HOH E 3 .   ? -3.436  -15.661 -8.120  1.00 43.83 ? 253 HOH A O   1 
HETATM 1638 O O   . HOH E 3 .   ? -1.053  -15.733 -9.586  1.00 56.45 ? 254 HOH A O   1 
HETATM 1639 O O   . HOH E 3 .   ? -13.160 -5.723  -11.853 1.00 47.11 ? 261 HOH A O   1 
HETATM 1640 O O   . HOH E 3 .   ? -0.512  -13.932 -7.515  1.00 57.57 ? 262 HOH A O   1 
HETATM 1641 O O   . HOH F 3 .   ? -5.641  20.471  15.593  0.50 28.90 ? 138 HOH B O   1 
HETATM 1642 O O   . HOH F 3 .   ? -5.016  -5.742  -4.894  1.00 40.36 ? 141 HOH B O   1 
HETATM 1643 O O   . HOH F 3 .   ? -2.799  -6.373  -2.902  1.00 29.55 ? 142 HOH B O   1 
HETATM 1644 O O   . HOH F 3 .   ? -7.583  -4.184  -5.946  1.00 44.84 ? 143 HOH B O   1 
HETATM 1645 O O   . HOH F 3 .   ? -6.879  -6.972  -2.052  1.00 51.18 ? 144 HOH B O   1 
HETATM 1646 O O   . HOH F 3 .   ? 11.392  14.542  21.273  1.00 15.95 ? 158 HOH B O   1 
HETATM 1647 O O   . HOH F 3 .   ? 14.309  18.058  13.648  1.00 16.08 ? 159 HOH B O   1 
HETATM 1648 O O   . HOH F 3 .   ? 11.527  19.948  12.648  1.00 27.99 ? 160 HOH B O   1 
HETATM 1649 O O   . HOH F 3 .   ? 8.520   0.723   4.703   1.00 45.89 ? 161 HOH B O   1 
HETATM 1650 O O   . HOH F 3 .   ? -4.608  12.780  15.968  1.00 17.89 ? 162 HOH B O   1 
HETATM 1651 O O   . HOH F 3 .   ? -1.261  12.093  14.067  1.00 14.76 ? 163 HOH B O   1 
HETATM 1652 O O   . HOH F 3 .   ? -3.421  18.983  13.996  1.00 11.99 ? 164 HOH B O   1 
HETATM 1653 O O   . HOH F 3 .   ? 3.650   20.751  31.952  1.00 26.07 ? 165 HOH B O   1 
HETATM 1654 O O   . HOH F 3 .   ? 12.366  -4.982  13.137  1.00 33.67 ? 166 HOH B O   1 
HETATM 1655 O O   . HOH F 3 .   ? 18.383  12.633  18.722  1.00 36.08 ? 167 HOH B O   1 
HETATM 1656 O O   . HOH F 3 .   ? 13.036  20.051  29.632  1.00 17.21 ? 168 HOH B O   1 
HETATM 1657 O O   . HOH F 3 .   ? 11.068  10.771  27.179  1.00 13.79 ? 169 HOH B O   1 
HETATM 1658 O O   . HOH F 3 .   ? -7.994  2.722   -8.652  1.00 39.30 ? 170 HOH B O   1 
HETATM 1659 O O   . HOH F 3 .   ? -11.873 1.165   -3.883  1.00 38.94 ? 171 HOH B O   1 
HETATM 1660 O O   . HOH F 3 .   ? 0.167   22.879  19.641  1.00 32.30 ? 185 HOH B O   1 
HETATM 1661 O O   . HOH F 3 .   ? -1.839  19.735  11.929  1.00 37.24 ? 186 HOH B O   1 
HETATM 1662 O O   . HOH F 3 .   ? 5.329   20.860  34.065  1.00 41.23 ? 187 HOH B O   1 
HETATM 1663 O O   . HOH F 3 .   ? 14.270  21.661  27.947  1.00 30.90 ? 188 HOH B O   1 
HETATM 1664 O O   . HOH F 3 .   ? 15.960  18.864  30.993  1.00 35.96 ? 189 HOH B O   1 
HETATM 1665 O O   . HOH F 3 .   ? -6.301  29.993  44.108  1.00 42.08 ? 191 HOH B O   1 
HETATM 1666 O O   . HOH F 3 .   ? 1.707   -7.326  9.745   1.00 39.53 ? 195 HOH B O   1 
HETATM 1667 O O   . HOH F 3 .   ? -3.575  -3.231  21.034  1.00 34.97 ? 196 HOH B O   1 
HETATM 1668 O O   . HOH F 3 .   ? -4.392  -6.529  -0.598  1.00 38.31 ? 198 HOH B O   1 
HETATM 1669 O O   . HOH F 3 .   ? -0.622  -4.756  -3.655  1.00 27.07 ? 199 HOH B O   1 
HETATM 1670 O O   . HOH F 3 .   ? 16.311  10.709  5.559   1.00 36.75 ? 210 HOH B O   1 
HETATM 1671 O O   . HOH F 3 .   ? 3.414   27.480  35.618  1.00 37.81 ? 211 HOH B O   1 
HETATM 1672 O O   . HOH F 3 .   ? 7.061   29.255  35.755  1.00 45.36 ? 212 HOH B O   1 
HETATM 1673 O O   . HOH F 3 .   ? 5.327   30.402  32.994  1.00 51.21 ? 213 HOH B O   1 
HETATM 1674 O O   . HOH F 3 .   ? 5.000   26.747  29.852  1.00 53.29 ? 214 HOH B O   1 
HETATM 1675 O O   . HOH F 3 .   ? 1.214   25.761  25.776  1.00 32.64 ? 215 HOH B O   1 
HETATM 1676 O O   . HOH F 3 .   ? -4.055  6.870   11.728  1.00 55.42 ? 216 HOH B O   1 
HETATM 1677 O O   . HOH F 3 .   ? -0.988  6.801   9.607   1.00 39.87 ? 217 HOH B O   1 
HETATM 1678 O O   . HOH F 3 .   ? 13.671  3.382   23.559  1.00 52.69 ? 218 HOH B O   1 
HETATM 1679 O O   . HOH F 3 .   ? 4.769   4.394   4.755   1.00 47.52 ? 219 HOH B O   1 
HETATM 1680 O O   . HOH F 3 .   ? -5.240  6.084   14.241  1.00 50.04 ? 230 HOH B O   1 
HETATM 1681 O O   . HOH F 3 .   ? 14.928  -1.036  9.883   1.00 33.89 ? 236 HOH B O   1 
HETATM 1682 O O   . HOH F 3 .   ? 17.375  0.439   10.924  1.00 36.69 ? 237 HOH B O   1 
HETATM 1683 O O   . HOH F 3 .   ? 4.891   2.140   7.179   1.00 47.82 ? 238 HOH B O   1 
HETATM 1684 O O   . HOH F 3 .   ? 1.969   21.209  18.517  1.00 40.23 ? 239 HOH B O   1 
HETATM 1685 O O   . HOH F 3 .   ? 2.524   14.796  40.519  1.00 40.66 ? 240 HOH B O   1 
HETATM 1686 O O   . HOH F 3 .   ? 6.320   27.923  33.288  1.00 28.42 ? 241 HOH B O   1 
HETATM 1687 O O   . HOH F 3 .   ? 8.650   14.315  33.397  1.00 30.85 ? 244 HOH B O   1 
HETATM 1688 O O   . HOH F 3 .   ? -2.730  17.301  47.520  1.00 44.94 ? 250 HOH B O   1 
HETATM 1689 O O   . HOH F 3 .   ? -1.422  3.669   19.213  1.00 51.03 ? 251 HOH B O   1 
HETATM 1690 O O   . HOH F 3 .   ? -2.023  9.188   45.744  1.00 39.30 ? 252 HOH B O   1 
HETATM 1691 O O   . HOH F 3 .   ? 2.802   11.715  27.891  1.00 54.96 ? 255 HOH B O   1 
HETATM 1692 O O   . HOH F 3 .   ? 8.557   10.275  38.117  1.00 47.21 ? 256 HOH B O   1 
HETATM 1693 O O   . HOH F 3 .   ? 9.186   12.911  38.342  1.00 58.25 ? 257 HOH B O   1 
HETATM 1694 O O   . HOH F 3 .   ? 12.243  13.927  39.682  1.00 42.20 ? 258 HOH B O   1 
HETATM 1695 O O   . HOH F 3 .   ? -2.955  20.055  47.654  1.00 43.29 ? 259 HOH B O   1 
HETATM 1696 O O   . HOH F 3 .   ? -4.913  19.617  49.971  1.00 57.85 ? 260 HOH B O   1 
HETATM 1697 O O   . HOH F 3 .   ? 3.916   23.080  16.531  1.00 49.32 ? 263 HOH B O   1 
HETATM 1698 O O   . HOH F 3 .   ? 3.222   21.117  10.327  1.00 50.10 ? 264 HOH B O   1 
HETATM 1699 O O   . HOH F 3 .   ? 4.098   21.390  12.908  1.00 47.57 ? 265 HOH B O   1 
HETATM 1700 O O   . HOH F 3 .   ? -0.229  25.946  15.311  1.00 39.03 ? 266 HOH B O   1 
HETATM 1701 O O   . HOH F 3 .   ? -1.653  27.496  13.516  1.00 57.37 ? 267 HOH B O   1 
# 
